data_4NGE
#
_entry.id   4NGE
#
_cell.length_a   247.275
_cell.length_b   86.183
_cell.length_c   158.611
_cell.angle_alpha   90.00
_cell.angle_beta   127.56
_cell.angle_gamma   90.00
#
_symmetry.space_group_name_H-M   'C 1 2 1'
#
loop_
_entity.id
_entity.type
_entity.pdbx_description
1 polymer 'Presequence protease, mitochondrial'
2 polymer 'Beta-amyloid protein 40'
3 polymer 'Beta-amyloid protein 40'
4 polymer 'Presequence protease, mitochondrial'
5 non-polymer 'ZINC ION'
6 non-polymer GLYCEROL
7 non-polymer 'ACETATE ION'
8 water water
#
loop_
_entity_poly.entity_id
_entity_poly.type
_entity_poly.pdbx_seq_one_letter_code
_entity_poly.pdbx_strand_id
1 'polypeptide(L)'
;MHHHHHHAAA(CAS)ERALQY(MLY)LGDKIHGFTVNQVTSVPELFLTAV(MLY)LTHDDTGARYLHLAREDTNNLFSVQ
FRTTPMDSTGVPHILQHTVL(CAS)GSQKYPCRDPFFKMLNRSLSTFMNAFTASDYTLYPFSTQNPKDFQNLLSVYLDAT
FFP(CAS)LRELDFWQEGWRLEHENPSDPQTPLVF(MLY)GVVFNEMKGAFTDNERIFSQHLQNRLLPDHTYSVVSGGDP
LCIPELTWEQL(MLY)QFHATHYHPSNARFFTYGNFPLEQHL(MLY)QIHEEALSKFQKIEPSTVVPAQTPWDKPREFQI
TCGPDSFATDPSKQTTVSVSFLLPDITDTFEAFTLSLLSSLLTSGPNSPFY(MLY)ALIESGLGTDFSPDVGYNGYTREA
YFSVGLQGIVEKDIETVRSLIDRTIDEVVEKGFEDDRIEALLH(MLY)IEIQMKHQSTSFGLMLTSYIASCWNHDGDPVE
LL(MLY)LGNQLAKFRQCLQENPKFLQEKVKQYFKNNQHKLTLSMRPDDKYHE(MLY)QAQVEATKLKQ(MLY)VEALSP
GDRQQIYEKGLELRSQQSKPQDAS(CAS)LPALKVSDIEPTIPVTELDVVLTAGDIPVQYCAQPTNGMVYFRAFSSLNTL
PEELRPYVPLFCSVLT(MLY)LGCGLLDYREQAQQIEL(MLY)TGGMSASPHVLPDDSHMDTYEQGVLFSSLCLDRNLPD
MMQLWSEIFNNPCFEEEEHFKVLVKMTAQELANGIPDSGHLYASIRAGRTLTPAGDLQETFSGMDQVRLMKRIAEMTDIK
PILRKLPRIKKHLLNGDNMRCSVNATPQQMPQTEKAVEDFLRSIGRSKKERRPVRPHTVEKPVPSSSGGDAHVPHGSQVI
RKLVMEPTFKPWQM(MLY)THFLMPFPVNYVGECIRTVPYTDPDHASLKILARLMTAKFLHTEIRE(MLY)GGAYGGGA
(MLY)LSHNGIFTLYSYRDPNTIETLQSFGKAVDWA(MLY)SG(MLZ)FTQQDIDEAKLSVFSTVDAPVAPSDKGMDHFL
YGLSDEMKQAHREQLFAVSHDKLLAVSDRYLGTGKSTHGLAILGPENPKIAKDPSWIIR
;
A
2 'polypeptide(L)' DAEFRHDSGYEVHHQKLVFFAEDVGSNKGAIIGLMVGGVV B,E
3 'polypeptide(L)' (UNK)(UNK)(UNK)(UNK)(UNK)(UNK)(UNK) C,F
4 'polypeptide(L)'
;MHHHHHHAAACERALQYKLGDKIHGFTVNQVTSVPELFLTAVKLTHDDTGARYLHLAREDTNNLFSVQFRTTPMDSTGVP
HILQHTVLCGSQ(MLY)YPCRDPFF(MLY)MLNRSLSTFMNAFTASDYTLYPFSTQNPKDFQNLLSVYLDATFFPCLREL
DFWQEGWRLEHENPSDPQTPLVFKGVVFNEM(MLY)GAFTDNERIFSQHLQNRLLPDHTYSVVSGGDPLCIPELTWEQLK
QFHATHYHPSNARFFTYGNFPLEQHLKQIHEEALS(MLY)FQ(MLY)IEPSTVVPAQTPWDKPREFQITCGPDSFATDPS
KQTTVSVSFLLPDITDTFEAFTLSLLSSLLTSGPNSPFY(MLY)ALIESGLGTDFSPDVGYNGYTREAYFSVGLQGIVEK
DIETVRSLIDRTIDEVVEKGFEDDRIEALLHKIEIQMKHQSTSFGLMLTSYIASCWNHDGDPVELLKLGNQLAKFRQCLQ
ENPKFLQE(MLY)VKQYFKNNQHKLTLSMRPDDKYHEKQAQVEATKLKQ(MLY)VEALSPGDRQQIYE(MLY)GLELRSQ
QSKPQDAS(CAS)LPALKVSDIEPTIPVTELDVVLTAGDIPVQYCAQPTNGMVYFRAFSSLNTLPEELRPYVPLFCSVLT
(MLY)LGCGLLDYREQAQQIEL(MLY)TGGMSASPHVLPDDSHMDTYEQGVLFSSLCLDRNLPDMMQLWSEIFNNPCFEE
EEHFKVLV(MLY)MTAQELANGIPDSGHLYASIRAGRTLTPAGDLQETFSGMDQVRLMKRIAEMTDIKPILR(MLY)LPR
I(MLY)KHLLNGDNMRCSVNATPQQMPQTE(MLY)AVEDFLRSIGRSKKERRPVRPHTVEKPVPSSSGGDAHVPHGSQVI
RKLVMEPTFKPWQM(MLY)THFLMPFPVNYVGECIRTVPYTDPDHASL(MLY)ILARLMTAKFLHTEIREKGGAYGGGAK
LSHNGIFTLYSYRDPNTIETLQSFG(MLY)AVDWA(MLY)SG(MLY)FTQQDIDEAKLSVFSTVDAPVAPSD(MLY)GMD
HFLYGLSDEMKQAHREQLFAVSHDKLLAVSDRYLGTGKSTHGLAILGPENPKIAKDPSWIIR
;
D
#
# COMPACT_ATOMS: atom_id res chain seq x y z
N ALA A 8 -44.61 -21.88 -9.31
CA ALA A 8 -45.27 -21.24 -10.45
C ALA A 8 -46.78 -21.32 -10.32
N ALA A 9 -47.39 -20.39 -9.59
CA ALA A 9 -46.67 -19.29 -8.94
C ALA A 9 -46.18 -19.67 -7.53
N ALA A 10 -45.51 -18.75 -6.86
CA ALA A 10 -44.90 -19.02 -5.56
C ALA A 10 -45.91 -19.25 -4.44
N GLU A 12 -48.89 -20.12 -4.92
CA GLU A 12 -49.69 -21.26 -5.38
C GLU A 12 -49.00 -22.58 -5.06
N ARG A 13 -47.68 -22.64 -5.27
CA ARG A 13 -46.91 -23.87 -5.03
C ARG A 13 -46.86 -24.22 -3.55
N ALA A 14 -46.85 -23.19 -2.70
CA ALA A 14 -46.75 -23.41 -1.25
C ALA A 14 -48.00 -24.09 -0.72
N LEU A 15 -49.11 -23.96 -1.43
CA LEU A 15 -50.37 -24.57 -1.02
C LEU A 15 -50.40 -26.07 -1.33
N GLN A 16 -49.41 -26.54 -2.08
CA GLN A 16 -49.33 -27.95 -2.42
C GLN A 16 -48.69 -28.77 -1.30
N TYR A 17 -48.05 -28.07 -0.36
CA TYR A 17 -47.44 -28.73 0.79
C TYR A 17 -48.49 -29.37 1.70
N LEU A 19 -49.55 -31.15 5.31
CA LEU A 19 -49.18 -31.18 6.72
C LEU A 19 -48.52 -32.52 7.03
N GLY A 20 -47.41 -32.47 7.76
CA GLY A 20 -46.68 -33.68 8.12
C GLY A 20 -45.63 -34.06 7.09
N ASP A 21 -45.55 -33.31 6.00
CA ASP A 21 -44.51 -33.53 4.99
C ASP A 21 -43.13 -33.37 5.60
N LYS A 22 -42.25 -34.32 5.32
CA LYS A 22 -40.88 -34.28 5.82
C LYS A 22 -39.96 -33.74 4.73
N ILE A 23 -39.31 -32.61 5.00
CA ILE A 23 -38.39 -32.00 4.03
C ILE A 23 -37.05 -31.67 4.67
N HIS A 24 -36.03 -32.44 4.33
CA HIS A 24 -34.65 -32.16 4.74
C HIS A 24 -34.52 -31.89 6.25
N GLY A 25 -35.15 -32.73 7.06
CA GLY A 25 -35.08 -32.61 8.50
C GLY A 25 -36.17 -31.76 9.11
N PHE A 26 -37.03 -31.20 8.25
CA PHE A 26 -38.12 -30.36 8.71
C PHE A 26 -39.48 -31.04 8.54
N THR A 27 -40.46 -30.57 9.28
CA THR A 27 -41.83 -31.06 9.18
C THR A 27 -42.80 -29.89 9.04
N VAL A 28 -43.64 -29.93 8.01
CA VAL A 28 -44.66 -28.90 7.79
C VAL A 28 -45.73 -28.99 8.86
N ASN A 29 -45.87 -27.94 9.65
CA ASN A 29 -46.84 -27.92 10.75
C ASN A 29 -48.11 -27.15 10.41
N GLN A 30 -47.98 -26.19 9.50
CA GLN A 30 -49.11 -25.34 9.14
C GLN A 30 -48.90 -24.63 7.81
N VAL A 31 -49.96 -24.56 7.01
CA VAL A 31 -49.95 -23.79 5.78
C VAL A 31 -51.16 -22.86 5.77
N THR A 32 -50.93 -21.56 5.69
CA THR A 32 -52.01 -20.58 5.74
C THR A 32 -51.90 -19.62 4.58
N SER A 33 -53.00 -19.38 3.90
CA SER A 33 -53.05 -18.40 2.81
C SER A 33 -53.42 -17.04 3.38
N VAL A 34 -52.59 -16.04 3.08
CA VAL A 34 -52.87 -14.67 3.50
C VAL A 34 -53.02 -13.80 2.25
N PRO A 35 -54.21 -13.83 1.62
CA PRO A 35 -54.45 -13.20 0.33
C PRO A 35 -54.27 -11.69 0.33
N GLU A 36 -54.48 -11.04 1.47
CA GLU A 36 -54.34 -9.59 1.56
C GLU A 36 -52.88 -9.18 1.40
N LEU A 37 -51.97 -10.13 1.58
CA LEU A 37 -50.54 -9.88 1.42
C LEU A 37 -49.97 -10.66 0.24
N PHE A 38 -50.83 -11.30 -0.52
CA PHE A 38 -50.43 -12.08 -1.71
C PHE A 38 -49.40 -13.17 -1.38
N LEU A 39 -49.53 -13.81 -0.22
CA LEU A 39 -48.55 -14.81 0.19
C LEU A 39 -49.16 -16.02 0.89
N THR A 40 -48.41 -17.12 0.88
CA THR A 40 -48.78 -18.32 1.62
C THR A 40 -47.72 -18.56 2.70
N ALA A 41 -48.16 -18.61 3.95
CA ALA A 41 -47.25 -18.80 5.06
C ALA A 41 -47.11 -20.29 5.36
N VAL A 42 -45.89 -20.72 5.63
CA VAL A 42 -45.61 -22.11 5.94
C VAL A 42 -44.80 -22.22 7.23
N LEU A 44 -42.65 -24.58 9.70
CA LEU A 44 -41.94 -25.85 9.78
C LEU A 44 -41.18 -25.95 11.10
N THR A 45 -40.92 -27.18 11.53
CA THR A 45 -40.11 -27.40 12.71
C THR A 45 -39.00 -28.37 12.35
N HIS A 46 -37.79 -28.10 12.84
CA HIS A 46 -36.69 -29.01 12.65
C HIS A 46 -36.88 -30.15 13.65
N ASP A 47 -36.86 -31.38 13.15
CA ASP A 47 -37.19 -32.54 13.97
C ASP A 47 -36.19 -32.75 15.11
N ASP A 48 -34.90 -32.67 14.78
CA ASP A 48 -33.84 -32.98 15.73
C ASP A 48 -33.57 -31.84 16.72
N THR A 49 -33.60 -30.60 16.25
CA THR A 49 -33.26 -29.45 17.11
C THR A 49 -34.48 -28.78 17.71
N GLY A 50 -35.61 -28.83 17.01
CA GLY A 50 -36.81 -28.15 17.45
C GLY A 50 -36.83 -26.72 16.96
N ALA A 51 -35.91 -26.39 16.06
CA ALA A 51 -35.83 -25.06 15.49
C ALA A 51 -37.08 -24.71 14.69
N ARG A 52 -37.55 -23.49 14.84
CA ARG A 52 -38.76 -23.04 14.17
C ARG A 52 -38.46 -22.39 12.83
N TYR A 53 -39.33 -22.61 11.86
CA TYR A 53 -39.12 -22.04 10.54
C TYR A 53 -40.39 -21.40 9.99
N LEU A 54 -40.28 -20.17 9.51
CA LEU A 54 -41.39 -19.54 8.82
C LEU A 54 -40.99 -19.13 7.41
N HIS A 55 -41.71 -19.65 6.43
CA HIS A 55 -41.49 -19.31 5.03
C HIS A 55 -42.69 -18.58 4.46
N LEU A 56 -42.46 -17.40 3.90
CA LEU A 56 -43.51 -16.65 3.23
C LEU A 56 -43.28 -16.74 1.73
N ALA A 57 -44.12 -17.51 1.06
CA ALA A 57 -44.00 -17.69 -0.38
C ALA A 57 -44.79 -16.61 -1.11
N ARG A 58 -44.08 -15.78 -1.86
CA ARG A 58 -44.70 -14.72 -2.65
C ARG A 58 -43.89 -14.48 -3.92
N GLU A 59 -44.57 -14.15 -5.01
CA GLU A 59 -43.88 -13.89 -6.27
C GLU A 59 -43.13 -12.56 -6.18
N ASP A 60 -42.06 -12.57 -5.40
CA ASP A 60 -41.19 -11.42 -5.20
C ASP A 60 -39.75 -11.87 -5.37
N THR A 61 -39.03 -11.26 -6.30
CA THR A 61 -37.68 -11.69 -6.63
C THR A 61 -36.68 -11.28 -5.54
N ASN A 62 -36.99 -10.21 -4.83
CA ASN A 62 -36.15 -9.78 -3.72
C ASN A 62 -36.34 -10.68 -2.51
N ASN A 63 -35.66 -11.83 -2.53
CA ASN A 63 -35.79 -12.80 -1.46
C ASN A 63 -34.97 -12.42 -0.25
N LEU A 64 -35.49 -12.73 0.93
CA LEU A 64 -34.81 -12.39 2.17
C LEU A 64 -34.68 -13.60 3.07
N PHE A 65 -33.52 -13.74 3.69
CA PHE A 65 -33.31 -14.72 4.74
C PHE A 65 -33.05 -13.97 6.03
N SER A 66 -33.48 -14.55 7.15
CA SER A 66 -33.08 -14.04 8.45
C SER A 66 -33.03 -15.16 9.48
N VAL A 67 -32.13 -15.04 10.45
CA VAL A 67 -32.10 -15.95 11.57
C VAL A 67 -32.14 -15.12 12.84
N GLN A 68 -32.86 -15.60 13.84
CA GLN A 68 -33.13 -14.82 15.04
C GLN A 68 -32.80 -15.65 16.28
N PHE A 69 -32.11 -15.02 17.23
CA PHE A 69 -31.73 -15.71 18.45
C PHE A 69 -32.30 -14.98 19.66
N ARG A 70 -32.78 -15.72 20.65
CA ARG A 70 -33.26 -15.10 21.87
C ARG A 70 -32.08 -14.87 22.80
N THR A 71 -31.73 -13.60 22.97
CA THR A 71 -30.56 -13.21 23.74
C THR A 71 -30.98 -12.39 24.94
N THR A 72 -30.77 -12.94 26.13
CA THR A 72 -31.21 -12.29 27.35
C THR A 72 -30.05 -11.95 28.28
N PRO A 73 -29.46 -10.77 28.09
CA PRO A 73 -28.35 -10.29 28.93
C PRO A 73 -28.83 -9.87 30.31
N MET A 74 -27.95 -9.97 31.30
CA MET A 74 -28.31 -9.64 32.67
C MET A 74 -27.39 -8.55 33.20
N ASP A 75 -26.66 -7.90 32.30
CA ASP A 75 -25.82 -6.76 32.63
C ASP A 75 -25.72 -5.81 31.43
N SER A 76 -25.17 -4.62 31.66
CA SER A 76 -25.08 -3.62 30.59
C SER A 76 -23.73 -3.61 29.92
N THR A 77 -23.15 -4.81 29.72
CA THR A 77 -21.86 -4.94 29.07
C THR A 77 -21.99 -4.83 27.55
N GLY A 78 -23.19 -5.09 27.06
CA GLY A 78 -23.44 -5.04 25.63
C GLY A 78 -22.97 -6.32 24.97
N VAL A 79 -22.86 -7.38 25.76
CA VAL A 79 -22.36 -8.66 25.28
C VAL A 79 -23.13 -9.28 24.08
N PRO A 80 -24.48 -9.12 24.02
CA PRO A 80 -25.08 -9.67 22.80
C PRO A 80 -24.86 -8.79 21.59
N HIS A 81 -24.57 -7.51 21.82
CA HIS A 81 -24.30 -6.59 20.75
C HIS A 81 -22.89 -6.81 20.20
N ILE A 82 -21.93 -6.97 21.11
CA ILE A 82 -20.55 -7.20 20.72
C ILE A 82 -20.39 -8.56 20.06
N LEU A 83 -21.16 -9.53 20.55
CA LEU A 83 -21.16 -10.87 19.97
C LEU A 83 -21.69 -10.83 18.54
N GLN A 84 -22.71 -10.01 18.33
CA GLN A 84 -23.28 -9.85 17.00
C GLN A 84 -22.23 -9.29 16.04
N HIS A 85 -21.37 -8.41 16.53
CA HIS A 85 -20.28 -7.87 15.74
C HIS A 85 -19.18 -8.91 15.51
N THR A 86 -18.93 -9.71 16.53
CA THR A 86 -17.78 -10.61 16.56
C THR A 86 -18.00 -11.91 15.77
N VAL A 87 -19.24 -12.42 15.73
CA VAL A 87 -19.50 -13.65 14.99
C VAL A 87 -19.31 -13.44 13.49
N LEU A 88 -19.28 -12.18 13.07
CA LEU A 88 -19.11 -11.83 11.67
C LEU A 88 -17.63 -11.55 11.38
N GLY A 90 -15.31 -14.03 11.57
CA GLY A 90 -14.66 -15.28 11.21
C GLY A 90 -15.41 -16.52 11.66
N SER A 91 -15.39 -17.55 10.82
CA SER A 91 -16.05 -18.83 11.13
C SER A 91 -15.17 -20.00 10.71
N GLN A 92 -15.61 -21.22 11.02
CA GLN A 92 -14.83 -22.41 10.73
C GLN A 92 -14.67 -22.68 9.23
N LYS A 93 -15.76 -22.51 8.46
CA LYS A 93 -15.71 -22.71 7.02
C LYS A 93 -15.04 -21.52 6.33
N TYR A 94 -15.10 -20.35 6.98
CA TYR A 94 -14.48 -19.16 6.42
C TYR A 94 -13.65 -18.45 7.48
N PRO A 95 -12.46 -19.00 7.80
CA PRO A 95 -11.61 -18.52 8.89
C PRO A 95 -10.90 -17.22 8.59
N CYS A 96 -11.00 -16.75 7.35
CA CYS A 96 -10.38 -15.50 6.93
C CYS A 96 -10.93 -14.35 7.77
N ARG A 97 -10.25 -13.21 7.72
CA ARG A 97 -10.64 -12.08 8.55
C ARG A 97 -11.80 -11.32 7.90
N ASP A 98 -12.80 -11.00 8.72
CA ASP A 98 -13.95 -10.19 8.30
C ASP A 98 -14.68 -10.71 7.06
N PRO A 99 -15.35 -11.87 7.17
CA PRO A 99 -16.09 -12.41 6.03
C PRO A 99 -17.25 -11.49 5.64
N PHE A 100 -17.92 -10.90 6.63
CA PHE A 100 -19.07 -10.04 6.39
C PHE A 100 -18.76 -8.85 5.49
N PHE A 101 -17.80 -8.03 5.90
CA PHE A 101 -17.46 -6.84 5.14
C PHE A 101 -16.85 -7.19 3.79
N LYS A 102 -16.21 -8.35 3.70
CA LYS A 102 -15.67 -8.82 2.43
C LYS A 102 -16.78 -9.26 1.48
N MET A 103 -17.80 -9.92 2.01
CA MET A 103 -18.93 -10.37 1.17
C MET A 103 -19.79 -9.23 0.66
N LEU A 104 -19.69 -8.07 1.28
CA LEU A 104 -20.41 -6.88 0.81
C LEU A 104 -19.95 -6.52 -0.59
N ASN A 105 -18.73 -6.89 -0.92
CA ASN A 105 -18.13 -6.53 -2.20
C ASN A 105 -17.96 -7.75 -3.10
N ARG A 106 -18.54 -8.87 -2.68
CA ARG A 106 -18.48 -10.11 -3.44
C ARG A 106 -19.89 -10.59 -3.78
N SER A 107 -20.86 -9.71 -3.59
CA SER A 107 -22.26 -10.08 -3.79
C SER A 107 -23.06 -8.95 -4.44
N LEU A 108 -24.25 -9.29 -4.92
CA LEU A 108 -25.18 -8.31 -5.47
C LEU A 108 -26.41 -8.23 -4.58
N SER A 109 -26.19 -8.13 -3.27
CA SER A 109 -27.29 -8.14 -2.33
C SER A 109 -28.06 -6.82 -2.35
N THR A 110 -29.28 -6.85 -1.82
CA THR A 110 -30.12 -5.68 -1.69
C THR A 110 -30.06 -5.20 -0.25
N PHE A 111 -29.60 -6.08 0.63
CA PHE A 111 -29.48 -5.78 2.05
C PHE A 111 -28.58 -6.81 2.74
N MET A 112 -27.77 -6.34 3.68
CA MET A 112 -26.84 -7.18 4.42
C MET A 112 -26.49 -6.53 5.75
N ASN A 113 -27.05 -7.02 6.85
CA ASN A 113 -26.75 -6.42 8.13
C ASN A 113 -27.11 -7.31 9.31
N ALA A 114 -27.00 -6.75 10.51
CA ALA A 114 -27.35 -7.47 11.73
C ALA A 114 -27.81 -6.47 12.77
N PHE A 115 -28.76 -6.88 13.61
CA PHE A 115 -29.31 -5.98 14.61
C PHE A 115 -29.40 -6.67 15.97
N THR A 116 -29.24 -5.89 17.03
CA THR A 116 -29.39 -6.42 18.37
C THR A 116 -30.44 -5.63 19.15
N ALA A 117 -31.60 -6.25 19.34
CA ALA A 117 -32.66 -5.65 20.15
C ALA A 117 -32.40 -5.96 21.62
N SER A 118 -33.38 -5.66 22.47
CA SER A 118 -33.21 -5.83 23.90
C SER A 118 -33.12 -7.30 24.31
N ASP A 119 -33.90 -8.15 23.64
CA ASP A 119 -33.98 -9.55 24.02
C ASP A 119 -33.83 -10.51 22.85
N TYR A 120 -33.44 -10.00 21.69
CA TYR A 120 -33.11 -10.88 20.56
C TYR A 120 -32.09 -10.27 19.60
N THR A 121 -31.37 -11.13 18.89
CA THR A 121 -30.42 -10.69 17.87
C THR A 121 -30.87 -11.23 16.51
N LEU A 122 -30.77 -10.40 15.48
CA LEU A 122 -31.33 -10.72 14.16
C LEU A 122 -30.31 -10.55 13.04
N TYR A 123 -30.20 -11.56 12.19
CA TYR A 123 -29.24 -11.53 11.08
C TYR A 123 -29.95 -11.71 9.74
N PRO A 124 -30.39 -10.61 9.12
CA PRO A 124 -31.07 -10.72 7.84
C PRO A 124 -30.21 -10.30 6.64
N PHE A 125 -30.46 -10.91 5.48
CA PHE A 125 -29.91 -10.44 4.22
C PHE A 125 -30.93 -10.66 3.11
N SER A 126 -30.80 -9.92 2.03
CA SER A 126 -31.70 -10.09 0.89
C SER A 126 -30.97 -9.90 -0.43
N THR A 127 -31.41 -10.62 -1.46
CA THR A 127 -30.84 -10.52 -2.79
C THR A 127 -31.84 -10.99 -3.84
N GLN A 128 -31.58 -10.66 -5.10
CA GLN A 128 -32.44 -11.08 -6.21
C GLN A 128 -31.75 -12.16 -7.03
N ASN A 129 -30.51 -12.46 -6.66
CA ASN A 129 -29.74 -13.49 -7.34
C ASN A 129 -29.70 -14.75 -6.49
N PRO A 130 -30.28 -15.85 -7.01
CA PRO A 130 -30.41 -17.12 -6.29
C PRO A 130 -29.07 -17.75 -5.91
N LYS A 131 -28.05 -17.57 -6.74
CA LYS A 131 -26.73 -18.08 -6.42
C LYS A 131 -26.10 -17.25 -5.31
N ASP A 132 -26.34 -15.94 -5.35
CA ASP A 132 -25.89 -15.05 -4.30
C ASP A 132 -26.56 -15.38 -2.97
N PHE A 133 -27.80 -15.83 -3.05
CA PHE A 133 -28.56 -16.21 -1.86
C PHE A 133 -27.90 -17.38 -1.15
N GLN A 134 -27.54 -18.41 -1.91
CA GLN A 134 -26.86 -19.59 -1.38
C GLN A 134 -25.52 -19.21 -0.75
N ASN A 135 -24.80 -18.33 -1.43
CA ASN A 135 -23.49 -17.89 -0.94
C ASN A 135 -23.63 -17.16 0.39
N LEU A 136 -24.54 -16.20 0.44
CA LEU A 136 -24.79 -15.47 1.68
C LEU A 136 -25.34 -16.40 2.75
N LEU A 137 -26.13 -17.39 2.34
CA LEU A 137 -26.73 -18.31 3.30
C LEU A 137 -25.68 -19.17 3.98
N SER A 138 -24.64 -19.56 3.25
CA SER A 138 -23.59 -20.40 3.82
C SER A 138 -22.75 -19.60 4.81
N VAL A 139 -22.48 -18.35 4.47
CA VAL A 139 -21.66 -17.48 5.30
C VAL A 139 -22.38 -17.06 6.58
N TYR A 140 -23.68 -16.82 6.49
CA TYR A 140 -24.47 -16.44 7.65
C TYR A 140 -24.65 -17.60 8.63
N LEU A 141 -24.99 -18.77 8.10
CA LEU A 141 -25.16 -19.96 8.92
C LEU A 141 -23.88 -20.34 9.67
N ASP A 142 -22.75 -20.22 8.97
CA ASP A 142 -21.48 -20.61 9.55
C ASP A 142 -21.02 -19.58 10.57
N ALA A 143 -21.33 -18.31 10.33
CA ALA A 143 -20.94 -17.23 11.23
C ALA A 143 -21.68 -17.30 12.56
N THR A 144 -22.99 -17.54 12.50
CA THR A 144 -23.82 -17.53 13.70
C THR A 144 -23.64 -18.80 14.54
N PHE A 145 -23.49 -19.94 13.89
CA PHE A 145 -23.45 -21.21 14.61
C PHE A 145 -22.04 -21.74 14.89
N PHE A 146 -21.09 -21.41 14.03
CA PHE A 146 -19.73 -21.87 14.21
C PHE A 146 -18.71 -20.74 14.05
N PRO A 147 -18.77 -19.74 14.92
CA PRO A 147 -17.83 -18.64 14.80
C PRO A 147 -16.47 -18.97 15.38
N LEU A 149 -14.21 -17.33 17.50
CA LEU A 149 -14.34 -16.17 18.37
C LEU A 149 -12.96 -15.75 18.85
N ARG A 150 -12.10 -15.42 17.89
CA ARG A 150 -10.73 -15.04 18.17
C ARG A 150 -10.68 -13.85 19.10
N GLU A 151 -9.71 -13.85 20.00
CA GLU A 151 -9.58 -12.82 21.02
C GLU A 151 -9.36 -11.43 20.43
N LEU A 152 -8.63 -11.37 19.32
CA LEU A 152 -8.29 -10.07 18.73
C LEU A 152 -9.45 -9.45 17.96
N ASP A 153 -10.33 -10.27 17.39
CA ASP A 153 -11.53 -9.77 16.75
C ASP A 153 -12.46 -9.17 17.80
N PHE A 154 -12.45 -9.76 18.99
CA PHE A 154 -13.20 -9.23 20.13
C PHE A 154 -12.61 -7.90 20.61
N TRP A 155 -11.29 -7.77 20.50
CA TRP A 155 -10.62 -6.54 20.90
C TRP A 155 -10.93 -5.39 19.95
N GLN A 156 -11.21 -5.73 18.70
CA GLN A 156 -11.44 -4.71 17.68
C GLN A 156 -12.88 -4.21 17.69
N GLU A 157 -13.83 -5.14 17.77
CA GLU A 157 -15.23 -4.77 17.64
C GLU A 157 -15.84 -4.39 18.99
N GLY A 158 -15.32 -4.96 20.07
CA GLY A 158 -15.83 -4.69 21.39
C GLY A 158 -15.09 -3.57 22.07
N TRP A 159 -14.12 -3.93 22.91
CA TRP A 159 -13.30 -2.96 23.62
C TRP A 159 -11.90 -3.53 23.83
N ARG A 160 -10.90 -2.66 23.92
CA ARG A 160 -9.53 -3.11 24.17
C ARG A 160 -8.67 -2.04 24.83
N LEU A 161 -7.60 -2.48 25.49
CA LEU A 161 -6.56 -1.58 25.97
C LEU A 161 -5.48 -1.42 24.92
N GLU A 162 -5.16 -0.18 24.56
CA GLU A 162 -4.15 0.07 23.52
C GLU A 162 -3.34 1.33 23.77
N HIS A 163 -2.07 1.28 23.42
CA HIS A 163 -1.19 2.43 23.50
C HIS A 163 -1.58 3.40 22.37
N GLU A 164 -1.42 4.70 22.60
CA GLU A 164 -1.78 5.70 21.59
C GLU A 164 -0.98 5.46 20.29
N ASN A 165 0.24 4.97 20.44
CA ASN A 165 0.98 4.39 19.33
C ASN A 165 1.35 2.98 19.69
N PRO A 166 0.69 2.00 19.05
CA PRO A 166 0.84 0.57 19.37
C PRO A 166 2.27 0.04 19.25
N SER A 167 3.19 0.83 18.71
CA SER A 167 4.58 0.43 18.57
C SER A 167 5.46 1.02 19.67
N ASP A 168 4.95 2.02 20.38
CA ASP A 168 5.69 2.65 21.46
C ASP A 168 5.02 2.36 22.81
N PRO A 169 5.55 1.37 23.54
CA PRO A 169 4.99 0.92 24.80
C PRO A 169 5.24 1.88 25.96
N GLN A 170 5.70 3.09 25.66
CA GLN A 170 5.93 4.10 26.67
C GLN A 170 4.79 5.12 26.65
N THR A 171 3.99 5.07 25.60
CA THR A 171 2.79 5.89 25.48
C THR A 171 1.68 5.32 26.38
N PRO A 172 0.80 6.20 26.88
CA PRO A 172 -0.25 5.74 27.81
C PRO A 172 -1.29 4.84 27.14
N LEU A 173 -1.94 4.01 27.94
CA LEU A 173 -2.96 3.08 27.45
C LEU A 173 -4.32 3.75 27.41
N VAL A 174 -5.09 3.49 26.35
CA VAL A 174 -6.42 4.07 26.22
C VAL A 174 -7.46 3.02 25.83
N PHE A 175 -8.73 3.39 25.97
CA PHE A 175 -9.82 2.53 25.53
C PHE A 175 -10.07 2.72 24.03
N GLY A 177 -12.41 0.64 20.58
CA GLY A 177 -13.40 -0.36 20.22
C GLY A 177 -14.48 0.26 19.36
N VAL A 178 -15.04 -0.52 18.45
CA VAL A 178 -16.08 -0.04 17.55
C VAL A 178 -17.40 0.12 18.28
N VAL A 179 -17.83 -0.93 18.96
CA VAL A 179 -19.08 -0.89 19.72
C VAL A 179 -18.96 0.14 20.85
N PHE A 180 -17.77 0.21 21.45
CA PHE A 180 -17.48 1.20 22.49
C PHE A 180 -17.81 2.61 22.04
N ASN A 181 -17.49 2.93 20.78
CA ASN A 181 -17.81 4.23 20.22
C ASN A 181 -19.17 4.28 19.56
N GLU A 182 -19.62 3.14 19.08
CA GLU A 182 -20.97 3.05 18.56
C GLU A 182 -22.02 3.42 19.61
N MET A 183 -21.82 2.96 20.84
CA MET A 183 -22.79 3.19 21.90
C MET A 183 -22.58 4.56 22.56
N LYS A 184 -21.34 5.01 22.59
CA LYS A 184 -21.01 6.37 23.02
C LYS A 184 -21.83 7.39 22.23
N GLY A 185 -21.78 7.26 20.91
CA GLY A 185 -22.52 8.13 20.01
C GLY A 185 -24.01 7.85 20.00
N ALA A 186 -24.38 6.62 20.34
CA ALA A 186 -25.79 6.27 20.42
C ALA A 186 -26.46 7.08 21.53
N PHE A 187 -25.74 7.28 22.63
CA PHE A 187 -26.29 8.01 23.76
C PHE A 187 -25.88 9.48 23.74
N THR A 188 -25.47 9.95 22.56
CA THR A 188 -25.35 11.37 22.30
C THR A 188 -26.76 11.91 22.13
N ASP A 189 -27.65 11.05 21.64
CA ASP A 189 -29.07 11.37 21.50
C ASP A 189 -29.76 11.33 22.87
N ASN A 190 -30.33 12.45 23.29
CA ASN A 190 -30.96 12.55 24.60
C ASN A 190 -32.26 11.77 24.66
N GLU A 191 -32.96 11.70 23.53
CA GLU A 191 -34.17 10.91 23.43
C GLU A 191 -33.86 9.43 23.65
N ARG A 192 -32.68 9.02 23.20
CA ARG A 192 -32.27 7.63 23.33
C ARG A 192 -31.86 7.34 24.77
N ILE A 193 -31.35 8.36 25.45
CA ILE A 193 -31.04 8.24 26.87
C ILE A 193 -32.34 8.08 27.64
N PHE A 194 -33.32 8.92 27.29
CA PHE A 194 -34.62 8.90 27.95
C PHE A 194 -35.34 7.57 27.67
N SER A 195 -35.30 7.14 26.42
CA SER A 195 -35.94 5.89 26.01
C SER A 195 -35.35 4.70 26.78
N GLN A 196 -34.04 4.69 26.94
CA GLN A 196 -33.35 3.60 27.62
C GLN A 196 -33.79 3.49 29.08
N HIS A 197 -33.77 4.61 29.78
CA HIS A 197 -34.11 4.62 31.21
C HIS A 197 -35.58 4.31 31.43
N LEU A 198 -36.42 4.67 30.47
CA LEU A 198 -37.86 4.40 30.56
C LEU A 198 -38.09 2.89 30.63
N GLN A 199 -37.51 2.16 29.69
CA GLN A 199 -37.67 0.72 29.62
C GLN A 199 -37.10 0.00 30.85
N ASN A 200 -35.96 0.50 31.34
CA ASN A 200 -35.27 -0.12 32.46
C ASN A 200 -36.04 0.04 33.77
N ARG A 201 -36.65 1.20 33.95
CA ARG A 201 -37.38 1.51 35.18
C ARG A 201 -38.77 0.90 35.16
N LEU A 202 -39.34 0.78 33.96
CA LEU A 202 -40.70 0.26 33.82
C LEU A 202 -40.72 -1.27 33.87
N LEU A 203 -39.64 -1.89 33.42
CA LEU A 203 -39.50 -3.34 33.44
C LEU A 203 -38.24 -3.76 34.18
N PRO A 204 -38.21 -3.56 35.50
CA PRO A 204 -36.98 -3.67 36.31
C PRO A 204 -36.68 -5.08 36.82
N ASP A 205 -37.47 -6.07 36.44
CA ASP A 205 -37.32 -7.43 36.98
C ASP A 205 -36.28 -8.29 36.26
N HIS A 206 -36.24 -8.23 34.93
CA HIS A 206 -35.38 -9.15 34.19
C HIS A 206 -34.77 -8.33 33.05
N THR A 207 -34.32 -9.01 32.00
CA THR A 207 -33.31 -8.61 31.01
C THR A 207 -33.61 -7.21 30.47
N TYR A 208 -34.83 -6.73 30.67
CA TYR A 208 -35.21 -5.41 30.17
C TYR A 208 -34.72 -4.31 31.10
N SER A 209 -34.09 -4.70 32.22
CA SER A 209 -33.59 -3.74 33.19
C SER A 209 -32.17 -3.27 32.84
N VAL A 210 -31.59 -3.85 31.80
CA VAL A 210 -30.21 -3.55 31.43
C VAL A 210 -30.10 -2.91 30.05
N VAL A 211 -28.90 -2.42 29.74
CA VAL A 211 -28.62 -1.80 28.44
C VAL A 211 -28.08 -2.86 27.47
N SER A 212 -28.94 -3.39 26.62
CA SER A 212 -28.59 -4.49 25.72
C SER A 212 -27.50 -4.09 24.71
N GLY A 213 -27.51 -2.83 24.30
CA GLY A 213 -26.56 -2.36 23.32
C GLY A 213 -25.21 -2.09 23.93
N GLY A 214 -25.20 -1.81 25.23
CA GLY A 214 -23.97 -1.56 25.96
C GLY A 214 -23.89 -0.18 26.56
N ASP A 215 -23.77 -0.12 27.88
CA ASP A 215 -23.52 1.14 28.58
C ASP A 215 -22.01 1.38 28.53
N PRO A 216 -21.59 2.47 27.86
CA PRO A 216 -20.18 2.81 27.65
C PRO A 216 -19.27 2.64 28.86
N LEU A 217 -19.83 2.70 30.08
CA LEU A 217 -19.06 2.58 31.30
C LEU A 217 -18.97 1.12 31.76
N CYS A 218 -19.84 0.27 31.24
CA CYS A 218 -19.90 -1.13 31.67
C CYS A 218 -19.37 -2.08 30.61
N ILE A 219 -19.14 -1.56 29.41
CA ILE A 219 -18.61 -2.35 28.30
C ILE A 219 -17.25 -3.01 28.64
N PRO A 220 -16.30 -2.24 29.22
CA PRO A 220 -15.02 -2.89 29.51
C PRO A 220 -15.05 -3.92 30.64
N GLU A 221 -16.21 -4.14 31.24
CA GLU A 221 -16.32 -5.16 32.27
C GLU A 221 -16.47 -6.53 31.62
N LEU A 222 -16.61 -6.52 30.30
CA LEU A 222 -16.83 -7.74 29.54
C LEU A 222 -15.52 -8.46 29.22
N THR A 223 -15.46 -9.75 29.55
CA THR A 223 -14.28 -10.54 29.25
C THR A 223 -14.50 -11.35 27.98
N TRP A 224 -13.40 -11.86 27.44
CA TRP A 224 -13.44 -12.69 26.26
C TRP A 224 -14.23 -13.97 26.53
N GLU A 225 -14.06 -14.49 27.75
CA GLU A 225 -14.73 -15.73 28.17
C GLU A 225 -16.25 -15.58 28.30
N GLN A 226 -16.69 -14.44 28.81
CA GLN A 226 -18.12 -14.15 28.92
C GLN A 226 -18.76 -14.08 27.54
N LEU A 227 -17.98 -13.61 26.57
CA LEU A 227 -18.46 -13.50 25.19
C LEU A 227 -18.64 -14.88 24.56
N GLN A 229 -19.02 -17.75 26.32
CA GLN A 229 -20.03 -18.45 27.10
C GLN A 229 -21.43 -18.01 26.67
N PHE A 230 -21.59 -16.71 26.46
CA PHE A 230 -22.86 -16.15 26.03
C PHE A 230 -23.30 -16.72 24.68
N HIS A 231 -22.34 -16.93 23.79
CA HIS A 231 -22.64 -17.50 22.49
C HIS A 231 -23.06 -18.96 22.58
N ALA A 232 -22.36 -19.72 23.42
CA ALA A 232 -22.64 -21.14 23.58
C ALA A 232 -24.00 -21.37 24.21
N THR A 233 -24.49 -20.38 24.95
CA THR A 233 -25.75 -20.46 25.67
C THR A 233 -26.94 -20.06 24.80
N HIS A 234 -26.73 -19.13 23.88
CA HIS A 234 -27.83 -18.51 23.15
C HIS A 234 -27.89 -18.81 21.65
N TYR A 235 -26.77 -19.23 21.07
CA TYR A 235 -26.75 -19.45 19.62
C TYR A 235 -26.85 -20.93 19.25
N HIS A 236 -27.74 -21.62 19.94
CA HIS A 236 -28.07 -22.99 19.61
C HIS A 236 -29.40 -22.99 18.85
N PRO A 237 -29.47 -23.77 17.75
CA PRO A 237 -30.63 -23.79 16.86
C PRO A 237 -31.97 -24.04 17.57
N SER A 238 -31.92 -24.66 18.75
CA SER A 238 -33.13 -24.85 19.55
C SER A 238 -33.64 -23.53 20.11
N ASN A 239 -32.77 -22.52 20.07
CA ASN A 239 -33.11 -21.18 20.53
C ASN A 239 -33.23 -20.22 19.35
N ALA A 240 -33.53 -20.75 18.18
CA ALA A 240 -33.47 -19.97 16.96
C ALA A 240 -34.80 -19.93 16.20
N ARG A 241 -35.00 -18.87 15.44
CA ARG A 241 -36.13 -18.74 14.53
C ARG A 241 -35.61 -18.51 13.12
N PHE A 242 -35.99 -19.39 12.19
CA PHE A 242 -35.54 -19.21 10.82
C PHE A 242 -36.66 -18.63 9.96
N PHE A 243 -36.29 -17.73 9.06
CA PHE A 243 -37.27 -17.00 8.26
C PHE A 243 -36.80 -16.81 6.82
N THR A 244 -37.69 -17.08 5.87
CA THR A 244 -37.43 -16.75 4.48
C THR A 244 -38.67 -16.12 3.85
N TYR A 245 -38.43 -15.29 2.86
CA TYR A 245 -39.51 -14.63 2.14
C TYR A 245 -39.16 -14.58 0.66
N GLY A 246 -40.10 -14.92 -0.20
CA GLY A 246 -39.90 -14.76 -1.63
C GLY A 246 -40.26 -15.94 -2.51
N ASN A 247 -39.75 -15.92 -3.74
CA ASN A 247 -40.13 -16.87 -4.77
C ASN A 247 -39.16 -18.04 -4.93
N PHE A 248 -38.00 -17.95 -4.31
CA PHE A 248 -37.00 -19.02 -4.37
C PHE A 248 -37.53 -20.28 -3.72
N PRO A 249 -37.25 -21.45 -4.32
CA PRO A 249 -37.69 -22.74 -3.78
C PRO A 249 -37.31 -22.93 -2.31
N LEU A 250 -38.29 -23.30 -1.49
CA LEU A 250 -38.08 -23.49 -0.07
C LEU A 250 -37.14 -24.67 0.21
N GLU A 251 -37.26 -25.71 -0.62
CA GLU A 251 -36.48 -26.93 -0.46
C GLU A 251 -34.98 -26.67 -0.44
N GLN A 252 -34.55 -25.77 -1.31
CA GLN A 252 -33.14 -25.41 -1.41
C GLN A 252 -32.63 -24.82 -0.10
N HIS A 253 -33.47 -24.00 0.53
CA HIS A 253 -33.12 -23.37 1.80
C HIS A 253 -32.95 -24.41 2.91
N LEU A 254 -33.95 -25.27 3.06
CA LEU A 254 -33.94 -26.29 4.12
C LEU A 254 -32.79 -27.26 3.98
N GLN A 256 -29.92 -26.64 2.66
CA GLN A 256 -28.70 -25.91 2.98
C GLN A 256 -28.57 -25.69 4.49
N ILE A 257 -29.66 -25.27 5.11
CA ILE A 257 -29.67 -25.00 6.55
C ILE A 257 -29.41 -26.28 7.35
N HIS A 258 -30.01 -27.38 6.92
CA HIS A 258 -29.87 -28.64 7.63
C HIS A 258 -28.48 -29.26 7.48
N GLU A 259 -27.99 -29.34 6.24
CA GLU A 259 -26.75 -30.06 5.98
C GLU A 259 -25.49 -29.28 6.36
N GLU A 260 -25.60 -27.99 6.60
CA GLU A 260 -24.43 -27.17 6.88
C GLU A 260 -24.30 -26.90 8.38
N ALA A 261 -25.42 -26.81 9.08
CA ALA A 261 -25.45 -26.29 10.44
C ALA A 261 -26.27 -27.16 11.38
N LEU A 262 -27.55 -27.31 11.07
CA LEU A 262 -28.50 -27.93 12.00
C LEU A 262 -28.21 -29.40 12.28
N SER A 263 -27.54 -30.08 11.35
CA SER A 263 -27.25 -31.50 11.49
C SER A 263 -26.28 -31.82 12.62
N LYS A 264 -25.45 -30.83 12.97
CA LYS A 264 -24.44 -31.02 14.01
C LYS A 264 -24.99 -30.88 15.42
N PHE A 265 -26.29 -30.59 15.55
CA PHE A 265 -26.87 -30.32 16.85
C PHE A 265 -27.96 -31.32 17.24
N GLN A 266 -28.26 -31.37 18.55
CA GLN A 266 -29.40 -32.13 19.05
C GLN A 266 -30.22 -31.26 19.99
N LYS A 267 -31.49 -31.62 20.18
CA LYS A 267 -32.41 -30.79 20.93
C LYS A 267 -31.97 -30.51 22.38
N ILE A 268 -32.02 -29.23 22.76
CA ILE A 268 -31.79 -28.80 24.13
C ILE A 268 -32.96 -27.94 24.57
N GLU A 269 -33.03 -27.61 25.85
CA GLU A 269 -34.05 -26.71 26.35
C GLU A 269 -33.38 -25.41 26.78
N PRO A 270 -33.46 -24.38 25.91
CA PRO A 270 -32.72 -23.12 26.13
C PRO A 270 -33.11 -22.42 27.42
N SER A 271 -32.10 -22.04 28.21
CA SER A 271 -32.32 -21.29 29.44
C SER A 271 -32.41 -19.79 29.13
N THR A 272 -33.35 -19.42 28.27
CA THR A 272 -33.39 -18.07 27.73
C THR A 272 -34.77 -17.39 27.81
N VAL A 273 -35.70 -17.99 28.55
CA VAL A 273 -37.06 -17.45 28.63
C VAL A 273 -37.08 -16.16 29.44
N VAL A 274 -37.78 -15.15 28.92
CA VAL A 274 -38.01 -13.91 29.65
C VAL A 274 -39.31 -14.01 30.43
N PRO A 275 -39.23 -13.98 31.77
CA PRO A 275 -40.44 -14.11 32.59
C PRO A 275 -41.34 -12.89 32.42
N ALA A 276 -42.61 -13.05 32.81
CA ALA A 276 -43.56 -11.93 32.75
C ALA A 276 -43.27 -10.93 33.85
N GLN A 277 -43.34 -9.64 33.52
CA GLN A 277 -43.17 -8.61 34.53
C GLN A 277 -44.33 -8.66 35.52
N THR A 278 -43.99 -8.80 36.80
CA THR A 278 -44.98 -8.80 37.85
C THR A 278 -45.47 -7.37 38.07
N PRO A 279 -46.77 -7.14 37.83
CA PRO A 279 -47.35 -5.80 37.87
C PRO A 279 -47.24 -5.14 39.25
N TRP A 280 -46.94 -3.84 39.26
CA TRP A 280 -46.81 -3.08 40.49
C TRP A 280 -48.15 -2.87 41.18
N ASP A 281 -48.10 -2.70 42.49
CA ASP A 281 -49.28 -2.37 43.27
C ASP A 281 -49.39 -0.85 43.37
N LYS A 282 -48.26 -0.19 43.15
CA LYS A 282 -48.17 1.26 43.31
C LYS A 282 -47.24 1.88 42.28
N PRO A 283 -47.65 3.03 41.72
CA PRO A 283 -46.86 3.78 40.72
C PRO A 283 -45.53 4.27 41.25
N ARG A 284 -44.60 4.59 40.36
CA ARG A 284 -43.28 5.05 40.74
C ARG A 284 -42.90 6.33 40.01
N GLU A 285 -41.98 7.09 40.59
CA GLU A 285 -41.44 8.27 39.94
C GLU A 285 -39.92 8.20 39.94
N PHE A 286 -39.30 8.55 38.83
CA PHE A 286 -37.85 8.63 38.79
C PHE A 286 -37.39 9.89 38.08
N GLN A 287 -36.25 10.41 38.49
CA GLN A 287 -35.68 11.60 37.89
C GLN A 287 -34.28 11.26 37.42
N ILE A 288 -33.97 11.58 36.16
CA ILE A 288 -32.65 11.30 35.61
C ILE A 288 -32.09 12.57 34.96
N THR A 289 -30.86 12.49 34.47
CA THR A 289 -30.21 13.65 33.85
C THR A 289 -29.72 13.30 32.45
N CYS A 290 -29.52 14.32 31.63
CA CYS A 290 -29.02 14.14 30.27
C CYS A 290 -28.03 15.22 29.90
N GLY A 291 -27.66 15.27 28.62
CA GLY A 291 -26.69 16.24 28.14
C GLY A 291 -27.36 17.55 27.75
N PRO A 292 -26.56 18.62 27.64
CA PRO A 292 -27.11 19.94 27.30
C PRO A 292 -27.61 20.00 25.87
N ASP A 293 -28.12 21.14 25.44
CA ASP A 293 -28.71 21.24 24.11
C ASP A 293 -27.70 21.66 23.04
N SER A 294 -27.84 21.04 21.88
CA SER A 294 -27.10 21.43 20.69
C SER A 294 -28.01 22.19 19.73
N PHE A 295 -27.86 23.51 19.67
CA PHE A 295 -26.86 24.24 20.45
C PHE A 295 -27.52 25.51 21.00
N ALA A 296 -28.84 25.57 20.86
CA ALA A 296 -29.61 26.73 21.30
C ALA A 296 -29.89 26.74 22.79
N THR A 297 -30.73 27.69 23.21
CA THR A 297 -31.10 27.87 24.62
C THR A 297 -31.58 26.58 25.27
N PRO A 299 -32.66 29.59 29.58
CA PRO A 299 -32.34 28.16 29.66
C PRO A 299 -33.02 27.47 30.85
N SER A 300 -34.34 27.37 30.78
CA SER A 300 -35.13 26.75 31.85
C SER A 300 -36.22 25.83 31.29
N LYS A 301 -36.63 26.09 30.05
CA LYS A 301 -37.60 25.24 29.36
C LYS A 301 -36.95 24.05 28.68
N GLN A 302 -36.35 23.17 29.46
CA GLN A 302 -35.64 22.01 28.91
C GLN A 302 -35.83 20.72 29.71
N THR A 303 -36.94 20.63 30.44
CA THR A 303 -37.25 19.41 31.19
C THR A 303 -38.12 18.51 30.32
N THR A 304 -37.87 17.21 30.37
CA THR A 304 -38.69 16.24 29.67
C THR A 304 -39.42 15.41 30.72
N VAL A 305 -40.71 15.18 30.52
CA VAL A 305 -41.51 14.41 31.46
C VAL A 305 -42.37 13.41 30.70
N SER A 306 -42.59 12.25 31.30
CA SER A 306 -43.40 11.21 30.66
C SER A 306 -44.16 10.39 31.67
N VAL A 307 -45.26 9.78 31.21
CA VAL A 307 -46.03 8.85 32.03
C VAL A 307 -46.22 7.58 31.22
N SER A 308 -45.90 6.44 31.82
CA SER A 308 -45.95 5.18 31.08
C SER A 308 -46.83 4.15 31.75
N PHE A 309 -47.50 3.34 30.94
CA PHE A 309 -48.42 2.33 31.44
C PHE A 309 -48.02 0.96 30.95
N LEU A 310 -48.09 -0.05 31.81
CA LEU A 310 -47.76 -1.41 31.40
C LEU A 310 -48.95 -2.06 30.73
N LEU A 311 -48.70 -2.72 29.60
CA LEU A 311 -49.76 -3.35 28.83
C LEU A 311 -49.57 -4.86 28.85
N PRO A 312 -50.57 -5.62 28.36
CA PRO A 312 -50.42 -7.08 28.38
C PRO A 312 -49.40 -7.62 27.38
N ASP A 313 -49.19 -8.93 27.40
CA ASP A 313 -48.27 -9.59 26.47
C ASP A 313 -48.65 -9.41 25.02
N ILE A 314 -47.65 -9.18 24.17
CA ILE A 314 -47.85 -9.00 22.75
C ILE A 314 -48.16 -10.32 22.08
N THR A 315 -48.01 -11.41 22.83
CA THR A 315 -48.34 -12.75 22.32
C THR A 315 -49.85 -12.91 22.26
N ASP A 316 -50.56 -12.10 23.04
CA ASP A 316 -52.00 -11.93 22.87
C ASP A 316 -52.23 -10.99 21.69
N THR A 317 -52.18 -11.55 20.48
CA THR A 317 -52.10 -10.74 19.26
C THR A 317 -53.24 -9.75 19.03
N PHE A 318 -54.48 -10.16 19.25
CA PHE A 318 -55.61 -9.26 18.97
C PHE A 318 -55.68 -8.11 19.97
N GLU A 319 -55.40 -8.41 21.24
CA GLU A 319 -55.40 -7.38 22.26
C GLU A 319 -54.24 -6.42 22.06
N ALA A 320 -53.16 -6.92 21.49
CA ALA A 320 -52.02 -6.09 21.15
C ALA A 320 -52.35 -5.20 19.96
N PHE A 321 -52.99 -5.81 18.95
CA PHE A 321 -53.45 -5.08 17.78
C PHE A 321 -54.47 -4.02 18.17
N THR A 322 -55.31 -4.36 19.15
CA THR A 322 -56.34 -3.45 19.63
C THR A 322 -55.72 -2.24 20.32
N LEU A 323 -54.83 -2.51 21.26
CA LEU A 323 -54.23 -1.47 22.07
C LEU A 323 -53.30 -0.58 21.24
N SER A 324 -52.76 -1.15 20.17
CA SER A 324 -51.91 -0.39 19.25
C SER A 324 -52.74 0.62 18.47
N LEU A 325 -53.92 0.19 18.02
CA LEU A 325 -54.88 1.07 17.37
C LEU A 325 -55.37 2.12 18.35
N LEU A 326 -55.68 1.68 19.57
CA LEU A 326 -56.13 2.58 20.61
C LEU A 326 -55.05 3.64 20.91
N SER A 327 -53.79 3.23 20.82
CA SER A 327 -52.67 4.12 21.10
C SER A 327 -52.53 5.20 20.03
N SER A 328 -52.90 4.86 18.79
CA SER A 328 -52.86 5.84 17.71
C SER A 328 -53.99 6.84 17.85
N LEU A 329 -55.17 6.36 18.25
CA LEU A 329 -56.32 7.23 18.49
C LEU A 329 -56.03 8.25 19.59
N LEU A 330 -55.16 7.87 20.53
CA LEU A 330 -54.87 8.70 21.70
C LEU A 330 -53.80 9.77 21.46
N THR A 331 -52.88 9.52 20.54
CA THR A 331 -51.72 10.40 20.40
C THR A 331 -51.43 10.89 18.96
N SER A 332 -51.98 10.23 17.96
CA SER A 332 -51.64 10.56 16.57
C SER A 332 -52.54 11.64 15.98
N GLY A 333 -51.94 12.76 15.59
CA GLY A 333 -52.67 13.81 14.91
C GLY A 333 -53.25 14.84 15.87
N PRO A 334 -53.62 16.02 15.32
CA PRO A 334 -54.17 17.11 16.12
C PRO A 334 -55.59 16.88 16.65
N ASN A 335 -56.18 15.74 16.29
CA ASN A 335 -57.52 15.40 16.78
C ASN A 335 -57.46 14.40 17.93
N SER A 336 -56.25 13.96 18.28
CA SER A 336 -56.07 13.04 19.39
C SER A 336 -56.18 13.81 20.71
N PRO A 337 -56.74 13.15 21.74
CA PRO A 337 -56.93 13.72 23.08
C PRO A 337 -55.66 14.32 23.70
N PHE A 338 -54.55 13.59 23.66
CA PHE A 338 -53.32 14.04 24.29
C PHE A 338 -52.66 15.17 23.51
N TYR A 339 -52.97 15.25 22.22
CA TYR A 339 -52.47 16.35 21.40
C TYR A 339 -53.11 17.67 21.83
N ALA A 341 -54.51 18.20 24.65
CA ALA A 341 -54.29 18.39 26.08
C ALA A 341 -52.87 18.84 26.41
N LEU A 342 -51.89 18.26 25.71
CA LEU A 342 -50.49 18.49 26.05
C LEU A 342 -49.79 19.44 25.09
N ILE A 343 -49.88 19.15 23.79
CA ILE A 343 -49.24 19.96 22.78
C ILE A 343 -49.83 21.36 22.67
N GLU A 344 -51.16 21.44 22.58
CA GLU A 344 -51.84 22.71 22.40
C GLU A 344 -51.98 23.49 23.70
N SER A 345 -51.36 22.98 24.76
CA SER A 345 -51.36 23.67 26.05
C SER A 345 -50.26 24.72 26.11
N GLY A 346 -49.29 24.60 25.21
CA GLY A 346 -48.16 25.51 25.17
C GLY A 346 -47.22 25.37 26.35
N LEU A 347 -47.20 24.20 26.98
CA LEU A 347 -46.29 23.94 28.09
C LEU A 347 -44.95 23.39 27.61
N GLY A 348 -44.97 22.65 26.51
CA GLY A 348 -43.77 22.05 25.97
C GLY A 348 -43.57 22.36 24.51
N THR A 349 -42.72 21.57 23.85
CA THR A 349 -42.39 21.80 22.46
C THR A 349 -42.85 20.65 21.57
N ASP A 350 -42.91 19.45 22.15
CA ASP A 350 -43.27 18.26 21.41
C ASP A 350 -43.56 17.11 22.39
N PHE A 351 -44.08 16.01 21.86
CA PHE A 351 -44.29 14.80 22.65
C PHE A 351 -42.97 14.29 23.23
N SER A 352 -43.04 13.58 24.35
CA SER A 352 -41.88 12.92 24.92
C SER A 352 -41.44 11.79 23.99
N PRO A 353 -40.22 11.26 24.18
CA PRO A 353 -39.77 10.16 23.32
C PRO A 353 -40.58 8.87 23.53
N ASP A 354 -40.63 8.04 22.49
CA ASP A 354 -41.33 6.76 22.54
C ASP A 354 -42.81 6.92 22.90
N VAL A 355 -43.44 7.95 22.32
CA VAL A 355 -44.86 8.19 22.56
C VAL A 355 -45.69 7.12 21.84
N GLY A 356 -46.74 6.64 22.51
CA GLY A 356 -47.62 5.67 21.89
C GLY A 356 -47.33 4.24 22.30
N TYR A 357 -47.62 3.30 21.40
CA TYR A 357 -47.50 1.88 21.67
C TYR A 357 -46.07 1.39 21.43
N ASN A 358 -45.50 0.73 22.44
CA ASN A 358 -44.18 0.16 22.32
C ASN A 358 -44.23 -1.35 22.47
N GLY A 359 -44.10 -2.07 21.37
CA GLY A 359 -44.25 -3.52 21.39
C GLY A 359 -42.99 -4.30 21.08
N TYR A 360 -41.85 -3.81 21.56
CA TYR A 360 -40.58 -4.51 21.36
C TYR A 360 -40.31 -5.47 22.51
N THR A 361 -40.80 -5.11 23.69
CA THR A 361 -40.65 -5.94 24.88
C THR A 361 -41.76 -6.99 24.95
N ARG A 362 -41.65 -7.93 25.90
CA ARG A 362 -42.67 -8.95 26.05
C ARG A 362 -44.02 -8.34 26.41
N GLU A 363 -44.04 -7.61 27.53
CA GLU A 363 -45.17 -6.77 27.85
C GLU A 363 -44.99 -5.44 27.15
N ALA A 364 -45.93 -5.07 26.29
CA ALA A 364 -45.86 -3.79 25.60
C ALA A 364 -46.12 -2.68 26.61
N TYR A 365 -45.85 -1.45 26.23
CA TYR A 365 -46.18 -0.33 27.09
C TYR A 365 -46.55 0.93 26.32
N PHE A 366 -47.36 1.76 26.95
CA PHE A 366 -47.79 3.01 26.36
C PHE A 366 -47.13 4.18 27.06
N SER A 367 -46.74 5.20 26.30
CA SER A 367 -46.14 6.38 26.88
C SER A 367 -46.69 7.66 26.26
N VAL A 368 -46.80 8.70 27.08
CA VAL A 368 -47.17 10.02 26.61
C VAL A 368 -46.56 11.03 27.56
N GLY A 369 -46.26 12.22 27.04
CA GLY A 369 -45.65 13.26 27.84
C GLY A 369 -45.14 14.38 26.96
N LEU A 370 -44.42 15.32 27.57
CA LEU A 370 -43.91 16.47 26.84
C LEU A 370 -42.41 16.66 27.07
N GLN A 371 -41.75 17.30 26.12
CA GLN A 371 -40.40 17.79 26.32
C GLN A 371 -40.38 19.29 26.09
N GLY A 372 -39.41 19.97 26.70
CA GLY A 372 -39.30 21.40 26.54
C GLY A 372 -40.18 22.17 27.51
N ILE A 373 -40.43 21.56 28.66
CA ILE A 373 -41.23 22.20 29.70
C ILE A 373 -40.35 22.73 30.82
N VAL A 374 -40.87 23.68 31.59
CA VAL A 374 -40.17 24.16 32.79
C VAL A 374 -40.48 23.19 33.92
N GLU A 375 -39.48 22.90 34.75
CA GLU A 375 -39.58 21.86 35.77
C GLU A 375 -40.72 22.06 36.76
N LYS A 376 -41.13 23.32 36.96
CA LYS A 376 -42.20 23.62 37.90
C LYS A 376 -43.57 23.13 37.42
N ASP A 377 -43.69 22.86 36.13
CA ASP A 377 -44.96 22.49 35.53
C ASP A 377 -45.16 20.98 35.39
N ILE A 378 -44.32 20.19 36.05
CA ILE A 378 -44.38 18.74 35.94
C ILE A 378 -45.72 18.20 36.44
N GLU A 379 -46.17 18.70 37.59
CA GLU A 379 -47.44 18.25 38.16
C GLU A 379 -48.61 18.69 37.28
N THR A 380 -48.46 19.84 36.64
CA THR A 380 -49.46 20.35 35.71
C THR A 380 -49.70 19.34 34.59
N VAL A 381 -48.62 18.83 34.00
CA VAL A 381 -48.70 17.85 32.93
C VAL A 381 -49.37 16.56 33.39
N ARG A 382 -48.94 16.08 34.55
CA ARG A 382 -49.48 14.84 35.13
C ARG A 382 -50.97 14.94 35.38
N SER A 383 -51.42 16.13 35.79
CA SER A 383 -52.84 16.35 36.05
C SER A 383 -53.62 16.32 34.74
N LEU A 384 -53.02 16.91 33.70
CA LEU A 384 -53.64 16.93 32.37
C LEU A 384 -53.81 15.51 31.85
N ILE A 385 -52.75 14.71 32.00
CA ILE A 385 -52.77 13.31 31.61
C ILE A 385 -53.84 12.57 32.42
N ASP A 386 -53.93 12.89 33.70
CA ASP A 386 -54.96 12.35 34.57
C ASP A 386 -56.36 12.76 34.08
N ARG A 387 -56.51 14.06 33.80
CA ARG A 387 -57.81 14.59 33.37
C ARG A 387 -58.23 14.07 32.00
N THR A 388 -57.26 13.95 31.09
CA THR A 388 -57.54 13.48 29.72
C THR A 388 -58.07 12.05 29.71
N ILE A 389 -57.47 11.19 30.53
CA ILE A 389 -57.89 9.80 30.63
C ILE A 389 -59.33 9.71 31.13
N ASP A 390 -59.68 10.57 32.09
CA ASP A 390 -61.04 10.59 32.61
C ASP A 390 -62.05 10.94 31.53
N GLU A 391 -61.69 11.89 30.68
CA GLU A 391 -62.58 12.35 29.62
C GLU A 391 -62.77 11.30 28.53
N VAL A 392 -61.71 10.58 28.18
CA VAL A 392 -61.79 9.56 27.15
C VAL A 392 -62.68 8.41 27.64
N VAL A 393 -62.53 8.06 28.92
CA VAL A 393 -63.37 7.04 29.53
C VAL A 393 -64.84 7.43 29.47
N GLU A 394 -65.11 8.72 29.65
CA GLU A 394 -66.48 9.22 29.71
C GLU A 394 -67.08 9.55 28.34
N LYS A 395 -66.23 9.85 27.36
CA LYS A 395 -66.72 10.37 26.09
C LYS A 395 -66.36 9.48 24.91
N GLY A 396 -65.27 8.74 25.02
CA GLY A 396 -64.87 7.81 23.99
C GLY A 396 -64.33 8.47 22.74
N PHE A 397 -64.33 7.74 21.64
CA PHE A 397 -63.83 8.28 20.37
C PHE A 397 -64.92 8.43 19.33
N GLU A 398 -64.76 9.42 18.46
CA GLU A 398 -65.66 9.65 17.36
C GLU A 398 -65.45 8.57 16.30
N ASP A 399 -66.50 8.25 15.55
CA ASP A 399 -66.48 7.12 14.63
C ASP A 399 -65.64 7.42 13.39
N ASP A 400 -65.60 8.69 12.98
CA ASP A 400 -64.89 9.07 11.76
C ASP A 400 -63.38 9.01 11.94
N ARG A 401 -62.91 9.11 13.18
CA ARG A 401 -61.49 8.94 13.47
C ARG A 401 -61.12 7.46 13.49
N ILE A 402 -62.07 6.64 13.94
CA ILE A 402 -61.88 5.20 13.89
C ILE A 402 -61.83 4.75 12.42
N GLU A 403 -62.67 5.35 11.59
CA GLU A 403 -62.66 5.06 10.16
C GLU A 403 -61.36 5.52 9.53
N ALA A 404 -60.88 6.68 9.97
CA ALA A 404 -59.64 7.24 9.43
C ALA A 404 -58.44 6.35 9.72
N LEU A 405 -58.38 5.83 10.94
CA LEU A 405 -57.28 4.95 11.34
C LEU A 405 -57.30 3.65 10.54
N LEU A 406 -58.49 3.07 10.39
CA LEU A 406 -58.65 1.83 9.64
C LEU A 406 -58.33 2.03 8.17
N HIS A 407 -58.54 3.25 7.67
CA HIS A 407 -58.20 3.59 6.30
C HIS A 407 -56.68 3.65 6.12
N ILE A 409 -54.38 1.93 7.88
CA ILE A 409 -53.88 0.57 7.92
C ILE A 409 -54.14 -0.12 6.58
N GLU A 410 -55.29 0.17 5.98
CA GLU A 410 -55.63 -0.37 4.67
C GLU A 410 -54.58 0.03 3.64
N ILE A 411 -54.12 1.27 3.75
CA ILE A 411 -53.11 1.82 2.84
C ILE A 411 -51.75 1.17 3.09
N GLN A 412 -51.41 1.00 4.37
CA GLN A 412 -50.15 0.38 4.75
C GLN A 412 -50.09 -1.07 4.27
N MET A 413 -51.26 -1.70 4.19
CA MET A 413 -51.38 -3.09 3.78
C MET A 413 -51.28 -3.26 2.26
N LYS A 414 -51.85 -2.32 1.52
CA LYS A 414 -51.92 -2.44 0.07
C LYS A 414 -50.69 -1.86 -0.63
N HIS A 415 -49.95 -1.01 0.07
CA HIS A 415 -48.78 -0.34 -0.51
C HIS A 415 -47.68 -1.34 -0.82
N GLN A 416 -46.97 -1.10 -1.92
CA GLN A 416 -45.93 -2.00 -2.40
C GLN A 416 -44.53 -1.46 -2.16
N SER A 417 -43.83 -2.09 -1.21
CA SER A 417 -42.46 -1.71 -0.88
C SER A 417 -41.44 -2.62 -1.56
N THR A 418 -40.17 -2.23 -1.53
CA THR A 418 -39.09 -3.02 -2.13
C THR A 418 -38.41 -3.93 -1.12
N SER A 419 -38.63 -3.64 0.16
CA SER A 419 -38.05 -4.41 1.23
C SER A 419 -39.15 -5.02 2.09
N PHE A 420 -40.11 -5.67 1.43
CA PHE A 420 -41.27 -6.21 2.12
C PHE A 420 -40.87 -7.31 3.11
N GLY A 421 -39.99 -8.21 2.66
CA GLY A 421 -39.52 -9.29 3.50
C GLY A 421 -38.80 -8.81 4.76
N LEU A 422 -38.10 -7.68 4.65
CA LEU A 422 -37.38 -7.12 5.78
C LEU A 422 -38.32 -6.54 6.82
N MET A 423 -39.38 -5.88 6.35
CA MET A 423 -40.36 -5.28 7.25
C MET A 423 -41.12 -6.38 8.00
N LEU A 424 -41.42 -7.47 7.31
CA LEU A 424 -42.20 -8.56 7.88
C LEU A 424 -41.43 -9.30 8.99
N THR A 425 -40.16 -9.60 8.76
CA THR A 425 -39.37 -10.28 9.77
C THR A 425 -39.12 -9.36 10.97
N SER A 426 -39.07 -8.06 10.72
CA SER A 426 -38.90 -7.08 11.79
C SER A 426 -40.21 -6.89 12.55
N TYR A 427 -41.32 -7.10 11.85
CA TYR A 427 -42.64 -6.85 12.43
C TYR A 427 -43.11 -8.03 13.29
N ILE A 428 -42.53 -9.20 13.06
CA ILE A 428 -42.94 -10.39 13.80
C ILE A 428 -41.93 -10.79 14.86
N ALA A 429 -40.74 -10.18 14.81
CA ALA A 429 -39.60 -10.60 15.65
C ALA A 429 -39.91 -10.67 17.14
N SER A 430 -40.50 -9.61 17.70
CA SER A 430 -40.79 -9.56 19.12
C SER A 430 -41.80 -10.62 19.55
N CYS A 431 -42.86 -10.77 18.77
CA CYS A 431 -43.90 -11.74 19.08
C CYS A 431 -43.33 -13.16 19.00
N TRP A 432 -42.55 -13.40 17.96
CA TRP A 432 -41.95 -14.71 17.71
C TRP A 432 -40.92 -15.04 18.79
N ASN A 433 -40.24 -14.02 19.29
CA ASN A 433 -39.18 -14.19 20.28
C ASN A 433 -39.69 -14.81 21.58
N HIS A 434 -40.96 -14.55 21.90
CA HIS A 434 -41.55 -15.04 23.13
C HIS A 434 -42.61 -16.11 22.85
N ASP A 435 -42.34 -16.93 21.83
CA ASP A 435 -43.17 -18.09 21.50
C ASP A 435 -44.61 -17.72 21.15
N GLY A 436 -44.77 -16.62 20.43
CA GLY A 436 -46.07 -16.21 19.93
C GLY A 436 -46.26 -16.73 18.52
N ASP A 437 -47.47 -16.58 17.98
CA ASP A 437 -47.74 -17.03 16.61
C ASP A 437 -47.56 -15.86 15.65
N PRO A 438 -46.47 -15.88 14.87
CA PRO A 438 -46.14 -14.78 13.96
C PRO A 438 -47.12 -14.68 12.79
N VAL A 439 -47.80 -15.77 12.49
CA VAL A 439 -48.72 -15.82 11.38
C VAL A 439 -50.00 -15.05 11.71
N GLU A 440 -50.36 -15.06 12.99
CA GLU A 440 -51.56 -14.35 13.44
C GLU A 440 -51.41 -12.84 13.32
N LEU A 441 -50.17 -12.37 13.30
CA LEU A 441 -49.89 -10.95 13.08
C LEU A 441 -50.05 -10.60 11.61
N LEU A 442 -50.08 -11.62 10.76
CA LEU A 442 -50.14 -11.43 9.33
C LEU A 442 -51.58 -11.31 8.83
N LEU A 444 -54.16 -9.60 8.95
CA LEU A 444 -54.67 -8.28 9.30
C LEU A 444 -56.14 -8.14 8.92
N GLY A 445 -56.57 -8.87 7.89
CA GLY A 445 -57.97 -8.87 7.50
C GLY A 445 -58.86 -9.35 8.63
N ASN A 446 -58.40 -10.36 9.37
CA ASN A 446 -59.14 -10.89 10.49
C ASN A 446 -59.19 -9.92 11.66
N GLN A 447 -58.04 -9.31 11.97
CA GLN A 447 -57.96 -8.38 13.09
C GLN A 447 -58.81 -7.14 12.82
N LEU A 448 -58.77 -6.66 11.57
CA LEU A 448 -59.62 -5.54 11.16
C LEU A 448 -61.09 -5.94 11.33
N ALA A 449 -61.44 -7.11 10.83
CA ALA A 449 -62.81 -7.62 10.91
C ALA A 449 -63.29 -7.76 12.35
N LYS A 450 -62.48 -8.40 13.18
CA LYS A 450 -62.84 -8.62 14.54
C LYS A 450 -62.92 -7.33 15.30
N PHE A 451 -62.05 -6.41 14.95
CA PHE A 451 -62.04 -5.08 15.57
C PHE A 451 -63.34 -4.33 15.25
N ARG A 452 -63.77 -4.40 13.99
CA ARG A 452 -65.03 -3.78 13.59
C ARG A 452 -66.19 -4.43 14.32
N GLN A 453 -66.17 -5.75 14.41
CA GLN A 453 -67.23 -6.48 15.09
C GLN A 453 -67.26 -6.15 16.57
N CYS A 454 -66.08 -6.00 17.17
CA CYS A 454 -65.96 -5.69 18.59
C CYS A 454 -66.51 -4.29 18.89
N LEU A 455 -66.56 -3.45 17.88
CA LEU A 455 -67.10 -2.10 18.04
C LEU A 455 -68.60 -2.08 17.85
N GLN A 456 -69.08 -2.82 16.87
CA GLN A 456 -70.52 -2.89 16.58
C GLN A 456 -71.28 -3.58 17.71
N GLU A 457 -70.60 -4.43 18.47
CA GLU A 457 -71.23 -5.17 19.56
C GLU A 457 -71.21 -4.39 20.87
N ASN A 458 -70.15 -3.64 21.10
CA ASN A 458 -70.00 -2.87 22.33
C ASN A 458 -69.59 -1.44 22.02
N PRO A 459 -70.54 -0.49 22.16
CA PRO A 459 -70.26 0.92 21.83
C PRO A 459 -69.27 1.54 22.81
N LYS A 460 -69.06 0.88 23.94
CA LYS A 460 -68.16 1.37 24.97
C LYS A 460 -66.93 0.47 25.11
N PHE A 461 -66.65 -0.28 24.04
CA PHE A 461 -65.55 -1.23 24.00
C PHE A 461 -64.21 -0.57 24.29
N LEU A 462 -63.92 0.51 23.59
CA LEU A 462 -62.64 1.20 23.74
C LEU A 462 -62.58 1.99 25.04
N GLN A 463 -63.74 2.41 25.53
CA GLN A 463 -63.81 3.18 26.76
C GLN A 463 -63.49 2.31 27.97
N GLU A 464 -63.90 1.04 27.92
CA GLU A 464 -63.62 0.11 29.00
C GLU A 464 -62.16 -0.35 28.94
N LYS A 465 -61.58 -0.32 27.74
CA LYS A 465 -60.18 -0.69 27.56
C LYS A 465 -59.25 0.36 28.16
N VAL A 466 -59.52 1.64 27.87
CA VAL A 466 -58.77 2.74 28.46
C VAL A 466 -58.92 2.74 29.97
N LYS A 467 -60.13 2.37 30.44
CA LYS A 467 -60.43 2.30 31.86
C LYS A 467 -59.55 1.24 32.54
N GLN A 468 -59.43 0.08 31.90
CA GLN A 468 -58.66 -1.03 32.45
C GLN A 468 -57.16 -0.74 32.52
N TYR A 469 -56.62 -0.15 31.45
CA TYR A 469 -55.17 -0.05 31.29
C TYR A 469 -54.59 1.32 31.61
N PHE A 470 -55.44 2.29 31.92
CA PHE A 470 -54.94 3.62 32.21
C PHE A 470 -55.46 4.18 33.54
N LYS A 471 -56.76 4.03 33.79
CA LYS A 471 -57.36 4.59 35.00
C LYS A 471 -57.24 3.64 36.18
N ASN A 472 -57.20 2.34 35.91
CA ASN A 472 -57.13 1.34 36.98
C ASN A 472 -55.77 0.67 37.05
N ASN A 473 -54.89 0.97 36.11
CA ASN A 473 -53.56 0.39 36.10
C ASN A 473 -52.63 1.07 37.09
N GLN A 474 -52.23 0.34 38.12
CA GLN A 474 -51.33 0.88 39.14
C GLN A 474 -49.88 0.80 38.67
N HIS A 475 -49.67 0.16 37.53
CA HIS A 475 -48.33 0.06 36.97
C HIS A 475 -48.03 1.27 36.11
N LYS A 476 -47.96 2.44 36.76
CA LYS A 476 -47.66 3.70 36.08
C LYS A 476 -46.25 4.13 36.42
N LEU A 477 -45.55 4.71 35.45
CA LEU A 477 -44.22 5.25 35.69
C LEU A 477 -44.13 6.69 35.23
N THR A 478 -43.77 7.59 36.14
CA THR A 478 -43.53 8.97 35.77
C THR A 478 -42.03 9.21 35.76
N LEU A 479 -41.51 9.59 34.61
CA LEU A 479 -40.08 9.79 34.47
C LEU A 479 -39.79 11.18 33.94
N SER A 480 -38.96 11.92 34.65
CA SER A 480 -38.59 13.27 34.23
C SER A 480 -37.10 13.37 34.01
N MET A 481 -36.71 14.20 33.06
CA MET A 481 -35.31 14.35 32.70
C MET A 481 -34.93 15.81 32.54
N ARG A 482 -33.84 16.21 33.19
CA ARG A 482 -33.34 17.57 33.11
C ARG A 482 -31.87 17.50 32.69
N PRO A 483 -31.44 18.40 31.80
CA PRO A 483 -30.08 18.24 31.29
C PRO A 483 -29.03 18.71 32.28
N ASP A 484 -27.84 18.13 32.18
CA ASP A 484 -26.69 18.52 33.01
C ASP A 484 -25.65 19.11 32.08
N ASP A 485 -25.18 20.30 32.41
CA ASP A 485 -24.27 21.04 31.54
C ASP A 485 -22.89 20.38 31.43
N LYS A 486 -22.59 19.48 32.37
CA LYS A 486 -21.29 18.81 32.39
C LYS A 486 -21.44 17.29 32.27
N TYR A 487 -22.57 16.85 31.72
CA TYR A 487 -22.93 15.43 31.68
C TYR A 487 -21.84 14.57 31.05
N HIS A 488 -21.42 14.94 29.85
CA HIS A 488 -20.42 14.16 29.12
C HIS A 488 -19.03 14.37 29.73
N GLU A 489 -18.84 15.51 30.39
CA GLU A 489 -17.59 15.78 31.08
C GLU A 489 -17.48 14.90 32.32
N GLN A 491 -19.03 12.00 32.62
CA GLN A 491 -18.88 10.66 32.06
C GLN A 491 -17.40 10.35 31.79
N ALA A 492 -16.70 11.31 31.21
CA ALA A 492 -15.28 11.14 30.90
C ALA A 492 -14.48 10.95 32.17
N GLN A 493 -14.83 11.70 33.21
CA GLN A 493 -14.18 11.59 34.50
C GLN A 493 -14.24 10.18 35.06
N VAL A 494 -15.43 9.58 35.07
CA VAL A 494 -15.57 8.21 35.57
C VAL A 494 -14.85 7.25 34.64
N GLU A 495 -14.90 7.54 33.35
CA GLU A 495 -14.22 6.72 32.36
C GLU A 495 -12.71 6.72 32.61
N ALA A 496 -12.17 7.89 32.93
CA ALA A 496 -10.74 8.02 33.22
C ALA A 496 -10.33 7.24 34.47
N THR A 497 -11.26 7.11 35.42
CA THR A 497 -10.97 6.39 36.66
C THR A 497 -10.97 4.88 36.43
N LYS A 498 -11.99 4.40 35.70
CA LYS A 498 -12.08 2.99 35.37
C LYS A 498 -10.88 2.56 34.54
N LEU A 499 -10.40 3.47 33.69
CA LEU A 499 -9.22 3.22 32.87
C LEU A 499 -8.02 3.01 33.79
N LYS A 500 -7.80 3.98 34.68
CA LYS A 500 -6.67 3.91 35.61
C LYS A 500 -6.77 2.68 36.51
N GLN A 501 -7.98 2.37 36.95
CA GLN A 501 -8.22 1.20 37.78
C GLN A 501 -7.85 -0.09 37.05
N VAL A 503 -5.60 -0.22 34.49
CA VAL A 503 -4.16 -0.18 34.23
C VAL A 503 -3.38 -0.52 35.49
N GLU A 504 -3.84 -0.01 36.64
CA GLU A 504 -3.20 -0.31 37.92
C GLU A 504 -3.17 -1.81 38.21
N ALA A 505 -4.21 -2.52 37.79
CA ALA A 505 -4.35 -3.93 38.09
C ALA A 505 -3.50 -4.80 37.15
N LEU A 506 -2.81 -4.16 36.20
CA LEU A 506 -2.01 -4.88 35.23
C LEU A 506 -0.67 -5.31 35.82
N SER A 507 -0.33 -6.58 35.66
CA SER A 507 0.98 -7.10 36.05
C SER A 507 1.96 -6.86 34.92
N PRO A 508 3.27 -6.90 35.22
CA PRO A 508 4.28 -6.72 34.18
C PRO A 508 4.12 -7.70 33.02
N GLY A 509 3.71 -8.92 33.31
CA GLY A 509 3.43 -9.90 32.28
C GLY A 509 2.21 -9.50 31.47
N ASP A 510 1.22 -8.97 32.17
CA ASP A 510 -0.01 -8.49 31.53
C ASP A 510 0.32 -7.34 30.59
N ARG A 511 1.21 -6.45 31.02
CA ARG A 511 1.55 -5.27 30.23
C ARG A 511 2.30 -5.63 28.95
N GLN A 512 3.11 -6.68 29.01
CA GLN A 512 3.85 -7.11 27.84
C GLN A 512 2.91 -7.75 26.84
N GLN A 513 1.96 -8.54 27.33
CA GLN A 513 0.99 -9.19 26.46
C GLN A 513 0.09 -8.19 25.75
N ILE A 514 -0.32 -7.13 26.45
CA ILE A 514 -1.15 -6.10 25.85
C ILE A 514 -0.38 -5.39 24.74
N TYR A 515 0.89 -5.12 24.99
CA TYR A 515 1.75 -4.52 23.98
C TYR A 515 1.88 -5.43 22.75
N GLU A 516 2.16 -6.70 23.02
CA GLU A 516 2.37 -7.67 21.94
C GLU A 516 1.07 -7.98 21.19
N LYS A 517 0.00 -8.28 21.94
CA LYS A 517 -1.31 -8.53 21.33
C LYS A 517 -1.82 -7.32 20.55
N GLY A 518 -1.59 -6.13 21.10
CA GLY A 518 -1.98 -4.90 20.43
C GLY A 518 -1.22 -4.74 19.12
N LEU A 519 0.04 -5.18 19.13
CA LEU A 519 0.89 -5.10 17.94
C LEU A 519 0.46 -6.14 16.92
N GLU A 520 -0.03 -7.26 17.41
CA GLU A 520 -0.51 -8.35 16.56
C GLU A 520 -1.82 -7.96 15.88
N LEU A 521 -2.68 -7.28 16.62
CA LEU A 521 -3.94 -6.81 16.07
C LEU A 521 -3.67 -5.78 14.97
N ARG A 522 -2.75 -4.86 15.25
CA ARG A 522 -2.38 -3.85 14.27
C ARG A 522 -1.83 -4.50 13.02
N SER A 523 -1.08 -5.60 13.21
CA SER A 523 -0.54 -6.36 12.11
C SER A 523 -1.66 -6.99 11.27
N GLN A 524 -2.63 -7.60 11.96
CA GLN A 524 -3.78 -8.22 11.31
C GLN A 524 -4.53 -7.26 10.40
N GLN A 525 -4.69 -6.02 10.85
CA GLN A 525 -5.44 -5.00 10.14
C GLN A 525 -4.70 -4.45 8.92
N SER A 526 -3.39 -4.69 8.86
CA SER A 526 -2.54 -4.12 7.82
C SER A 526 -2.15 -5.15 6.76
N LYS A 527 -1.79 -6.34 7.21
CA LYS A 527 -1.32 -7.41 6.34
C LYS A 527 -2.41 -7.84 5.36
N PRO A 528 -2.15 -7.67 4.05
CA PRO A 528 -3.10 -8.09 3.01
C PRO A 528 -3.27 -9.60 3.00
N GLN A 529 -4.49 -10.08 3.24
CA GLN A 529 -4.73 -11.51 3.38
C GLN A 529 -5.64 -12.05 2.28
N ASP A 530 -5.77 -13.38 2.23
CA ASP A 530 -6.51 -14.04 1.17
C ASP A 530 -7.96 -14.32 1.58
N ALA A 531 -8.89 -14.10 0.65
CA ALA A 531 -10.31 -14.32 0.92
C ALA A 531 -10.92 -15.29 -0.08
N SER A 532 -10.11 -16.22 -0.59
CA SER A 532 -10.58 -17.18 -1.59
C SER A 532 -11.38 -18.31 -0.97
N LEU A 534 -13.87 -17.57 0.56
CA LEU A 534 -15.20 -16.98 0.47
C LEU A 534 -15.81 -17.17 -0.92
N PRO A 535 -17.12 -17.42 -0.98
CA PRO A 535 -17.83 -17.48 -2.25
C PRO A 535 -17.96 -16.08 -2.83
N ALA A 536 -18.09 -15.97 -4.15
CA ALA A 536 -18.16 -14.64 -4.76
C ALA A 536 -18.81 -14.68 -6.13
N LEU A 537 -19.48 -13.58 -6.48
CA LEU A 537 -20.00 -13.41 -7.83
C LEU A 537 -18.95 -12.70 -8.66
N LYS A 538 -19.18 -12.61 -9.96
CA LYS A 538 -18.27 -11.93 -10.88
C LYS A 538 -19.00 -10.83 -11.63
N VAL A 539 -18.24 -9.94 -12.26
CA VAL A 539 -18.81 -8.86 -13.06
C VAL A 539 -19.69 -9.41 -14.17
N SER A 540 -19.39 -10.63 -14.63
CA SER A 540 -20.18 -11.28 -15.66
C SER A 540 -21.59 -11.61 -15.18
N ASP A 541 -21.79 -11.58 -13.87
CA ASP A 541 -23.09 -11.89 -13.28
C ASP A 541 -23.98 -10.65 -13.18
N ILE A 542 -23.42 -9.50 -13.56
CA ILE A 542 -24.21 -8.26 -13.58
C ILE A 542 -24.89 -8.13 -14.93
N GLU A 543 -26.18 -7.81 -14.91
CA GLU A 543 -26.92 -7.64 -16.16
C GLU A 543 -26.34 -6.45 -16.92
N PRO A 544 -26.08 -6.65 -18.22
CA PRO A 544 -25.48 -5.62 -19.08
C PRO A 544 -26.40 -4.43 -19.34
N THR A 545 -27.71 -4.68 -19.45
CA THR A 545 -28.66 -3.61 -19.71
C THR A 545 -29.79 -3.58 -18.67
N ILE A 546 -30.38 -2.41 -18.49
CA ILE A 546 -31.51 -2.24 -17.57
C ILE A 546 -32.84 -2.40 -18.31
N PRO A 547 -33.88 -2.86 -17.59
CA PRO A 547 -35.23 -2.95 -18.16
C PRO A 547 -35.79 -1.56 -18.46
N VAL A 548 -36.29 -1.34 -19.67
CA VAL A 548 -36.75 -0.01 -20.06
C VAL A 548 -37.98 0.39 -19.26
N THR A 549 -38.02 1.64 -18.81
CA THR A 549 -39.17 2.15 -18.08
C THR A 549 -40.08 2.87 -19.07
N GLU A 550 -41.33 2.43 -19.14
CA GLU A 550 -42.26 2.95 -20.14
C GLU A 550 -43.04 4.15 -19.62
N LEU A 551 -43.02 5.24 -20.38
CA LEU A 551 -43.70 6.47 -19.98
C LEU A 551 -44.51 7.07 -21.14
N ASP A 552 -45.48 7.92 -20.82
CA ASP A 552 -46.13 8.76 -21.82
C ASP A 552 -46.40 10.13 -21.18
N VAL A 553 -45.90 11.18 -21.82
CA VAL A 553 -46.09 12.54 -21.32
C VAL A 553 -47.18 13.25 -22.11
N VAL A 554 -48.16 13.79 -21.40
CA VAL A 554 -49.27 14.50 -22.04
C VAL A 554 -49.33 15.94 -21.53
N LEU A 555 -49.25 16.91 -22.44
CA LEU A 555 -49.42 18.32 -22.07
C LEU A 555 -50.88 18.61 -21.73
N THR A 556 -51.11 19.19 -20.56
CA THR A 556 -52.48 19.44 -20.11
C THR A 556 -52.65 20.81 -19.43
N ALA A 557 -53.75 21.48 -19.76
CA ALA A 557 -54.17 22.72 -19.08
C ALA A 557 -53.13 23.85 -18.96
N GLY A 558 -52.58 24.37 -20.06
CA GLY A 558 -52.87 23.91 -21.40
C GLY A 558 -51.57 23.42 -22.02
N ASP A 559 -50.49 23.53 -21.26
CA ASP A 559 -49.17 23.12 -21.70
C ASP A 559 -48.32 22.63 -20.52
N ILE A 560 -48.99 22.27 -19.44
CA ILE A 560 -48.34 21.66 -18.29
C ILE A 560 -48.12 20.18 -18.56
N PRO A 561 -46.86 19.75 -18.58
CA PRO A 561 -46.57 18.34 -18.85
C PRO A 561 -46.95 17.44 -17.69
N VAL A 562 -47.60 16.32 -17.98
CA VAL A 562 -47.93 15.35 -16.94
C VAL A 562 -47.41 13.98 -17.38
N GLN A 563 -46.66 13.35 -16.48
CA GLN A 563 -45.99 12.09 -16.76
C GLN A 563 -46.79 10.93 -16.19
N TYR A 564 -47.19 10.00 -17.05
CA TYR A 564 -47.99 8.85 -16.61
C TYR A 564 -47.15 7.58 -16.69
N CYS A 565 -47.09 6.84 -15.58
CA CYS A 565 -46.33 5.60 -15.55
C CYS A 565 -47.18 4.45 -15.00
N ALA A 566 -47.58 3.54 -15.88
CA ALA A 566 -48.40 2.40 -15.50
C ALA A 566 -47.59 1.39 -14.68
N GLN A 567 -48.08 1.08 -13.48
CA GLN A 567 -47.37 0.20 -12.56
C GLN A 567 -48.35 -0.61 -11.72
N PRO A 568 -47.93 -1.82 -11.31
CA PRO A 568 -48.75 -2.64 -10.40
C PRO A 568 -48.76 -2.08 -8.98
N THR A 569 -49.51 -1.00 -8.78
CA THR A 569 -49.52 -0.29 -7.51
C THR A 569 -50.54 -0.88 -6.55
N ASN A 570 -51.25 -1.92 -6.99
CA ASN A 570 -52.25 -2.60 -6.16
C ASN A 570 -53.36 -1.67 -5.69
N GLY A 571 -54.01 -1.00 -6.63
CA GLY A 571 -55.12 -0.12 -6.31
C GLY A 571 -54.70 1.17 -5.62
N MET A 572 -53.46 1.58 -5.84
CA MET A 572 -52.93 2.80 -5.23
C MET A 572 -52.55 3.85 -6.27
N VAL A 573 -52.78 5.12 -5.98
CA VAL A 573 -52.40 6.20 -6.88
C VAL A 573 -51.39 7.15 -6.23
N TYR A 574 -50.29 7.40 -6.94
CA TYR A 574 -49.24 8.28 -6.42
C TYR A 574 -49.12 9.51 -7.31
N PHE A 575 -49.36 10.67 -6.71
CA PHE A 575 -49.35 11.93 -7.45
C PHE A 575 -48.21 12.80 -6.96
N ARG A 576 -47.48 13.38 -7.90
CA ARG A 576 -46.40 14.29 -7.56
C ARG A 576 -46.47 15.52 -8.44
N ALA A 577 -46.06 16.65 -7.89
CA ALA A 577 -46.03 17.89 -8.64
C ALA A 577 -44.79 18.68 -8.27
N PHE A 578 -44.19 19.34 -9.25
CA PHE A 578 -42.98 20.10 -9.02
C PHE A 578 -43.17 21.52 -9.53
N SER A 579 -43.10 22.48 -8.60
CA SER A 579 -43.24 23.88 -8.96
C SER A 579 -41.92 24.59 -8.75
N SER A 580 -41.45 25.27 -9.79
CA SER A 580 -40.14 25.93 -9.74
C SER A 580 -40.11 27.07 -8.71
N LEU A 581 -38.91 27.51 -8.39
CA LEU A 581 -38.72 28.60 -7.43
C LEU A 581 -38.03 29.78 -8.09
N ASN A 582 -38.06 29.79 -9.42
CA ASN A 582 -37.34 30.78 -10.20
C ASN A 582 -37.92 32.18 -10.10
N THR A 583 -39.21 32.28 -9.80
CA THR A 583 -39.85 33.59 -9.71
C THR A 583 -39.78 34.11 -8.27
N LEU A 584 -39.36 33.24 -7.35
CA LEU A 584 -39.33 33.60 -5.94
C LEU A 584 -38.18 34.55 -5.59
N PRO A 585 -38.49 35.64 -4.87
CA PRO A 585 -37.48 36.54 -4.31
C PRO A 585 -36.55 35.83 -3.34
N GLU A 586 -35.26 36.13 -3.42
CA GLU A 586 -34.24 35.42 -2.65
C GLU A 586 -34.33 35.65 -1.16
N GLU A 587 -35.00 36.71 -0.75
CA GLU A 587 -35.18 37.01 0.67
C GLU A 587 -35.99 35.93 1.38
N LEU A 588 -36.89 35.30 0.64
CA LEU A 588 -37.86 34.36 1.21
C LEU A 588 -37.41 32.90 1.14
N ARG A 589 -36.26 32.66 0.51
CA ARG A 589 -35.77 31.30 0.32
C ARG A 589 -35.55 30.49 1.60
N PRO A 590 -34.96 31.11 2.65
CA PRO A 590 -34.77 30.29 3.84
C PRO A 590 -36.07 29.89 4.52
N TYR A 591 -37.17 30.52 4.13
CA TYR A 591 -38.46 30.31 4.78
C TYR A 591 -39.33 29.32 4.00
N VAL A 592 -38.82 28.83 2.88
CA VAL A 592 -39.54 27.86 2.06
C VAL A 592 -39.67 26.47 2.69
N PRO A 593 -38.61 25.95 3.35
CA PRO A 593 -38.82 24.68 4.04
C PRO A 593 -39.89 24.78 5.12
N LEU A 594 -39.86 25.88 5.86
CA LEU A 594 -40.89 26.17 6.85
C LEU A 594 -42.26 26.23 6.21
N PHE A 595 -42.33 26.96 5.09
CA PHE A 595 -43.56 27.09 4.31
C PHE A 595 -44.13 25.73 3.92
N CYS A 596 -43.26 24.86 3.41
CA CYS A 596 -43.69 23.56 2.91
C CYS A 596 -44.18 22.65 4.04
N SER A 597 -43.63 22.85 5.23
CA SER A 597 -43.93 21.98 6.36
C SER A 597 -45.25 22.32 7.03
N VAL A 598 -45.81 23.50 6.71
CA VAL A 598 -47.05 23.93 7.34
C VAL A 598 -48.17 24.08 6.32
N LEU A 599 -47.81 24.10 5.04
CA LEU A 599 -48.76 24.30 3.95
C LEU A 599 -49.98 23.38 4.02
N THR A 600 -49.73 22.13 4.41
CA THR A 600 -50.80 21.11 4.44
C THR A 600 -51.27 20.84 5.86
N LEU A 602 -52.38 23.81 8.02
CA LEU A 602 -52.92 25.06 8.55
C LEU A 602 -54.41 25.24 8.22
N GLY A 603 -54.95 24.34 7.40
CA GLY A 603 -56.35 24.41 7.01
C GLY A 603 -56.52 24.90 5.59
N CYS A 604 -57.60 24.46 4.93
CA CYS A 604 -57.87 24.87 3.56
C CYS A 604 -59.37 25.09 3.34
N GLY A 605 -59.71 26.25 2.80
CA GLY A 605 -61.09 26.60 2.52
C GLY A 605 -61.94 26.69 3.77
N LEU A 606 -62.90 25.78 3.87
CA LEU A 606 -63.85 25.76 4.98
C LEU A 606 -63.36 24.83 6.08
N LEU A 607 -62.15 24.30 5.89
CA LEU A 607 -61.58 23.35 6.83
C LEU A 607 -60.53 24.00 7.72
N ASP A 608 -60.77 23.99 9.03
CA ASP A 608 -59.75 24.39 9.98
C ASP A 608 -58.69 23.30 10.03
N TYR A 609 -57.59 23.53 10.74
CA TYR A 609 -56.48 22.57 10.72
C TYR A 609 -56.89 21.22 11.30
N ARG A 610 -57.86 21.21 12.21
CA ARG A 610 -58.38 19.97 12.76
C ARG A 610 -59.20 19.23 11.71
N GLU A 611 -60.08 19.96 11.04
CA GLU A 611 -60.96 19.39 10.03
C GLU A 611 -60.16 18.92 8.82
N GLN A 612 -59.16 19.71 8.44
CA GLN A 612 -58.30 19.38 7.32
C GLN A 612 -57.51 18.09 7.59
N ALA A 613 -57.05 17.94 8.81
CA ALA A 613 -56.28 16.76 9.19
C ALA A 613 -57.14 15.52 9.11
N GLN A 614 -58.42 15.66 9.46
CA GLN A 614 -59.36 14.54 9.40
C GLN A 614 -59.55 14.04 7.97
N GLN A 615 -59.67 14.97 7.03
CA GLN A 615 -59.86 14.61 5.63
C GLN A 615 -58.63 13.95 5.01
N ILE A 616 -57.46 14.50 5.31
CA ILE A 616 -56.22 14.01 4.75
C ILE A 616 -55.98 12.56 5.20
N GLU A 617 -56.24 12.30 6.47
CA GLU A 617 -56.04 10.98 7.04
C GLU A 617 -57.13 9.98 6.60
N LEU A 618 -58.28 10.49 6.21
CA LEU A 618 -59.43 9.64 5.83
C LEU A 618 -59.48 9.35 4.33
N THR A 620 -56.56 10.36 1.96
CA THR A 620 -55.23 10.17 1.40
C THR A 620 -54.36 9.31 2.31
N GLY A 621 -53.14 9.00 1.84
CA GLY A 621 -52.17 8.31 2.66
C GLY A 621 -51.18 9.30 3.19
N GLY A 622 -51.40 10.56 2.80
CA GLY A 622 -50.53 11.65 3.19
C GLY A 622 -50.32 12.61 2.05
N MET A 623 -50.26 13.89 2.37
CA MET A 623 -49.94 14.91 1.39
C MET A 623 -48.86 15.81 1.97
N SER A 624 -47.74 15.91 1.26
CA SER A 624 -46.62 16.67 1.79
C SER A 624 -45.99 17.57 0.73
N ALA A 625 -45.29 18.59 1.20
CA ALA A 625 -44.52 19.47 0.34
C ALA A 625 -43.11 19.59 0.90
N SER A 626 -42.12 19.60 0.01
CA SER A 626 -40.73 19.69 0.43
C SER A 626 -39.91 20.39 -0.63
N PRO A 627 -38.95 21.22 -0.21
CA PRO A 627 -38.07 21.94 -1.13
C PRO A 627 -36.95 21.04 -1.64
N HIS A 628 -36.60 21.18 -2.91
CA HIS A 628 -35.60 20.32 -3.51
C HIS A 628 -34.60 21.12 -4.35
N VAL A 629 -33.35 20.71 -4.28
CA VAL A 629 -32.33 21.26 -5.16
C VAL A 629 -31.84 20.13 -6.05
N LEU A 630 -32.16 20.23 -7.34
CA LEU A 630 -31.83 19.16 -8.28
C LEU A 630 -30.71 19.61 -9.19
N PRO A 631 -29.50 19.08 -8.95
CA PRO A 631 -28.34 19.50 -9.74
C PRO A 631 -28.43 19.04 -11.19
N ASP A 632 -27.88 19.83 -12.11
CA ASP A 632 -27.81 19.44 -13.51
C ASP A 632 -26.75 18.35 -13.67
N ASP A 633 -26.86 17.57 -14.74
CA ASP A 633 -25.98 16.42 -14.92
C ASP A 633 -24.75 16.72 -15.77
N SER A 634 -24.65 17.95 -16.27
CA SER A 634 -23.57 18.31 -17.18
C SER A 634 -22.94 19.66 -16.86
N HIS A 635 -23.35 20.27 -15.76
CA HIS A 635 -22.78 21.55 -15.35
C HIS A 635 -22.88 21.71 -13.84
N MET A 636 -21.72 21.79 -13.20
CA MET A 636 -21.63 21.84 -11.74
C MET A 636 -22.36 23.05 -11.15
N ASP A 637 -22.41 24.13 -11.91
CA ASP A 637 -22.99 25.38 -11.43
C ASP A 637 -24.35 25.61 -12.09
N THR A 638 -25.06 24.52 -12.36
CA THR A 638 -26.41 24.58 -12.91
C THR A 638 -27.30 23.66 -12.08
N TYR A 639 -28.49 24.13 -11.72
CA TYR A 639 -29.38 23.35 -10.86
C TYR A 639 -30.83 23.75 -11.05
N GLU A 640 -31.73 22.89 -10.59
CA GLU A 640 -33.16 23.18 -10.61
C GLU A 640 -33.65 23.33 -9.18
N GLN A 641 -34.31 24.44 -8.91
CA GLN A 641 -34.83 24.71 -7.57
C GLN A 641 -36.36 24.73 -7.61
N GLY A 642 -36.98 24.04 -6.65
CA GLY A 642 -38.42 23.96 -6.62
C GLY A 642 -38.96 23.22 -5.42
N VAL A 643 -40.27 23.04 -5.41
CA VAL A 643 -40.95 22.33 -4.32
C VAL A 643 -41.68 21.11 -4.89
N LEU A 644 -41.50 19.96 -4.24
CA LEU A 644 -42.16 18.75 -4.70
C LEU A 644 -43.38 18.46 -3.84
N PHE A 645 -44.55 18.51 -4.47
CA PHE A 645 -45.77 18.13 -3.79
C PHE A 645 -45.99 16.64 -4.02
N SER A 646 -46.24 15.91 -2.95
CA SER A 646 -46.42 14.47 -3.05
C SER A 646 -47.65 14.05 -2.26
N SER A 647 -48.44 13.17 -2.86
CA SER A 647 -49.64 12.68 -2.21
C SER A 647 -49.89 11.25 -2.64
N LEU A 648 -50.75 10.57 -1.90
CA LEU A 648 -51.04 9.17 -2.16
C LEU A 648 -52.45 8.83 -1.70
N CYS A 649 -53.14 7.98 -2.46
CA CYS A 649 -54.50 7.58 -2.10
C CYS A 649 -54.89 6.25 -2.74
N LEU A 650 -55.94 5.64 -2.19
CA LEU A 650 -56.58 4.47 -2.79
C LEU A 650 -57.32 4.86 -4.07
N ASP A 651 -57.56 3.89 -4.95
CA ASP A 651 -58.21 4.15 -6.23
C ASP A 651 -59.52 4.94 -6.07
N ARG A 652 -60.30 4.59 -5.05
CA ARG A 652 -61.64 5.13 -4.90
C ARG A 652 -61.67 6.55 -4.36
N ASN A 653 -60.63 6.96 -3.66
CA ASN A 653 -60.59 8.28 -3.04
C ASN A 653 -59.76 9.28 -3.83
N LEU A 654 -59.46 8.94 -5.08
CA LEU A 654 -58.67 9.80 -5.95
C LEU A 654 -59.25 11.22 -6.14
N PRO A 655 -60.57 11.34 -6.40
CA PRO A 655 -61.06 12.70 -6.60
C PRO A 655 -60.94 13.57 -5.35
N ASP A 656 -61.09 12.96 -4.17
CA ASP A 656 -60.96 13.70 -2.91
C ASP A 656 -59.56 14.29 -2.76
N MET A 657 -58.55 13.49 -3.11
CA MET A 657 -57.15 13.89 -2.98
C MET A 657 -56.86 15.11 -3.84
N MET A 658 -57.29 15.06 -5.09
CA MET A 658 -57.02 16.16 -6.02
C MET A 658 -57.87 17.38 -5.67
N GLN A 659 -59.00 17.15 -5.00
CA GLN A 659 -59.84 18.24 -4.52
C GLN A 659 -59.18 18.91 -3.32
N LEU A 660 -58.51 18.11 -2.50
CA LEU A 660 -57.75 18.62 -1.38
C LEU A 660 -56.61 19.51 -1.89
N TRP A 661 -55.93 19.03 -2.93
CA TRP A 661 -54.83 19.79 -3.52
C TRP A 661 -55.32 21.11 -4.10
N SER A 662 -56.50 21.09 -4.71
CA SER A 662 -57.04 22.30 -5.31
C SER A 662 -57.33 23.36 -4.26
N GLU A 663 -57.86 22.93 -3.12
CA GLU A 663 -58.25 23.87 -2.08
C GLU A 663 -57.03 24.40 -1.34
N ILE A 664 -56.00 23.56 -1.25
CA ILE A 664 -54.74 23.96 -0.62
C ILE A 664 -54.02 24.99 -1.50
N PHE A 665 -54.14 24.83 -2.81
CA PHE A 665 -53.53 25.75 -3.77
C PHE A 665 -54.31 27.07 -3.91
N ASN A 666 -55.62 27.02 -3.68
CA ASN A 666 -56.47 28.17 -3.94
C ASN A 666 -56.95 28.91 -2.68
N ASN A 667 -57.12 28.17 -1.58
CA ASN A 667 -57.51 28.79 -0.31
C ASN A 667 -56.84 28.23 0.93
N PRO A 668 -55.52 28.40 1.06
CA PRO A 668 -54.85 27.96 2.29
C PRO A 668 -55.02 28.98 3.42
N CYS A 669 -55.19 28.51 4.65
CA CYS A 669 -55.42 29.38 5.79
C CYS A 669 -54.12 29.80 6.50
N PHE A 670 -53.52 30.89 6.03
CA PHE A 670 -52.29 31.42 6.63
C PHE A 670 -52.59 32.34 7.83
N GLU A 671 -53.78 32.17 8.40
CA GLU A 671 -54.23 33.01 9.49
C GLU A 671 -54.27 32.27 10.82
N GLU A 672 -54.18 30.93 10.75
CA GLU A 672 -54.15 30.16 11.98
C GLU A 672 -52.78 30.31 12.61
N GLU A 673 -52.68 31.30 13.49
CA GLU A 673 -51.40 31.72 14.06
C GLU A 673 -51.04 30.92 15.30
N GLU A 674 -52.05 30.49 16.04
CA GLU A 674 -51.81 29.78 17.29
C GLU A 674 -51.24 28.40 17.01
N HIS A 675 -51.86 27.71 16.06
CA HIS A 675 -51.41 26.38 15.66
C HIS A 675 -50.07 26.46 14.94
N PHE A 676 -49.83 27.59 14.29
CA PHE A 676 -48.59 27.81 13.56
C PHE A 676 -47.37 27.77 14.48
N LYS A 677 -47.48 28.41 15.64
CA LYS A 677 -46.38 28.41 16.61
C LYS A 677 -46.14 27.00 17.14
N VAL A 678 -47.21 26.21 17.26
CA VAL A 678 -47.10 24.84 17.72
C VAL A 678 -46.27 24.01 16.74
N LEU A 679 -46.58 24.15 15.45
CA LEU A 679 -45.88 23.41 14.41
C LEU A 679 -44.41 23.81 14.32
N VAL A 680 -44.14 25.10 14.48
CA VAL A 680 -42.79 25.64 14.39
C VAL A 680 -41.95 25.18 15.58
N LYS A 681 -42.52 25.30 16.78
CA LYS A 681 -41.83 24.87 17.98
C LYS A 681 -41.58 23.35 17.96
N MET A 682 -42.46 22.63 17.26
CA MET A 682 -42.35 21.18 17.14
C MET A 682 -41.29 20.78 16.11
N THR A 683 -41.30 21.44 14.96
CA THR A 683 -40.33 21.16 13.91
C THR A 683 -38.90 21.47 14.37
N ALA A 684 -38.76 22.58 15.08
CA ALA A 684 -37.46 23.00 15.60
C ALA A 684 -36.91 22.01 16.60
N GLN A 685 -37.78 21.50 17.46
CA GLN A 685 -37.41 20.53 18.48
C GLN A 685 -36.94 19.22 17.83
N GLU A 686 -37.66 18.79 16.81
CA GLU A 686 -37.36 17.55 16.11
C GLU A 686 -36.05 17.65 15.34
N LEU A 687 -35.82 18.81 14.75
CA LEU A 687 -34.61 19.05 13.98
C LEU A 687 -33.35 19.05 14.85
N ALA A 688 -33.46 19.63 16.04
CA ALA A 688 -32.32 19.71 16.95
C ALA A 688 -31.98 18.36 17.57
N ASN A 689 -32.99 17.53 17.79
CA ASN A 689 -32.79 16.23 18.42
C ASN A 689 -32.15 15.22 17.47
N GLY A 690 -32.29 15.48 16.18
CA GLY A 690 -31.83 14.55 15.16
C GLY A 690 -30.44 14.85 14.62
N ILE A 691 -29.80 15.88 15.15
CA ILE A 691 -28.48 16.27 14.67
C ILE A 691 -27.40 15.19 14.88
N PRO A 692 -27.28 14.63 16.11
CA PRO A 692 -26.23 13.61 16.29
C PRO A 692 -26.38 12.40 15.36
N ASP A 693 -27.58 11.88 15.20
CA ASP A 693 -27.79 10.67 14.42
C ASP A 693 -27.50 10.91 12.93
N SER A 694 -27.57 12.18 12.51
CA SER A 694 -27.30 12.54 11.13
C SER A 694 -26.15 13.53 11.06
N GLY A 695 -25.27 13.47 12.06
CA GLY A 695 -24.17 14.39 12.20
C GLY A 695 -23.22 14.48 11.02
N HIS A 696 -22.98 13.35 10.37
CA HIS A 696 -22.06 13.33 9.23
C HIS A 696 -22.71 14.00 8.02
N LEU A 697 -24.03 13.96 7.96
CA LEU A 697 -24.77 14.60 6.89
C LEU A 697 -24.71 16.12 7.04
N TYR A 698 -24.97 16.61 8.25
CA TYR A 698 -24.88 18.04 8.52
C TYR A 698 -23.45 18.54 8.33
N ALA A 699 -22.48 17.64 8.55
CA ALA A 699 -21.08 17.94 8.33
C ALA A 699 -20.77 18.02 6.84
N SER A 700 -21.32 17.07 6.10
N SER A 700 -21.34 17.09 6.09
CA SER A 700 -21.11 17.00 4.66
CA SER A 700 -21.10 17.02 4.65
C SER A 700 -21.75 18.19 3.93
C SER A 700 -21.76 18.17 3.90
N ILE A 701 -22.94 18.58 4.36
CA ILE A 701 -23.68 19.66 3.71
C ILE A 701 -22.98 21.01 3.93
N ARG A 702 -22.44 21.22 5.12
CA ARG A 702 -21.69 22.44 5.40
C ARG A 702 -20.39 22.47 4.59
N ALA A 703 -19.70 21.32 4.56
CA ALA A 703 -18.43 21.22 3.87
C ALA A 703 -18.57 21.52 2.38
N GLY A 704 -19.73 21.22 1.82
CA GLY A 704 -19.95 21.41 0.40
C GLY A 704 -20.70 22.69 0.02
N ARG A 705 -20.95 23.55 1.01
CA ARG A 705 -21.71 24.77 0.76
C ARG A 705 -20.95 25.73 -0.16
N THR A 706 -19.63 25.69 -0.07
CA THR A 706 -18.80 26.68 -0.76
C THR A 706 -18.25 26.13 -2.07
N LEU A 707 -18.77 24.99 -2.51
CA LEU A 707 -18.27 24.32 -3.71
C LEU A 707 -19.22 24.43 -4.88
N THR A 708 -20.53 24.44 -4.58
CA THR A 708 -21.55 24.44 -5.61
C THR A 708 -22.69 25.37 -5.22
N PRO A 709 -23.32 26.04 -6.21
CA PRO A 709 -24.52 26.83 -5.92
C PRO A 709 -25.60 25.96 -5.29
N ALA A 710 -25.77 24.75 -5.81
CA ALA A 710 -26.74 23.80 -5.27
C ALA A 710 -26.39 23.42 -3.84
N GLY A 711 -25.10 23.23 -3.58
CA GLY A 711 -24.63 22.93 -2.25
C GLY A 711 -24.93 24.07 -1.31
N ASP A 712 -24.76 25.29 -1.84
CA ASP A 712 -25.02 26.50 -1.09
C ASP A 712 -26.50 26.59 -0.74
N LEU A 713 -27.33 26.18 -1.70
CA LEU A 713 -28.78 26.23 -1.53
C LEU A 713 -29.26 25.13 -0.59
N GLN A 714 -28.61 23.97 -0.67
CA GLN A 714 -28.98 22.83 0.17
C GLN A 714 -28.68 23.13 1.63
N GLU A 715 -27.63 23.90 1.87
CA GLU A 715 -27.29 24.33 3.22
C GLU A 715 -28.37 25.25 3.79
N THR A 716 -28.95 26.09 2.93
CA THR A 716 -30.01 26.99 3.33
C THR A 716 -31.28 26.21 3.68
N PHE A 717 -31.55 25.14 2.92
CA PHE A 717 -32.77 24.36 3.05
C PHE A 717 -32.77 23.32 4.16
N SER A 718 -31.62 22.68 4.41
CA SER A 718 -31.57 21.55 5.34
C SER A 718 -30.28 21.47 6.13
N GLY A 719 -29.49 22.54 6.11
CA GLY A 719 -28.24 22.57 6.83
C GLY A 719 -28.43 23.00 8.26
N MET A 720 -27.32 23.31 8.92
CA MET A 720 -27.38 23.82 10.29
C MET A 720 -27.97 25.21 10.28
N ASP A 721 -27.85 25.90 9.16
CA ASP A 721 -28.46 27.21 8.98
C ASP A 721 -29.98 27.11 9.08
N GLN A 722 -30.53 26.03 8.53
CA GLN A 722 -31.97 25.81 8.58
C GLN A 722 -32.39 25.43 9.99
N VAL A 723 -31.55 24.65 10.66
CA VAL A 723 -31.83 24.25 12.04
C VAL A 723 -31.78 25.46 12.95
N ARG A 724 -30.75 26.27 12.78
CA ARG A 724 -30.56 27.49 13.57
C ARG A 724 -31.67 28.51 13.33
N LEU A 725 -32.09 28.66 12.07
CA LEU A 725 -33.15 29.58 11.70
C LEU A 725 -34.48 29.20 12.34
N MET A 726 -34.84 27.93 12.23
CA MET A 726 -36.07 27.42 12.82
C MET A 726 -36.12 27.63 14.32
N LYS A 727 -34.98 27.47 14.98
CA LYS A 727 -34.85 27.65 16.41
C LYS A 727 -35.10 29.10 16.82
N ARG A 728 -34.59 30.04 16.03
CA ARG A 728 -34.79 31.46 16.27
C ARG A 728 -36.26 31.84 16.13
N ILE A 729 -36.92 31.32 15.11
CA ILE A 729 -38.35 31.58 14.90
C ILE A 729 -39.17 31.02 16.07
N ALA A 730 -38.76 29.86 16.59
CA ALA A 730 -39.46 29.25 17.72
C ALA A 730 -39.21 30.02 19.02
N GLU A 731 -38.24 30.93 18.99
CA GLU A 731 -37.91 31.75 20.14
C GLU A 731 -38.57 33.14 20.03
N MET A 732 -39.10 33.44 18.84
CA MET A 732 -39.74 34.73 18.61
C MET A 732 -40.98 34.93 19.45
N THR A 733 -41.08 36.10 20.08
CA THR A 733 -42.23 36.44 20.91
C THR A 733 -43.39 36.91 20.04
N ASP A 734 -43.07 37.55 18.92
CA ASP A 734 -44.06 37.99 17.95
C ASP A 734 -43.86 37.22 16.64
N ILE A 735 -44.70 36.21 16.41
CA ILE A 735 -44.53 35.31 15.27
C ILE A 735 -45.11 35.87 13.97
N LYS A 736 -45.90 36.93 14.08
CA LYS A 736 -46.61 37.49 12.92
C LYS A 736 -45.72 37.85 11.71
N PRO A 737 -44.56 38.51 11.93
CA PRO A 737 -43.77 38.88 10.75
C PRO A 737 -43.24 37.70 9.92
N ILE A 738 -43.14 36.51 10.52
CA ILE A 738 -42.77 35.32 9.75
C ILE A 738 -44.01 34.82 9.03
N LEU A 739 -45.14 34.90 9.72
CA LEU A 739 -46.41 34.40 9.19
C LEU A 739 -46.84 35.18 7.95
N ARG A 740 -46.45 36.44 7.87
CA ARG A 740 -46.83 37.29 6.75
C ARG A 740 -46.02 36.94 5.50
N LYS A 741 -44.94 36.20 5.68
CA LYS A 741 -44.07 35.82 4.58
C LYS A 741 -44.69 34.71 3.72
N LEU A 742 -45.58 33.94 4.33
CA LEU A 742 -46.20 32.80 3.65
C LEU A 742 -47.10 33.17 2.45
N PRO A 743 -47.94 34.22 2.57
CA PRO A 743 -48.71 34.58 1.38
C PRO A 743 -47.83 35.01 0.22
N ARG A 744 -46.68 35.60 0.52
CA ARG A 744 -45.75 36.05 -0.50
C ARG A 744 -45.14 34.87 -1.23
N ILE A 745 -44.87 33.81 -0.48
CA ILE A 745 -44.34 32.58 -1.05
C ILE A 745 -45.45 31.86 -1.82
N LYS A 746 -46.67 31.94 -1.29
CA LYS A 746 -47.83 31.32 -1.91
C LYS A 746 -48.07 31.81 -3.34
N LYS A 747 -47.89 33.11 -3.58
CA LYS A 747 -48.21 33.69 -4.87
C LYS A 747 -47.17 33.34 -5.94
N HIS A 748 -45.99 32.93 -5.52
CA HIS A 748 -44.98 32.44 -6.46
C HIS A 748 -45.00 30.93 -6.63
N LEU A 749 -45.47 30.21 -5.61
CA LEU A 749 -45.39 28.75 -5.64
C LEU A 749 -46.69 28.09 -6.09
N LEU A 750 -47.78 28.36 -5.39
CA LEU A 750 -49.03 27.65 -5.60
C LEU A 750 -49.81 28.12 -6.83
N ASN A 751 -49.23 27.87 -8.00
CA ASN A 751 -49.89 28.15 -9.28
C ASN A 751 -49.38 27.21 -10.36
N GLY A 752 -49.81 27.42 -11.60
CA GLY A 752 -49.45 26.53 -12.69
C GLY A 752 -48.50 27.11 -13.71
N ASP A 753 -47.77 28.15 -13.32
CA ASP A 753 -46.88 28.86 -14.23
C ASP A 753 -45.64 28.05 -14.58
N ASN A 754 -44.95 27.51 -13.56
CA ASN A 754 -43.75 26.72 -13.78
C ASN A 754 -43.88 25.32 -13.18
N MET A 755 -44.67 24.47 -13.83
CA MET A 755 -45.07 23.20 -13.22
C MET A 755 -44.92 21.98 -14.14
N ARG A 756 -44.65 20.83 -13.52
CA ARG A 756 -44.78 19.53 -14.19
C ARG A 756 -45.24 18.53 -13.15
N CYS A 757 -45.97 17.50 -13.59
CA CYS A 757 -46.56 16.54 -12.68
C CYS A 757 -46.27 15.12 -13.11
N SER A 758 -46.44 14.18 -12.18
CA SER A 758 -46.29 12.76 -12.48
C SER A 758 -47.41 11.97 -11.82
N VAL A 759 -47.82 10.88 -12.46
CA VAL A 759 -48.84 10.00 -11.92
C VAL A 759 -48.38 8.55 -12.03
N ASN A 760 -48.42 7.83 -10.92
CA ASN A 760 -48.16 6.39 -10.92
C ASN A 760 -49.40 5.64 -10.46
N ALA A 761 -49.91 4.77 -11.33
CA ALA A 761 -51.11 4.01 -11.00
C ALA A 761 -51.22 2.76 -11.87
N THR A 762 -52.19 1.92 -11.55
CA THR A 762 -52.49 0.74 -12.36
C THR A 762 -53.01 1.19 -13.72
N PRO A 763 -52.74 0.40 -14.76
CA PRO A 763 -53.22 0.76 -16.11
C PRO A 763 -54.75 0.84 -16.19
N GLN A 764 -55.44 0.12 -15.32
CA GLN A 764 -56.89 0.14 -15.26
C GLN A 764 -57.42 1.45 -14.69
N GLN A 765 -56.58 2.15 -13.93
CA GLN A 765 -56.98 3.35 -13.21
C GLN A 765 -56.57 4.62 -13.97
N MET A 766 -55.64 4.47 -14.89
CA MET A 766 -55.02 5.61 -15.57
C MET A 766 -55.98 6.62 -16.21
N PRO A 767 -57.02 6.15 -16.95
CA PRO A 767 -57.89 7.16 -17.56
C PRO A 767 -58.66 8.00 -16.55
N GLN A 768 -59.02 7.42 -15.40
CA GLN A 768 -59.74 8.15 -14.37
C GLN A 768 -58.86 9.22 -13.75
N THR A 769 -57.56 8.92 -13.64
CA THR A 769 -56.59 9.85 -13.06
C THR A 769 -56.32 11.03 -13.98
N GLU A 770 -56.31 10.76 -15.28
CA GLU A 770 -56.07 11.80 -16.27
C GLU A 770 -57.11 12.92 -16.20
N LYS A 771 -58.31 12.58 -15.75
CA LYS A 771 -59.37 13.56 -15.60
C LYS A 771 -59.19 14.39 -14.33
N ALA A 772 -59.10 13.71 -13.19
CA ALA A 772 -58.96 14.38 -11.89
C ALA A 772 -57.73 15.27 -11.85
N VAL A 773 -56.63 14.81 -12.43
CA VAL A 773 -55.41 15.60 -12.49
C VAL A 773 -55.62 16.83 -13.36
N GLU A 774 -56.25 16.64 -14.51
CA GLU A 774 -56.53 17.74 -15.45
C GLU A 774 -57.48 18.76 -14.83
N ASP A 775 -58.45 18.28 -14.06
CA ASP A 775 -59.37 19.16 -13.34
C ASP A 775 -58.62 19.96 -12.27
N PHE A 776 -57.67 19.31 -11.61
CA PHE A 776 -56.85 19.99 -10.61
C PHE A 776 -56.00 21.10 -11.22
N LEU A 777 -55.43 20.83 -12.38
CA LEU A 777 -54.54 21.79 -13.04
C LEU A 777 -55.27 23.03 -13.55
N ARG A 778 -56.55 22.88 -13.88
CA ARG A 778 -57.33 24.01 -14.40
C ARG A 778 -57.85 24.91 -13.29
N SER A 779 -57.82 24.41 -12.07
CA SER A 779 -58.39 25.13 -10.93
C SER A 779 -57.37 26.00 -10.21
N ILE A 780 -56.15 26.06 -10.74
CA ILE A 780 -55.11 26.89 -10.14
C ILE A 780 -54.66 28.02 -11.07
N GLY A 781 -54.25 29.14 -10.47
CA GLY A 781 -54.00 30.37 -11.20
C GLY A 781 -52.96 30.31 -12.29
N ARG A 782 -53.06 31.23 -13.25
CA ARG A 782 -52.04 31.38 -14.28
C ARG A 782 -51.69 32.85 -14.46
N SER A 783 -50.76 33.14 -15.37
CA SER A 783 -50.25 34.50 -15.61
C SER A 783 -49.98 35.29 -14.33
N PRO A 789 -38.10 35.69 -14.18
CA PRO A 789 -37.23 35.11 -13.14
C PRO A 789 -36.19 36.09 -12.63
N VAL A 790 -35.88 36.01 -11.34
CA VAL A 790 -34.99 36.98 -10.69
C VAL A 790 -33.52 36.83 -11.07
N ARG A 791 -33.09 35.62 -11.42
CA ARG A 791 -31.66 35.38 -11.65
C ARG A 791 -31.21 35.14 -13.08
N PRO A 792 -30.12 35.83 -13.47
CA PRO A 792 -29.34 35.56 -14.68
C PRO A 792 -28.41 34.38 -14.42
N HIS A 793 -28.49 33.33 -15.23
CA HIS A 793 -29.43 33.30 -16.34
C HIS A 793 -30.36 32.13 -16.19
N THR A 794 -31.24 31.95 -17.18
CA THR A 794 -32.14 30.82 -17.18
C THR A 794 -31.85 30.00 -18.43
N VAL A 795 -31.62 28.70 -18.26
CA VAL A 795 -31.32 27.85 -19.40
C VAL A 795 -32.51 26.96 -19.70
N GLU A 796 -32.81 26.79 -20.99
CA GLU A 796 -33.83 25.85 -21.41
C GLU A 796 -33.12 24.54 -21.74
N LYS A 797 -33.54 23.46 -21.09
CA LYS A 797 -32.91 22.17 -21.31
C LYS A 797 -33.95 21.11 -21.60
N PRO A 798 -33.93 20.58 -22.84
CA PRO A 798 -34.88 19.54 -23.24
C PRO A 798 -34.70 18.23 -22.48
N VAL A 815 -42.06 19.63 -22.15
CA VAL A 815 -40.81 18.88 -22.26
C VAL A 815 -39.59 19.79 -22.08
N ILE A 816 -39.72 20.82 -21.25
CA ILE A 816 -38.65 21.78 -21.03
C ILE A 816 -38.55 22.19 -19.56
N ARG A 817 -37.36 22.05 -18.99
CA ARG A 817 -37.11 22.47 -17.62
C ARG A 817 -36.29 23.75 -17.62
N LYS A 818 -36.63 24.68 -16.73
CA LYS A 818 -35.95 25.97 -16.67
C LYS A 818 -35.01 26.01 -15.47
N LEU A 819 -33.72 25.98 -15.74
CA LEU A 819 -32.75 25.86 -14.66
C LEU A 819 -32.01 27.16 -14.40
N VAL A 820 -31.61 27.35 -13.15
CA VAL A 820 -30.80 28.49 -12.74
C VAL A 820 -29.33 28.20 -12.99
N MET A 821 -28.67 29.09 -13.72
CA MET A 821 -27.25 28.98 -13.98
C MET A 821 -26.50 30.14 -13.36
N GLU A 822 -25.47 29.82 -12.58
CA GLU A 822 -24.60 30.84 -11.99
C GLU A 822 -23.18 30.66 -12.50
N PRO A 823 -22.91 31.12 -13.72
CA PRO A 823 -21.64 30.83 -14.40
C PRO A 823 -20.45 31.62 -13.84
N THR A 824 -20.72 32.53 -12.92
CA THR A 824 -19.65 33.26 -12.25
C THR A 824 -19.46 32.74 -10.83
N PHE A 825 -19.97 31.55 -10.55
CA PHE A 825 -19.80 30.99 -9.21
C PHE A 825 -18.36 30.57 -9.04
N LYS A 826 -17.75 31.07 -7.98
CA LYS A 826 -16.39 30.69 -7.68
C LYS A 826 -16.36 29.90 -6.40
N PRO A 827 -15.92 28.63 -6.48
CA PRO A 827 -15.77 27.82 -5.28
C PRO A 827 -14.66 28.42 -4.41
N TRP A 828 -14.77 28.22 -3.10
CA TRP A 828 -13.87 28.85 -2.15
C TRP A 828 -13.63 27.84 -1.03
N GLN A 829 -12.39 27.73 -0.57
CA GLN A 829 -12.07 26.74 0.44
C GLN A 829 -12.60 27.18 1.81
N MET A 830 -13.15 26.24 2.56
CA MET A 830 -13.67 26.58 3.89
C MET A 830 -13.62 25.39 4.86
N THR A 832 -14.94 24.28 8.81
CA THR A 832 -15.84 24.68 9.89
C THR A 832 -15.92 23.65 11.02
N HIS A 833 -15.82 24.12 12.25
CA HIS A 833 -15.96 23.27 13.43
C HIS A 833 -17.13 23.71 14.29
N PHE A 834 -18.21 22.92 14.28
CA PHE A 834 -19.36 23.19 15.13
C PHE A 834 -19.10 22.67 16.54
N LEU A 835 -18.97 23.58 17.50
CA LEU A 835 -18.79 23.18 18.90
C LEU A 835 -20.05 22.56 19.47
N MET A 836 -20.07 21.23 19.51
CA MET A 836 -21.18 20.50 20.08
C MET A 836 -20.73 19.74 21.32
N PRO A 837 -21.60 19.63 22.32
CA PRO A 837 -21.29 18.91 23.55
C PRO A 837 -21.40 17.39 23.35
N PHE A 838 -20.63 16.87 22.41
CA PHE A 838 -20.69 15.45 22.09
C PHE A 838 -19.48 14.69 22.63
N PRO A 839 -19.65 13.39 22.90
CA PRO A 839 -18.51 12.55 23.27
C PRO A 839 -17.82 11.97 22.03
N VAL A 840 -18.39 12.21 20.86
CA VAL A 840 -17.85 11.69 19.61
C VAL A 840 -17.87 12.75 18.52
N ASN A 841 -17.18 12.49 17.41
CA ASN A 841 -17.08 13.47 16.32
C ASN A 841 -17.73 13.02 15.02
N TYR A 842 -17.97 13.98 14.13
CA TYR A 842 -18.51 13.72 12.80
C TYR A 842 -17.72 14.58 11.81
N VAL A 843 -16.99 13.92 10.92
CA VAL A 843 -16.09 14.64 10.03
C VAL A 843 -16.54 14.49 8.58
N GLY A 844 -16.44 15.57 7.81
CA GLY A 844 -16.75 15.54 6.39
C GLY A 844 -15.77 16.37 5.58
N GLU A 845 -15.26 15.79 4.50
CA GLU A 845 -14.43 16.52 3.56
C GLU A 845 -14.99 16.37 2.16
N CYS A 846 -15.28 17.50 1.51
CA CYS A 846 -15.90 17.49 0.19
C CYS A 846 -14.99 18.06 -0.90
N ILE A 847 -14.98 17.42 -2.05
CA ILE A 847 -14.16 17.85 -3.18
C ILE A 847 -14.98 18.03 -4.45
N ARG A 848 -14.80 19.16 -5.12
CA ARG A 848 -15.55 19.45 -6.34
C ARG A 848 -14.91 18.78 -7.55
N THR A 849 -15.62 17.78 -8.09
CA THR A 849 -15.11 17.01 -9.23
C THR A 849 -15.88 17.30 -10.53
N VAL A 850 -16.44 16.26 -11.13
CA VAL A 850 -17.13 16.39 -12.41
C VAL A 850 -18.52 15.82 -12.29
N PRO A 851 -19.45 16.28 -13.15
CA PRO A 851 -20.84 15.81 -13.09
C PRO A 851 -21.07 14.44 -13.75
N TYR A 852 -22.33 14.02 -13.75
CA TYR A 852 -22.75 12.69 -14.15
C TYR A 852 -22.32 12.27 -15.56
N THR A 853 -22.48 13.17 -16.52
CA THR A 853 -22.27 12.81 -17.93
C THR A 853 -20.80 12.84 -18.34
N ASP A 854 -19.93 13.30 -17.45
CA ASP A 854 -18.49 13.26 -17.71
C ASP A 854 -18.01 11.81 -17.56
N PRO A 855 -17.24 11.32 -18.53
CA PRO A 855 -16.72 9.94 -18.50
C PRO A 855 -15.87 9.63 -17.26
N ASP A 856 -15.29 10.66 -16.64
CA ASP A 856 -14.48 10.46 -15.45
C ASP A 856 -15.35 10.22 -14.21
N HIS A 857 -16.62 10.57 -14.31
CA HIS A 857 -17.54 10.43 -13.17
C HIS A 857 -17.69 8.98 -12.77
N ALA A 858 -17.79 8.10 -13.75
CA ALA A 858 -17.92 6.67 -13.48
C ALA A 858 -16.67 6.15 -12.76
N SER A 859 -15.51 6.65 -13.15
CA SER A 859 -14.25 6.26 -12.52
C SER A 859 -14.22 6.68 -11.05
N LEU A 860 -14.62 7.92 -10.79
CA LEU A 860 -14.74 8.44 -9.44
C LEU A 860 -15.72 7.65 -8.59
N LYS A 861 -16.80 7.19 -9.20
CA LYS A 861 -17.80 6.40 -8.51
C LYS A 861 -17.21 5.06 -8.03
N ILE A 862 -16.46 4.41 -8.92
CA ILE A 862 -15.76 3.18 -8.56
C ILE A 862 -14.68 3.44 -7.50
N LEU A 863 -13.94 4.51 -7.71
CA LEU A 863 -12.86 4.89 -6.80
C LEU A 863 -13.36 5.15 -5.38
N ALA A 864 -14.52 5.78 -5.26
CA ALA A 864 -15.07 6.12 -3.95
C ALA A 864 -15.34 4.88 -3.09
N ARG A 865 -15.96 3.87 -3.69
CA ARG A 865 -16.26 2.64 -2.98
C ARG A 865 -14.98 1.82 -2.78
N LEU A 866 -14.11 1.85 -3.80
CA LEU A 866 -12.80 1.23 -3.73
C LEU A 866 -11.99 1.73 -2.53
N MET A 867 -11.91 3.05 -2.38
CA MET A 867 -11.20 3.65 -1.26
C MET A 867 -11.85 3.27 0.07
N THR A 868 -13.18 3.20 0.07
CA THR A 868 -13.92 2.87 1.27
C THR A 868 -13.67 1.43 1.70
N ALA A 869 -13.76 0.51 0.74
CA ALA A 869 -13.64 -0.91 1.04
C ALA A 869 -12.22 -1.30 1.44
N LYS A 870 -11.23 -0.69 0.82
CA LYS A 870 -9.84 -1.12 1.00
C LYS A 870 -8.91 -0.15 1.74
N PHE A 871 -9.44 0.99 2.20
CA PHE A 871 -8.59 1.91 2.95
C PHE A 871 -9.29 2.55 4.15
N LEU A 872 -10.31 3.34 3.87
CA LEU A 872 -10.94 4.17 4.90
C LEU A 872 -11.64 3.32 5.97
N HIS A 873 -12.26 2.22 5.55
CA HIS A 873 -12.91 1.34 6.51
C HIS A 873 -11.87 0.79 7.49
N THR A 874 -10.72 0.39 6.96
CA THR A 874 -9.64 -0.14 7.78
C THR A 874 -9.04 0.90 8.73
N GLU A 875 -8.72 2.08 8.20
CA GLU A 875 -8.10 3.13 9.00
C GLU A 875 -9.04 3.73 10.04
N ILE A 876 -10.17 4.24 9.57
CA ILE A 876 -11.08 4.99 10.42
C ILE A 876 -11.89 4.08 11.36
N ARG A 877 -12.41 2.97 10.85
CA ARG A 877 -13.23 2.09 11.68
C ARG A 877 -12.41 1.06 12.45
N GLU A 878 -11.70 0.18 11.74
CA GLU A 878 -11.01 -0.93 12.37
C GLU A 878 -9.90 -0.50 13.33
N GLY A 880 -9.09 2.96 14.17
CA GLY A 880 -9.54 4.08 14.97
C GLY A 880 -10.60 3.72 15.99
N GLY A 881 -11.61 2.97 15.57
CA GLY A 881 -12.69 2.61 16.46
C GLY A 881 -13.95 3.39 16.14
N ALA A 882 -13.90 4.18 15.07
CA ALA A 882 -15.07 4.94 14.64
C ALA A 882 -16.11 3.96 14.12
N TYR A 883 -17.38 4.34 14.21
CA TYR A 883 -18.45 3.44 13.85
C TYR A 883 -18.62 3.33 12.33
N GLY A 884 -18.38 4.44 11.64
CA GLY A 884 -18.50 4.46 10.19
C GLY A 884 -17.53 5.44 9.58
N GLY A 885 -17.03 5.10 8.40
CA GLY A 885 -16.11 5.97 7.69
C GLY A 885 -15.92 5.48 6.27
N GLY A 886 -16.02 6.39 5.32
CA GLY A 886 -15.87 6.01 3.92
C GLY A 886 -15.92 7.19 2.97
N ALA A 887 -16.14 6.89 1.70
CA ALA A 887 -16.21 7.92 0.67
C ALA A 887 -17.41 7.67 -0.24
N LEU A 889 -19.66 9.51 -3.84
CA LEU A 889 -19.73 10.48 -4.91
C LEU A 889 -21.18 10.74 -5.26
N SER A 890 -21.59 12.00 -5.19
CA SER A 890 -22.97 12.35 -5.44
C SER A 890 -23.22 12.62 -6.92
N HIS A 891 -24.49 12.74 -7.27
CA HIS A 891 -24.92 13.07 -8.62
C HIS A 891 -24.36 14.43 -9.07
N ASN A 892 -24.17 15.31 -8.09
N ASN A 892 -24.19 15.33 -8.10
CA ASN A 892 -23.71 16.67 -8.34
CA ASN A 892 -23.72 16.67 -8.40
C ASN A 892 -22.18 16.76 -8.45
C ASN A 892 -22.23 16.71 -8.75
N GLY A 893 -21.54 15.61 -8.50
CA GLY A 893 -20.11 15.56 -8.74
C GLY A 893 -19.28 15.89 -7.52
N ILE A 894 -19.89 15.84 -6.34
CA ILE A 894 -19.18 16.13 -5.12
C ILE A 894 -18.63 14.86 -4.48
N PHE A 895 -17.31 14.78 -4.40
CA PHE A 895 -16.62 13.66 -3.76
C PHE A 895 -16.49 13.93 -2.26
N THR A 896 -17.15 13.13 -1.45
CA THR A 896 -17.18 13.38 -0.02
C THR A 896 -16.55 12.25 0.79
N LEU A 897 -15.59 12.60 1.65
CA LEU A 897 -15.05 11.67 2.63
C LEU A 897 -15.66 12.00 3.99
N TYR A 898 -16.03 10.98 4.75
CA TYR A 898 -16.75 11.20 6.00
C TYR A 898 -16.38 10.21 7.10
N SER A 899 -16.64 10.59 8.34
CA SER A 899 -16.53 9.66 9.47
C SER A 899 -17.76 9.83 10.35
N TYR A 900 -18.21 8.74 10.95
CA TYR A 900 -19.45 8.73 11.73
C TYR A 900 -19.19 8.18 13.13
N ARG A 901 -19.46 9.00 14.14
CA ARG A 901 -19.17 8.68 15.53
C ARG A 901 -17.70 8.34 15.71
N ASP A 902 -16.85 9.30 15.36
CA ASP A 902 -15.41 9.14 15.34
C ASP A 902 -14.79 9.69 16.62
N PRO A 903 -14.01 8.87 17.34
CA PRO A 903 -13.32 9.37 18.52
C PRO A 903 -12.21 10.34 18.13
N ASN A 904 -11.83 10.33 16.86
CA ASN A 904 -10.76 11.18 16.35
C ASN A 904 -11.26 12.34 15.50
N THR A 905 -10.35 13.28 15.22
CA THR A 905 -10.62 14.38 14.31
C THR A 905 -9.43 14.60 13.37
N ILE A 906 -8.31 15.04 13.94
CA ILE A 906 -7.09 15.30 13.18
C ILE A 906 -6.58 14.04 12.49
N GLU A 907 -6.54 12.94 13.23
CA GLU A 907 -6.06 11.67 12.68
C GLU A 907 -6.97 11.18 11.54
N THR A 908 -8.25 11.54 11.62
CA THR A 908 -9.22 11.18 10.59
C THR A 908 -8.93 11.92 9.30
N LEU A 909 -8.72 13.23 9.42
CA LEU A 909 -8.36 14.07 8.27
C LEU A 909 -7.05 13.64 7.63
N GLN A 910 -6.12 13.18 8.47
CA GLN A 910 -4.84 12.69 7.99
C GLN A 910 -5.06 11.43 7.17
N SER A 911 -6.02 10.62 7.61
CA SER A 911 -6.40 9.42 6.88
C SER A 911 -7.06 9.75 5.54
N PHE A 912 -7.71 10.91 5.47
CA PHE A 912 -8.30 11.36 4.21
C PHE A 912 -7.20 11.63 3.19
N GLY A 913 -6.13 12.27 3.66
CA GLY A 913 -4.99 12.58 2.80
C GLY A 913 -4.22 11.35 2.39
N LYS A 914 -4.09 10.41 3.33
CA LYS A 914 -3.36 9.17 3.07
C LYS A 914 -4.15 8.26 2.14
N ALA A 915 -5.46 8.47 2.08
CA ALA A 915 -6.32 7.68 1.21
C ALA A 915 -6.16 8.05 -0.26
N VAL A 916 -6.06 9.34 -0.55
CA VAL A 916 -5.87 9.81 -1.92
C VAL A 916 -4.46 9.45 -2.40
N ASP A 917 -3.47 9.57 -1.51
CA ASP A 917 -2.11 9.18 -1.84
C ASP A 917 -2.07 7.69 -2.14
N TRP A 918 -2.82 6.91 -1.37
CA TRP A 918 -2.95 5.48 -1.65
C TRP A 918 -3.62 5.25 -3.00
N ALA A 919 -4.60 6.09 -3.32
CA ALA A 919 -5.32 5.96 -4.59
C ALA A 919 -4.42 6.31 -5.76
N SER A 921 -1.16 5.89 -5.74
CA SER A 921 -0.09 4.89 -5.81
C SER A 921 -0.45 3.73 -6.73
N GLY A 922 -1.74 3.48 -6.90
CA GLY A 922 -2.21 2.44 -7.80
C GLY A 922 -2.03 1.05 -7.20
N PHE A 924 -3.45 -1.24 -5.89
CA PHE A 924 -4.65 -2.06 -5.72
C PHE A 924 -4.81 -2.97 -6.94
N THR A 925 -5.44 -4.12 -6.73
CA THR A 925 -5.49 -5.16 -7.76
C THR A 925 -6.70 -5.02 -8.67
N GLN A 926 -6.74 -5.85 -9.71
CA GLN A 926 -7.85 -5.85 -10.66
C GLN A 926 -9.09 -6.44 -10.01
N GLN A 927 -8.86 -7.31 -9.05
CA GLN A 927 -9.90 -7.95 -8.31
C GLN A 927 -10.57 -6.96 -7.37
N ASP A 928 -9.82 -6.02 -6.88
CA ASP A 928 -10.33 -4.95 -6.02
C ASP A 928 -11.25 -4.03 -6.81
N ILE A 929 -10.95 -3.86 -8.09
CA ILE A 929 -11.76 -3.03 -8.96
C ILE A 929 -13.07 -3.72 -9.25
N ASP A 930 -13.01 -5.02 -9.48
CA ASP A 930 -14.19 -5.82 -9.73
C ASP A 930 -15.11 -5.84 -8.52
N GLU A 931 -14.52 -5.93 -7.33
CA GLU A 931 -15.29 -5.93 -6.10
C GLU A 931 -15.95 -4.56 -5.88
N ALA A 932 -15.28 -3.51 -6.35
CA ALA A 932 -15.82 -2.16 -6.26
C ALA A 932 -17.01 -2.02 -7.21
N LYS A 933 -16.87 -2.59 -8.42
CA LYS A 933 -17.95 -2.59 -9.39
C LYS A 933 -19.17 -3.32 -8.89
N LEU A 934 -18.95 -4.50 -8.32
CA LEU A 934 -20.04 -5.30 -7.74
C LEU A 934 -20.77 -4.49 -6.68
N SER A 935 -20.00 -3.79 -5.85
CA SER A 935 -20.56 -2.99 -4.78
C SER A 935 -21.38 -1.82 -5.32
N VAL A 936 -20.89 -1.21 -6.40
CA VAL A 936 -21.57 -0.08 -7.01
C VAL A 936 -22.89 -0.53 -7.66
N PHE A 937 -22.84 -1.60 -8.44
CA PHE A 937 -24.03 -2.07 -9.12
C PHE A 937 -25.06 -2.66 -8.16
N SER A 938 -24.63 -3.05 -6.98
CA SER A 938 -25.56 -3.51 -5.95
C SER A 938 -26.41 -2.35 -5.41
N THR A 939 -25.94 -1.14 -5.63
CA THR A 939 -26.64 0.05 -5.15
C THR A 939 -27.52 0.65 -6.24
N VAL A 940 -26.96 0.80 -7.44
CA VAL A 940 -27.69 1.41 -8.54
C VAL A 940 -28.72 0.48 -9.18
N ASP A 941 -28.51 -0.83 -9.03
CA ASP A 941 -29.46 -1.81 -9.56
C ASP A 941 -30.42 -2.28 -8.47
N ALA A 942 -30.46 -1.53 -7.37
CA ALA A 942 -31.40 -1.81 -6.30
C ALA A 942 -32.84 -1.74 -6.81
N PRO A 943 -33.73 -2.57 -6.26
CA PRO A 943 -35.11 -2.64 -6.73
C PRO A 943 -35.86 -1.31 -6.56
N VAL A 944 -36.69 -0.97 -7.54
CA VAL A 944 -37.48 0.26 -7.48
C VAL A 944 -38.95 -0.06 -7.27
N ALA A 945 -39.57 0.58 -6.29
CA ALA A 945 -40.98 0.39 -6.02
C ALA A 945 -41.81 0.95 -7.15
N PRO A 946 -42.97 0.35 -7.42
CA PRO A 946 -43.88 0.82 -8.48
C PRO A 946 -44.23 2.29 -8.35
N SER A 947 -44.22 2.79 -7.12
CA SER A 947 -44.56 4.18 -6.83
C SER A 947 -43.44 5.16 -7.20
N ASP A 948 -42.24 4.63 -7.45
CA ASP A 948 -41.08 5.49 -7.69
C ASP A 948 -40.55 5.42 -9.12
N LYS A 949 -41.08 4.49 -9.91
CA LYS A 949 -40.78 4.45 -11.33
C LYS A 949 -41.73 5.37 -12.09
N GLY A 950 -41.19 6.30 -12.87
CA GLY A 950 -39.76 6.54 -12.93
C GLY A 950 -39.46 7.96 -12.49
N MET A 951 -39.13 8.11 -11.21
CA MET A 951 -38.90 9.42 -10.62
C MET A 951 -37.60 10.04 -11.12
N ASP A 952 -36.66 9.18 -11.49
CA ASP A 952 -35.37 9.65 -12.00
C ASP A 952 -35.55 10.49 -13.25
N HIS A 953 -36.51 10.11 -14.09
CA HIS A 953 -36.79 10.90 -15.27
C HIS A 953 -37.51 12.19 -14.87
N PHE A 954 -38.44 12.07 -13.93
CA PHE A 954 -39.26 13.20 -13.52
C PHE A 954 -38.47 14.25 -12.74
N LEU A 955 -37.48 13.81 -11.98
CA LEU A 955 -36.73 14.72 -11.12
C LEU A 955 -35.45 15.24 -11.77
N TYR A 956 -34.61 14.32 -12.25
CA TYR A 956 -33.27 14.68 -12.72
C TYR A 956 -33.16 14.72 -14.24
N GLY A 957 -34.18 14.23 -14.94
CA GLY A 957 -34.18 14.28 -16.39
C GLY A 957 -33.18 13.34 -17.03
N LEU A 958 -33.01 12.16 -16.44
CA LEU A 958 -32.12 11.15 -17.00
C LEU A 958 -32.90 10.09 -17.78
N SER A 959 -32.58 9.96 -19.06
CA SER A 959 -33.25 8.97 -19.90
C SER A 959 -32.67 7.59 -19.63
N ASP A 960 -33.23 6.58 -20.29
CA ASP A 960 -32.66 5.25 -20.23
C ASP A 960 -31.35 5.24 -21.01
N GLU A 961 -31.29 6.08 -22.04
CA GLU A 961 -30.09 6.26 -22.85
C GLU A 961 -28.91 6.74 -22.03
N MET A 962 -29.15 7.72 -21.16
CA MET A 962 -28.10 8.30 -20.33
C MET A 962 -27.61 7.32 -19.29
N LYS A 963 -28.51 6.52 -18.78
CA LYS A 963 -28.17 5.58 -17.75
C LYS A 963 -27.41 4.39 -18.28
N GLN A 964 -27.77 3.95 -19.46
CA GLN A 964 -27.05 2.86 -20.09
C GLN A 964 -25.64 3.30 -20.48
N ALA A 965 -25.53 4.53 -20.98
CA ALA A 965 -24.23 5.08 -21.33
C ALA A 965 -23.34 5.15 -20.10
N HIS A 966 -23.92 5.57 -18.99
CA HIS A 966 -23.20 5.68 -17.72
C HIS A 966 -22.92 4.31 -17.12
N ARG A 967 -23.79 3.36 -17.43
CA ARG A 967 -23.66 1.99 -16.93
C ARG A 967 -22.51 1.27 -17.63
N GLU A 968 -22.35 1.53 -18.92
CA GLU A 968 -21.30 0.91 -19.71
C GLU A 968 -19.94 1.57 -19.44
N GLN A 969 -19.98 2.80 -18.92
CA GLN A 969 -18.77 3.48 -18.51
C GLN A 969 -18.24 2.87 -17.21
N LEU A 970 -19.15 2.50 -16.31
CA LEU A 970 -18.79 1.81 -15.08
C LEU A 970 -18.16 0.45 -15.39
N PHE A 971 -18.55 -0.13 -16.53
CA PHE A 971 -17.99 -1.40 -16.98
C PHE A 971 -16.59 -1.22 -17.55
N ALA A 972 -16.37 -0.09 -18.23
CA ALA A 972 -15.12 0.15 -18.93
C ALA A 972 -14.03 0.73 -18.02
N VAL A 973 -14.37 0.97 -16.75
CA VAL A 973 -13.42 1.56 -15.81
C VAL A 973 -12.24 0.61 -15.60
N SER A 974 -11.05 1.14 -15.84
CA SER A 974 -9.83 0.33 -15.77
C SER A 974 -8.86 0.89 -14.74
N HIS A 975 -7.79 0.16 -14.48
CA HIS A 975 -6.82 0.55 -13.47
C HIS A 975 -6.11 1.86 -13.82
N ASP A 976 -5.84 2.08 -15.09
CA ASP A 976 -5.14 3.29 -15.51
C ASP A 976 -6.05 4.50 -15.40
N LYS A 977 -7.33 4.29 -15.64
CA LYS A 977 -8.31 5.36 -15.53
C LYS A 977 -8.48 5.75 -14.06
N LEU A 978 -8.27 4.80 -13.17
CA LEU A 978 -8.37 5.06 -11.73
C LEU A 978 -7.18 5.88 -11.23
N LEU A 979 -5.99 5.63 -11.80
CA LEU A 979 -4.80 6.38 -11.44
C LEU A 979 -4.87 7.79 -12.00
N ALA A 980 -5.35 7.88 -13.24
CA ALA A 980 -5.45 9.16 -13.93
C ALA A 980 -6.42 10.09 -13.22
N VAL A 981 -7.59 9.54 -12.87
CA VAL A 981 -8.66 10.32 -12.27
C VAL A 981 -8.38 10.66 -10.79
N SER A 982 -7.60 9.82 -10.12
CA SER A 982 -7.25 10.10 -8.73
C SER A 982 -6.24 11.23 -8.64
N ASP A 983 -5.36 11.28 -9.63
CA ASP A 983 -4.33 12.32 -9.72
C ASP A 983 -4.92 13.62 -10.28
N ARG A 984 -5.97 13.50 -11.08
CA ARG A 984 -6.55 14.66 -11.76
C ARG A 984 -7.45 15.50 -10.86
N TYR A 985 -8.09 14.89 -9.87
CA TYR A 985 -9.10 15.57 -9.08
C TYR A 985 -8.86 15.57 -7.57
N LEU A 986 -8.34 14.47 -7.04
CA LEU A 986 -8.22 14.32 -5.59
C LEU A 986 -6.95 14.92 -5.01
N GLY A 987 -5.97 15.18 -5.87
CA GLY A 987 -4.70 15.75 -5.43
C GLY A 987 -4.84 17.12 -4.78
N THR A 988 -3.86 17.46 -3.94
CA THR A 988 -3.88 18.74 -3.22
C THR A 988 -3.60 19.89 -4.17
N GLY A 989 -4.51 20.88 -4.18
CA GLY A 989 -4.33 22.05 -5.01
C GLY A 989 -4.84 21.86 -6.43
N LYS A 990 -5.32 20.66 -6.74
CA LYS A 990 -5.81 20.37 -8.08
C LYS A 990 -7.30 20.68 -8.17
N SER A 991 -7.98 20.61 -7.03
CA SER A 991 -9.40 20.94 -6.94
C SER A 991 -9.73 21.65 -5.64
N THR A 992 -10.95 22.17 -5.54
CA THR A 992 -11.39 22.91 -4.36
C THR A 992 -11.98 22.00 -3.28
N HIS A 993 -11.51 22.15 -2.04
CA HIS A 993 -11.97 21.31 -0.94
C HIS A 993 -12.86 22.06 0.05
N GLY A 994 -13.64 21.30 0.82
CA GLY A 994 -14.45 21.85 1.88
C GLY A 994 -14.43 20.93 3.09
N LEU A 995 -14.33 21.51 4.28
CA LEU A 995 -14.21 20.73 5.51
C LEU A 995 -15.18 21.18 6.59
N ALA A 996 -15.71 20.21 7.35
CA ALA A 996 -16.60 20.52 8.46
C ALA A 996 -16.49 19.45 9.55
N ILE A 997 -16.62 19.86 10.80
CA ILE A 997 -16.54 18.95 11.92
C ILE A 997 -17.58 19.27 13.00
N LEU A 998 -18.38 18.27 13.36
CA LEU A 998 -19.24 18.35 14.53
C LEU A 998 -18.61 17.56 15.68
N GLY A 999 -18.36 18.24 16.79
CA GLY A 999 -17.75 17.58 17.93
C GLY A 999 -17.24 18.57 18.97
N PRO A 1000 -16.73 18.04 20.09
CA PRO A 1000 -16.24 18.84 21.21
C PRO A 1000 -15.04 19.71 20.83
N GLU A 1001 -14.60 20.57 21.74
CA GLU A 1001 -13.52 21.51 21.43
C GLU A 1001 -12.23 20.76 21.17
N ASN A 1002 -11.49 21.20 20.15
CA ASN A 1002 -10.20 20.63 19.82
C ASN A 1002 -9.16 21.74 19.79
N PRO A 1003 -8.27 21.76 20.79
CA PRO A 1003 -7.21 22.77 20.93
C PRO A 1003 -6.37 22.92 19.67
N LYS A 1004 -6.07 21.81 18.99
CA LYS A 1004 -5.29 21.84 17.77
C LYS A 1004 -6.01 22.61 16.66
N ILE A 1005 -7.32 22.41 16.56
CA ILE A 1005 -8.14 23.11 15.58
C ILE A 1005 -8.26 24.60 15.89
N ALA A 1006 -8.41 24.91 17.17
CA ALA A 1006 -8.61 26.29 17.65
C ALA A 1006 -7.41 27.19 17.37
N LYS A 1007 -6.22 26.60 17.31
CA LYS A 1007 -5.00 27.39 17.08
C LYS A 1007 -4.67 27.46 15.59
N ASP A 1008 -5.54 26.86 14.78
CA ASP A 1008 -5.41 26.96 13.34
C ASP A 1008 -6.32 28.07 12.81
N PRO A 1009 -5.71 29.14 12.28
CA PRO A 1009 -6.46 30.30 11.77
C PRO A 1009 -7.28 29.96 10.53
N SER A 1010 -6.97 28.82 9.90
CA SER A 1010 -7.69 28.39 8.71
C SER A 1010 -8.98 27.66 9.07
N TRP A 1011 -9.30 27.58 10.36
CA TRP A 1011 -10.54 26.97 10.80
C TRP A 1011 -11.49 28.02 11.39
N ILE A 1012 -12.78 27.87 11.06
CA ILE A 1012 -13.80 28.76 11.60
C ILE A 1012 -14.63 28.02 12.65
N ILE A 1013 -14.79 28.63 13.82
CA ILE A 1013 -15.55 28.01 14.90
C ILE A 1013 -16.94 28.63 15.00
N ARG A 1014 -17.96 27.77 14.96
CA ARG A 1014 -19.35 28.21 15.01
C ARG A 1014 -20.11 27.49 16.12
N GLN B 15 -26.77 -2.59 -1.23
CA GLN B 15 -25.90 -3.74 -0.95
C GLN B 15 -26.23 -4.56 0.33
N LYS B 16 -26.40 -3.95 1.50
CA LYS B 16 -26.41 -2.53 1.71
C LYS B 16 -26.26 -2.40 3.22
N LEU B 17 -26.63 -1.25 3.77
CA LEU B 17 -26.65 -1.14 5.23
C LEU B 17 -25.40 -1.72 5.88
N VAL B 18 -24.26 -1.10 5.57
CA VAL B 18 -22.95 -1.54 5.98
C VAL B 18 -22.84 -1.78 7.48
N PHE B 19 -22.90 -0.73 8.30
CA PHE B 19 -22.66 -0.86 9.74
C PHE B 19 -23.83 -1.53 10.46
N PHE B 20 -23.55 -2.20 11.58
CA PHE B 20 -24.61 -2.95 12.29
C PHE B 20 -24.96 -2.46 13.71
N ALA B 21 -26.26 -2.25 13.89
CA ALA B 21 -26.89 -1.63 15.06
C ALA B 21 -27.19 -2.69 16.15
N GLU B 22 -27.83 -2.40 17.31
CA GLU B 22 -28.42 -1.13 17.73
C GLU B 22 -28.41 -0.93 19.25
N ASP B 23 -29.36 -0.09 19.69
CA ASP B 23 -29.50 0.40 21.05
C ASP B 23 -29.22 -0.66 22.12
N UNK C 1 -42.39 -4.54 17.07
CA UNK C 1 -42.10 -5.78 16.36
C UNK C 1 -43.32 -6.70 16.21
N UNK C 5 -52.19 -2.37 13.22
CA UNK C 5 -51.28 -1.65 12.34
C UNK C 5 -50.14 -2.54 11.87
N UNK C 6 -49.91 -2.55 10.56
CA UNK C 6 -48.84 -3.37 9.98
C UNK C 6 -48.91 -3.34 8.45
N UNK C 7 -47.98 -4.04 7.78
CA UNK C 7 -46.95 -4.83 8.45
C UNK C 7 -45.58 -4.18 8.32
N ALA D 9 34.45 -38.61 -7.29
CA ALA D 9 34.27 -37.16 -7.34
C ALA D 9 33.72 -36.73 -8.70
N ALA D 10 33.46 -35.44 -8.85
CA ALA D 10 32.88 -34.92 -10.08
C ALA D 10 33.88 -35.03 -11.23
N CYS D 11 35.13 -34.70 -10.96
CA CYS D 11 36.21 -34.88 -11.92
C CYS D 11 36.34 -36.37 -12.25
N GLU D 12 36.08 -37.21 -11.25
CA GLU D 12 36.21 -38.65 -11.42
C GLU D 12 35.08 -39.24 -12.25
N ARG D 13 33.85 -38.83 -11.99
CA ARG D 13 32.70 -39.39 -12.72
C ARG D 13 32.70 -38.93 -14.18
N ALA D 14 33.18 -37.72 -14.41
CA ALA D 14 33.16 -37.11 -15.73
C ALA D 14 34.08 -37.83 -16.71
N LEU D 15 35.07 -38.52 -16.16
CA LEU D 15 36.03 -39.24 -16.99
C LEU D 15 35.45 -40.54 -17.54
N GLN D 16 34.26 -40.91 -17.08
CA GLN D 16 33.61 -42.12 -17.57
C GLN D 16 32.93 -41.85 -18.91
N TYR D 17 32.76 -40.58 -19.23
CA TYR D 17 32.22 -40.19 -20.52
C TYR D 17 33.22 -40.60 -21.60
N LYS D 18 32.70 -40.93 -22.78
CA LYS D 18 33.58 -41.21 -23.92
C LYS D 18 33.02 -40.56 -25.19
N LEU D 19 33.86 -40.46 -26.21
CA LEU D 19 33.48 -39.87 -27.49
C LEU D 19 32.32 -40.61 -28.14
N GLY D 20 31.37 -39.87 -28.67
CA GLY D 20 30.23 -40.45 -29.36
C GLY D 20 29.06 -40.76 -28.45
N ASP D 21 29.24 -40.54 -27.15
CA ASP D 21 28.16 -40.73 -26.19
C ASP D 21 27.00 -39.78 -26.50
N LYS D 22 25.79 -40.34 -26.56
CA LYS D 22 24.60 -39.53 -26.81
C LYS D 22 23.84 -39.24 -25.52
N ILE D 23 23.71 -37.96 -25.18
CA ILE D 23 22.99 -37.56 -23.97
C ILE D 23 21.99 -36.45 -24.28
N HIS D 24 20.71 -36.78 -24.25
CA HIS D 24 19.61 -35.81 -24.39
C HIS D 24 19.78 -34.86 -25.58
N GLY D 25 20.11 -35.41 -26.74
CA GLY D 25 20.24 -34.59 -27.94
C GLY D 25 21.64 -34.03 -28.11
N PHE D 26 22.51 -34.31 -27.16
CA PHE D 26 23.89 -33.85 -27.21
C PHE D 26 24.83 -35.01 -27.53
N THR D 27 26.02 -34.69 -28.01
CA THR D 27 27.03 -35.71 -28.27
C THR D 27 28.36 -35.29 -27.65
N VAL D 28 28.93 -36.18 -26.85
CA VAL D 28 30.24 -35.93 -26.27
C VAL D 28 31.29 -35.92 -27.37
N ASN D 29 31.95 -34.78 -27.55
CA ASN D 29 32.96 -34.66 -28.60
C ASN D 29 34.37 -34.80 -28.05
N GLN D 30 34.56 -34.44 -26.78
CA GLN D 30 35.88 -34.49 -26.17
C GLN D 30 35.82 -34.45 -24.64
N VAL D 31 36.67 -35.27 -24.02
CA VAL D 31 36.80 -35.29 -22.56
C VAL D 31 38.27 -35.09 -22.19
N THR D 32 38.55 -34.04 -21.43
CA THR D 32 39.93 -33.67 -21.11
C THR D 32 40.14 -33.44 -19.63
N SER D 33 41.20 -34.04 -19.08
CA SER D 33 41.58 -33.81 -17.70
C SER D 33 42.52 -32.61 -17.60
N VAL D 34 42.15 -31.66 -16.75
CA VAL D 34 43.02 -30.51 -16.49
C VAL D 34 43.37 -30.52 -15.00
N PRO D 35 44.38 -31.33 -14.63
CA PRO D 35 44.73 -31.59 -13.22
C PRO D 35 45.14 -30.33 -12.46
N GLU D 36 45.73 -29.36 -13.16
CA GLU D 36 46.20 -28.15 -12.51
C GLU D 36 45.04 -27.30 -12.00
N LEU D 37 43.84 -27.58 -12.51
CA LEU D 37 42.65 -26.86 -12.08
C LEU D 37 41.65 -27.78 -11.37
N PHE D 38 42.07 -29.01 -11.09
CA PHE D 38 41.24 -30.02 -10.41
C PHE D 38 39.92 -30.28 -11.12
N LEU D 39 39.92 -30.26 -12.45
CA LEU D 39 38.67 -30.43 -13.18
C LEU D 39 38.82 -31.27 -14.43
N THR D 40 37.70 -31.81 -14.90
CA THR D 40 37.62 -32.52 -16.16
C THR D 40 36.71 -31.75 -17.10
N ALA D 41 37.27 -31.36 -18.25
CA ALA D 41 36.50 -30.60 -19.23
C ALA D 41 35.81 -31.57 -20.19
N VAL D 42 34.55 -31.28 -20.49
CA VAL D 42 33.77 -32.10 -21.41
C VAL D 42 33.13 -31.21 -22.46
N LYS D 43 33.47 -31.45 -23.72
CA LYS D 43 32.87 -30.68 -24.81
C LYS D 43 31.75 -31.47 -25.46
N LEU D 44 30.65 -30.78 -25.74
CA LEU D 44 29.51 -31.41 -26.39
C LEU D 44 28.93 -30.51 -27.47
N THR D 45 28.27 -31.13 -28.44
CA THR D 45 27.57 -30.38 -29.47
C THR D 45 26.14 -30.91 -29.51
N HIS D 46 25.18 -29.99 -29.64
CA HIS D 46 23.79 -30.39 -29.79
C HIS D 46 23.56 -30.86 -31.20
N ASP D 47 22.97 -32.04 -31.35
CA ASP D 47 22.88 -32.70 -32.65
C ASP D 47 22.05 -31.92 -33.68
N ASP D 48 20.88 -31.45 -33.27
CA ASP D 48 19.97 -30.77 -34.18
C ASP D 48 20.36 -29.33 -34.44
N THR D 49 20.82 -28.62 -33.41
CA THR D 49 21.12 -27.20 -33.54
C THR D 49 22.60 -26.91 -33.82
N GLY D 50 23.48 -27.76 -33.32
CA GLY D 50 24.91 -27.55 -33.48
C GLY D 50 25.47 -26.64 -32.40
N ALA D 51 24.65 -26.36 -31.41
CA ALA D 51 25.04 -25.49 -30.30
C ALA D 51 26.17 -26.14 -29.51
N ARG D 52 27.16 -25.34 -29.12
CA ARG D 52 28.31 -25.87 -28.40
C ARG D 52 28.11 -25.81 -26.90
N TYR D 53 28.61 -26.83 -26.21
CA TYR D 53 28.46 -26.95 -24.78
C TYR D 53 29.80 -27.27 -24.13
N LEU D 54 30.11 -26.55 -23.07
CA LEU D 54 31.30 -26.86 -22.28
C LEU D 54 30.89 -27.11 -20.84
N HIS D 55 31.20 -28.30 -20.35
CA HIS D 55 30.95 -28.63 -18.96
C HIS D 55 32.26 -28.85 -18.22
N LEU D 56 32.44 -28.10 -17.14
CA LEU D 56 33.61 -28.28 -16.29
C LEU D 56 33.20 -28.96 -14.99
N ALA D 57 33.58 -30.23 -14.86
CA ALA D 57 33.24 -30.99 -13.67
C ALA D 57 34.32 -30.85 -12.60
N ARG D 58 33.93 -30.29 -11.46
CA ARG D 58 34.84 -30.10 -10.34
C ARG D 58 34.03 -30.19 -9.04
N GLU D 59 34.64 -30.76 -8.00
CA GLU D 59 33.96 -30.86 -6.72
C GLU D 59 33.80 -29.50 -6.04
N ASP D 60 32.91 -28.67 -6.62
CA ASP D 60 32.61 -27.35 -6.10
C ASP D 60 31.09 -27.22 -6.03
N THR D 61 30.58 -26.92 -4.85
CA THR D 61 29.14 -26.86 -4.64
C THR D 61 28.52 -25.63 -5.28
N ASN D 62 29.31 -24.58 -5.44
CA ASN D 62 28.86 -23.38 -6.11
C ASN D 62 28.83 -23.61 -7.62
N ASN D 63 27.75 -24.22 -8.09
CA ASN D 63 27.62 -24.53 -9.50
C ASN D 63 27.23 -23.31 -10.31
N LEU D 64 27.73 -23.23 -11.54
CA LEU D 64 27.49 -22.07 -12.37
C LEU D 64 26.94 -22.50 -13.73
N PHE D 65 25.92 -21.79 -14.20
CA PHE D 65 25.46 -21.92 -15.57
C PHE D 65 25.66 -20.59 -16.28
N SER D 66 25.93 -20.65 -17.57
CA SER D 66 25.92 -19.45 -18.38
C SER D 66 25.53 -19.79 -19.81
N VAL D 67 24.88 -18.85 -20.47
CA VAL D 67 24.59 -18.96 -21.89
C VAL D 67 25.14 -17.70 -22.56
N GLN D 68 25.71 -17.85 -23.74
CA GLN D 68 26.42 -16.75 -24.40
C GLN D 68 25.94 -16.58 -25.82
N PHE D 69 25.72 -15.33 -26.23
CA PHE D 69 25.28 -15.06 -27.60
C PHE D 69 26.25 -14.11 -28.30
N ARG D 70 26.53 -14.38 -29.58
CA ARG D 70 27.36 -13.49 -30.37
C ARG D 70 26.48 -12.38 -30.94
N THR D 71 26.66 -11.17 -30.43
CA THR D 71 25.83 -10.04 -30.81
C THR D 71 26.66 -8.96 -31.51
N THR D 72 26.37 -8.72 -32.79
CA THR D 72 27.14 -7.77 -33.59
C THR D 72 26.27 -6.61 -34.09
N PRO D 73 26.16 -5.54 -33.30
CA PRO D 73 25.41 -4.32 -33.64
C PRO D 73 26.11 -3.44 -34.67
N MET D 74 25.34 -2.66 -35.42
CA MET D 74 25.91 -1.79 -36.45
C MET D 74 25.57 -0.31 -36.20
N ASP D 75 25.10 -0.01 -34.99
CA ASP D 75 24.88 1.37 -34.57
C ASP D 75 25.05 1.49 -33.06
N SER D 76 25.07 2.73 -32.57
CA SER D 76 25.29 2.98 -31.15
C SER D 76 23.96 3.18 -30.42
N THR D 77 22.94 2.42 -30.81
CA THR D 77 21.63 2.53 -30.18
C THR D 77 21.62 1.78 -28.85
N GLY D 78 22.53 0.82 -28.72
CA GLY D 78 22.62 0.02 -27.52
C GLY D 78 21.62 -1.12 -27.52
N VAL D 79 21.16 -1.46 -28.71
CA VAL D 79 20.15 -2.50 -28.87
C VAL D 79 20.56 -3.87 -28.27
N PRO D 80 21.85 -4.25 -28.33
CA PRO D 80 22.06 -5.54 -27.66
C PRO D 80 22.05 -5.42 -26.13
N HIS D 81 22.32 -4.23 -25.61
CA HIS D 81 22.28 -4.03 -24.17
C HIS D 81 20.85 -3.91 -23.68
N ILE D 82 20.04 -3.15 -24.42
CA ILE D 82 18.65 -2.94 -24.06
C ILE D 82 17.87 -4.24 -24.20
N LEU D 83 18.24 -5.05 -25.19
CA LEU D 83 17.62 -6.36 -25.37
C LEU D 83 17.90 -7.26 -24.18
N GLN D 84 19.13 -7.17 -23.68
CA GLN D 84 19.55 -7.94 -22.52
C GLN D 84 18.70 -7.60 -21.29
N HIS D 85 18.31 -6.35 -21.16
CA HIS D 85 17.42 -5.92 -20.08
C HIS D 85 15.99 -6.38 -20.31
N THR D 86 15.57 -6.37 -21.57
CA THR D 86 14.16 -6.56 -21.92
C THR D 86 13.73 -8.03 -21.92
N VAL D 87 14.66 -8.94 -22.25
CA VAL D 87 14.33 -10.36 -22.26
C VAL D 87 14.04 -10.87 -20.85
N LEU D 88 14.48 -10.11 -19.85
CA LEU D 88 14.28 -10.48 -18.45
C LEU D 88 13.04 -9.79 -17.86
N CYS D 89 12.18 -9.27 -18.74
CA CYS D 89 10.97 -8.59 -18.32
C CYS D 89 9.73 -9.42 -18.60
N GLY D 90 9.94 -10.63 -19.13
CA GLY D 90 8.86 -11.53 -19.42
C GLY D 90 9.18 -12.52 -20.52
N SER D 91 8.69 -13.75 -20.37
CA SER D 91 8.87 -14.80 -21.37
C SER D 91 7.58 -15.60 -21.50
N GLN D 92 7.52 -16.49 -22.49
CA GLN D 92 6.30 -17.25 -22.77
C GLN D 92 5.87 -18.11 -21.58
N TYR D 94 6.92 -17.93 -18.50
CA TYR D 94 6.73 -17.08 -17.33
C TYR D 94 6.32 -15.68 -17.77
N PRO D 95 5.05 -15.51 -18.16
CA PRO D 95 4.57 -14.25 -18.74
C PRO D 95 4.40 -13.11 -17.74
N CYS D 96 4.58 -13.43 -16.45
CA CYS D 96 4.45 -12.41 -15.41
C CYS D 96 5.46 -11.30 -15.64
N ARG D 97 5.25 -10.17 -14.97
CA ARG D 97 6.11 -9.01 -15.19
C ARG D 97 7.41 -9.10 -14.39
N ASP D 98 8.52 -8.80 -15.06
CA ASP D 98 9.84 -8.76 -14.42
C ASP D 98 10.20 -10.03 -13.65
N PRO D 99 10.36 -11.16 -14.36
CA PRO D 99 10.71 -12.43 -13.72
C PRO D 99 12.07 -12.43 -13.04
N PHE D 100 13.05 -11.78 -13.66
CA PHE D 100 14.42 -11.77 -13.15
C PHE D 100 14.52 -11.22 -11.73
N PHE D 101 14.05 -9.99 -11.53
CA PHE D 101 14.09 -9.36 -10.21
C PHE D 101 13.22 -10.10 -9.19
N MET D 103 12.94 -13.40 -9.21
CA MET D 103 13.66 -14.60 -8.85
C MET D 103 14.82 -14.31 -7.88
N LEU D 104 15.27 -13.06 -7.82
CA LEU D 104 16.29 -12.69 -6.85
C LEU D 104 15.82 -12.91 -5.42
N ASN D 105 14.52 -12.86 -5.22
CA ASN D 105 13.93 -12.98 -3.88
C ASN D 105 13.17 -14.30 -3.74
N ARG D 106 13.32 -15.17 -4.73
CA ARG D 106 12.68 -16.48 -4.71
C ARG D 106 13.73 -17.57 -4.83
N SER D 107 14.98 -17.20 -4.61
CA SER D 107 16.10 -18.11 -4.82
C SER D 107 17.21 -17.96 -3.78
N LEU D 108 18.09 -18.94 -3.73
CA LEU D 108 19.29 -18.86 -2.88
C LEU D 108 20.52 -18.83 -3.75
N SER D 109 20.52 -17.94 -4.74
CA SER D 109 21.62 -17.87 -5.68
C SER D 109 22.83 -17.25 -4.99
N THR D 110 24.00 -17.48 -5.58
CA THR D 110 25.22 -16.87 -5.12
C THR D 110 25.57 -15.75 -6.07
N PHE D 111 24.96 -15.79 -7.25
CA PHE D 111 25.16 -14.79 -8.28
C PHE D 111 24.05 -14.92 -9.32
N MET D 112 23.58 -13.78 -9.81
CA MET D 112 22.50 -13.73 -10.79
C MET D 112 22.55 -12.43 -11.55
N ASN D 113 22.97 -12.48 -12.81
CA ASN D 113 23.07 -11.27 -13.60
C ASN D 113 23.13 -11.52 -15.09
N ALA D 114 23.39 -10.46 -15.84
CA ALA D 114 23.55 -10.51 -17.27
C ALA D 114 24.51 -9.42 -17.68
N PHE D 115 25.31 -9.68 -18.70
CA PHE D 115 26.30 -8.71 -19.16
C PHE D 115 26.28 -8.57 -20.67
N THR D 116 26.61 -7.37 -21.14
CA THR D 116 26.72 -7.09 -22.57
C THR D 116 28.12 -6.58 -22.89
N ALA D 117 28.91 -7.44 -23.51
CA ALA D 117 30.24 -7.04 -23.97
C ALA D 117 30.10 -6.39 -25.35
N SER D 118 31.24 -6.13 -26.00
CA SER D 118 31.22 -5.46 -27.30
C SER D 118 30.62 -6.32 -28.41
N ASP D 119 30.90 -7.62 -28.37
CA ASP D 119 30.44 -8.51 -29.42
C ASP D 119 29.80 -9.79 -28.88
N TYR D 120 29.51 -9.81 -27.58
CA TYR D 120 28.73 -10.91 -27.01
C TYR D 120 27.92 -10.47 -25.79
N THR D 121 26.84 -11.20 -25.54
CA THR D 121 26.00 -10.97 -24.37
C THR D 121 26.03 -12.24 -23.52
N LEU D 122 26.14 -12.08 -22.21
CA LEU D 122 26.34 -13.22 -21.34
C LEU D 122 25.34 -13.27 -20.21
N TYR D 123 24.73 -14.43 -20.01
CA TYR D 123 23.71 -14.63 -18.98
C TYR D 123 24.12 -15.74 -18.01
N PRO D 124 24.84 -15.37 -16.95
CA PRO D 124 25.29 -16.35 -15.95
C PRO D 124 24.50 -16.30 -14.66
N PHE D 125 24.38 -17.44 -13.99
CA PHE D 125 23.90 -17.49 -12.61
C PHE D 125 24.63 -18.60 -11.87
N SER D 126 24.65 -18.52 -10.55
CA SER D 126 25.28 -19.56 -9.75
C SER D 126 24.52 -19.80 -8.45
N THR D 127 24.54 -21.05 -7.99
CA THR D 127 23.89 -21.43 -6.74
C THR D 127 24.52 -22.70 -6.17
N GLN D 128 24.27 -22.98 -4.90
CA GLN D 128 24.76 -24.21 -4.28
C GLN D 128 23.61 -25.18 -4.06
N ASN D 129 22.41 -24.72 -4.37
CA ASN D 129 21.21 -25.54 -4.22
C ASN D 129 20.74 -26.08 -5.57
N PRO D 130 20.72 -27.41 -5.73
CA PRO D 130 20.40 -28.07 -6.99
C PRO D 130 18.98 -27.80 -7.50
N LYS D 131 18.01 -27.64 -6.60
CA LYS D 131 16.65 -27.33 -7.02
C LYS D 131 16.57 -25.88 -7.50
N ASP D 132 17.31 -25.01 -6.83
CA ASP D 132 17.39 -23.61 -7.24
C ASP D 132 18.04 -23.49 -8.62
N PHE D 133 19.00 -24.37 -8.88
CA PHE D 133 19.69 -24.41 -10.15
C PHE D 133 18.72 -24.72 -11.28
N GLN D 134 17.90 -25.75 -11.08
CA GLN D 134 16.90 -26.13 -12.07
C GLN D 134 15.89 -25.01 -12.32
N ASN D 135 15.44 -24.38 -11.24
CA ASN D 135 14.47 -23.30 -11.33
C ASN D 135 15.03 -22.11 -12.10
N LEU D 136 16.23 -21.68 -11.72
CA LEU D 136 16.91 -20.59 -12.40
C LEU D 136 17.24 -20.94 -13.86
N LEU D 137 17.52 -22.22 -14.11
CA LEU D 137 17.86 -22.66 -15.46
C LEU D 137 16.68 -22.51 -16.40
N SER D 138 15.47 -22.76 -15.89
CA SER D 138 14.26 -22.64 -16.68
C SER D 138 13.92 -21.18 -16.98
N VAL D 139 14.16 -20.30 -16.01
CA VAL D 139 13.84 -18.89 -16.18
C VAL D 139 14.80 -18.22 -17.15
N TYR D 140 16.06 -18.63 -17.12
CA TYR D 140 17.08 -18.10 -18.02
C TYR D 140 16.87 -18.57 -19.45
N LEU D 141 16.63 -19.88 -19.61
CA LEU D 141 16.41 -20.47 -20.91
C LEU D 141 15.20 -19.83 -21.58
N ASP D 142 14.15 -19.62 -20.79
CA ASP D 142 12.91 -19.09 -21.33
C ASP D 142 13.05 -17.59 -21.63
N ALA D 143 13.83 -16.89 -20.81
CA ALA D 143 14.02 -15.46 -21.02
C ALA D 143 14.80 -15.19 -22.30
N THR D 144 15.86 -15.97 -22.52
CA THR D 144 16.72 -15.76 -23.66
C THR D 144 16.09 -16.22 -24.97
N PHE D 145 15.39 -17.35 -24.94
CA PHE D 145 14.91 -17.96 -26.18
C PHE D 145 13.45 -17.66 -26.49
N PHE D 146 12.63 -17.44 -25.48
CA PHE D 146 11.21 -17.16 -25.72
C PHE D 146 10.73 -15.94 -24.95
N PRO D 147 11.34 -14.77 -25.23
CA PRO D 147 10.91 -13.57 -24.49
C PRO D 147 9.65 -12.99 -25.08
N CYS D 148 8.84 -12.33 -24.26
CA CYS D 148 7.64 -11.68 -24.75
C CYS D 148 8.03 -10.45 -25.56
N LEU D 149 9.06 -9.76 -25.09
CA LEU D 149 9.57 -8.53 -25.69
C LEU D 149 8.46 -7.52 -25.87
N ARG D 150 7.73 -7.25 -24.79
CA ARG D 150 6.62 -6.32 -24.78
C ARG D 150 7.08 -4.89 -25.08
N GLU D 151 6.23 -4.15 -25.78
CA GLU D 151 6.57 -2.79 -26.18
C GLU D 151 6.83 -1.89 -24.96
N LEU D 152 6.05 -2.10 -23.90
CA LEU D 152 6.15 -1.26 -22.70
C LEU D 152 7.32 -1.65 -21.82
N ASP D 153 7.70 -2.93 -21.87
CA ASP D 153 8.88 -3.39 -21.16
C ASP D 153 10.10 -2.70 -21.77
N PHE D 154 10.03 -2.48 -23.07
CA PHE D 154 11.06 -1.76 -23.82
C PHE D 154 11.10 -0.30 -23.43
N TRP D 155 9.93 0.26 -23.11
CA TRP D 155 9.83 1.66 -22.71
C TRP D 155 10.42 1.91 -21.33
N GLN D 156 10.42 0.88 -20.49
CA GLN D 156 10.91 1.03 -19.12
C GLN D 156 12.42 0.87 -19.06
N GLU D 157 12.94 -0.15 -19.74
CA GLU D 157 14.35 -0.48 -19.64
C GLU D 157 15.19 0.27 -20.68
N GLY D 158 14.57 0.60 -21.81
CA GLY D 158 15.29 1.28 -22.88
C GLY D 158 15.18 2.79 -22.82
N TRP D 159 14.26 3.34 -23.60
CA TRP D 159 14.01 4.77 -23.62
C TRP D 159 12.54 5.04 -23.93
N ARG D 160 12.01 6.16 -23.45
CA ARG D 160 10.63 6.52 -23.78
C ARG D 160 10.38 8.02 -23.66
N LEU D 161 9.37 8.50 -24.36
CA LEU D 161 8.85 9.85 -24.12
C LEU D 161 7.74 9.75 -23.09
N GLU D 162 7.84 10.57 -22.05
CA GLU D 162 6.89 10.51 -20.96
C GLU D 162 6.63 11.89 -20.41
N HIS D 163 5.37 12.13 -20.02
CA HIS D 163 5.03 13.37 -19.33
C HIS D 163 5.60 13.32 -17.92
N GLU D 164 5.99 14.48 -17.41
CA GLU D 164 6.57 14.57 -16.08
C GLU D 164 5.56 14.06 -15.05
N ASN D 165 4.28 14.30 -15.33
CA ASN D 165 3.20 13.59 -14.67
C ASN D 165 2.35 12.90 -15.73
N PRO D 166 2.46 11.57 -15.83
CA PRO D 166 1.80 10.74 -16.85
C PRO D 166 0.27 10.86 -16.86
N SER D 167 -0.30 11.55 -15.88
CA SER D 167 -1.75 11.71 -15.81
C SER D 167 -2.22 13.05 -16.38
N ASP D 168 -1.30 14.01 -16.50
CA ASP D 168 -1.63 15.32 -17.04
C ASP D 168 -0.85 15.59 -18.33
N PRO D 169 -1.51 15.42 -19.49
CA PRO D 169 -0.85 15.56 -20.79
C PRO D 169 -0.49 17.01 -21.16
N GLN D 170 -0.55 17.91 -20.19
CA GLN D 170 -0.14 19.30 -20.39
C GLN D 170 1.25 19.52 -19.80
N THR D 171 1.72 18.54 -19.04
CA THR D 171 3.08 18.56 -18.55
C THR D 171 3.98 18.21 -19.73
N PRO D 172 5.19 18.78 -19.80
CA PRO D 172 6.05 18.53 -20.97
C PRO D 172 6.60 17.10 -21.04
N LEU D 173 6.93 16.66 -22.25
CA LEU D 173 7.46 15.32 -22.46
C LEU D 173 8.98 15.31 -22.26
N VAL D 174 9.48 14.27 -21.62
CA VAL D 174 10.91 14.14 -21.39
C VAL D 174 11.41 12.74 -21.74
N PHE D 175 12.73 12.60 -21.84
CA PHE D 175 13.35 11.29 -22.05
C PHE D 175 13.50 10.57 -20.72
N LYS D 176 13.14 9.29 -20.69
CA LYS D 176 13.38 8.44 -19.54
C LYS D 176 13.81 7.06 -19.98
N GLY D 177 14.36 6.28 -19.07
CA GLY D 177 14.81 4.93 -19.38
C GLY D 177 15.90 4.51 -18.42
N VAL D 178 15.96 3.22 -18.13
CA VAL D 178 16.94 2.68 -17.20
C VAL D 178 18.33 2.64 -17.84
N VAL D 179 18.42 2.01 -19.01
CA VAL D 179 19.67 1.91 -19.74
C VAL D 179 20.12 3.31 -20.18
N PHE D 180 19.15 4.13 -20.57
CA PHE D 180 19.40 5.52 -20.94
C PHE D 180 20.14 6.26 -19.84
N ASN D 181 19.78 6.00 -18.59
CA ASN D 181 20.46 6.62 -17.45
C ASN D 181 21.66 5.80 -17.01
N GLU D 182 21.60 4.49 -17.28
CA GLU D 182 22.73 3.61 -17.01
C GLU D 182 23.96 4.03 -17.81
N MET D 183 23.73 4.43 -19.07
CA MET D 183 24.82 4.81 -19.96
C MET D 183 25.25 6.25 -19.73
N GLY D 185 25.52 7.54 -16.74
CA GLY D 185 26.45 7.44 -15.62
C GLY D 185 27.67 6.62 -15.95
N ALA D 186 27.55 5.71 -16.92
CA ALA D 186 28.69 4.93 -17.35
C ALA D 186 29.73 5.83 -17.99
N PHE D 187 29.27 6.80 -18.78
CA PHE D 187 30.17 7.71 -19.46
C PHE D 187 30.35 9.00 -18.68
N THR D 188 29.99 8.96 -17.40
CA THR D 188 30.37 10.00 -16.47
C THR D 188 31.85 9.80 -16.15
N ASP D 189 32.26 8.53 -16.19
CA ASP D 189 33.65 8.15 -16.01
C ASP D 189 34.42 8.46 -17.29
N ASN D 190 35.42 9.33 -17.19
CA ASN D 190 36.18 9.76 -18.36
C ASN D 190 37.09 8.66 -18.91
N GLU D 191 37.56 7.78 -18.03
CA GLU D 191 38.37 6.65 -18.44
C GLU D 191 37.58 5.73 -19.37
N ARG D 192 36.29 5.63 -19.10
CA ARG D 192 35.39 4.78 -19.87
C ARG D 192 35.05 5.42 -21.21
N ILE D 193 35.06 6.76 -21.21
CA ILE D 193 34.91 7.52 -22.44
C ILE D 193 36.12 7.25 -23.32
N PHE D 194 37.30 7.30 -22.71
CA PHE D 194 38.56 7.05 -23.41
C PHE D 194 38.64 5.62 -23.93
N SER D 195 38.24 4.66 -23.11
CA SER D 195 38.27 3.26 -23.50
C SER D 195 37.40 3.01 -24.72
N GLN D 196 36.22 3.63 -24.73
CA GLN D 196 35.29 3.45 -25.83
C GLN D 196 35.85 3.98 -27.14
N HIS D 197 36.37 5.21 -27.11
CA HIS D 197 36.88 5.84 -28.32
C HIS D 197 38.12 5.12 -28.84
N LEU D 198 38.90 4.54 -27.95
CA LEU D 198 40.09 3.78 -28.34
C LEU D 198 39.68 2.59 -29.19
N GLN D 199 38.72 1.82 -28.70
CA GLN D 199 38.25 0.62 -29.41
C GLN D 199 37.59 0.98 -30.74
N ASN D 200 36.84 2.08 -30.76
CA ASN D 200 36.09 2.48 -31.94
C ASN D 200 37.00 2.93 -33.08
N ARG D 201 38.08 3.61 -32.73
CA ARG D 201 39.02 4.15 -33.72
C ARG D 201 40.02 3.11 -34.22
N LEU D 202 40.36 2.16 -33.36
CA LEU D 202 41.36 1.15 -33.69
C LEU D 202 40.76 0.05 -34.56
N LEU D 203 39.48 -0.22 -34.37
CA LEU D 203 38.76 -1.21 -35.16
C LEU D 203 37.50 -0.58 -35.75
N PRO D 204 37.67 0.35 -36.72
CA PRO D 204 36.57 1.18 -37.18
C PRO D 204 35.77 0.57 -38.33
N ASP D 205 36.07 -0.67 -38.70
CA ASP D 205 35.44 -1.27 -39.86
C ASP D 205 34.09 -1.90 -39.56
N HIS D 206 33.99 -2.59 -38.44
CA HIS D 206 32.78 -3.36 -38.16
C HIS D 206 32.40 -3.13 -36.70
N THR D 207 31.62 -4.04 -36.15
CA THR D 207 30.84 -3.85 -34.93
C THR D 207 31.60 -3.18 -33.80
N TYR D 208 32.93 -3.18 -33.87
CA TYR D 208 33.75 -2.57 -32.83
C TYR D 208 33.85 -1.06 -32.99
N SER D 209 33.28 -0.54 -34.07
CA SER D 209 33.33 0.89 -34.34
C SER D 209 32.21 1.66 -33.65
N VAL D 210 31.28 0.93 -33.03
CA VAL D 210 30.11 1.55 -32.42
C VAL D 210 30.08 1.34 -30.91
N VAL D 211 29.17 2.05 -30.24
CA VAL D 211 29.01 1.93 -28.80
C VAL D 211 27.96 0.86 -28.50
N SER D 212 28.43 -0.34 -28.18
CA SER D 212 27.55 -1.50 -27.99
C SER D 212 26.60 -1.33 -26.81
N GLY D 213 27.04 -0.60 -25.79
CA GLY D 213 26.24 -0.41 -24.60
C GLY D 213 25.20 0.66 -24.83
N GLY D 214 25.49 1.57 -25.75
CA GLY D 214 24.56 2.62 -26.10
C GLY D 214 25.09 4.03 -25.83
N ASP D 215 25.15 4.84 -26.88
CA ASP D 215 25.45 6.26 -26.73
C ASP D 215 24.14 6.99 -26.45
N PRO D 216 24.03 7.61 -25.26
CA PRO D 216 22.83 8.31 -24.77
C PRO D 216 22.16 9.22 -25.80
N LEU D 217 22.92 9.69 -26.77
CA LEU D 217 22.36 10.57 -27.81
C LEU D 217 21.80 9.78 -28.98
N CYS D 218 22.20 8.51 -29.10
CA CYS D 218 21.79 7.68 -30.23
C CYS D 218 20.78 6.62 -29.80
N ILE D 219 20.61 6.48 -28.48
CA ILE D 219 19.67 5.51 -27.91
C ILE D 219 18.21 5.74 -28.34
N PRO D 220 17.71 6.99 -28.31
CA PRO D 220 16.30 7.15 -28.69
C PRO D 220 16.01 6.94 -30.18
N GLU D 221 17.03 6.64 -30.97
CA GLU D 221 16.81 6.30 -32.37
C GLU D 221 16.43 4.84 -32.51
N LEU D 222 16.45 4.12 -31.40
CA LEU D 222 16.14 2.69 -31.39
C LEU D 222 14.64 2.45 -31.34
N THR D 223 14.13 1.69 -32.30
CA THR D 223 12.69 1.38 -32.34
C THR D 223 12.43 0.00 -31.76
N TRP D 224 11.15 -0.26 -31.45
CA TRP D 224 10.74 -1.54 -30.91
C TRP D 224 10.99 -2.68 -31.90
N GLU D 225 10.75 -2.41 -33.17
CA GLU D 225 10.92 -3.43 -34.21
C GLU D 225 12.40 -3.78 -34.38
N GLN D 226 13.27 -2.77 -34.23
CA GLN D 226 14.70 -2.99 -34.31
C GLN D 226 15.16 -3.89 -33.16
N LEU D 227 14.49 -3.78 -32.01
CA LEU D 227 14.80 -4.61 -30.86
C LEU D 227 14.39 -6.06 -31.09
N LYS D 228 13.20 -6.25 -31.64
CA LYS D 228 12.69 -7.59 -31.93
C LYS D 228 13.49 -8.27 -33.05
N GLN D 229 13.91 -7.48 -34.04
CA GLN D 229 14.69 -8.04 -35.15
C GLN D 229 16.07 -8.50 -34.69
N PHE D 230 16.71 -7.70 -33.86
CA PHE D 230 18.03 -8.01 -33.34
C PHE D 230 18.02 -9.32 -32.56
N HIS D 231 16.94 -9.55 -31.82
CA HIS D 231 16.81 -10.76 -31.04
C HIS D 231 16.63 -11.99 -31.93
N ALA D 232 15.81 -11.83 -32.97
CA ALA D 232 15.53 -12.93 -33.88
C ALA D 232 16.78 -13.33 -34.67
N THR D 233 17.71 -12.39 -34.80
CA THR D 233 18.93 -12.61 -35.57
C THR D 233 20.05 -13.22 -34.74
N HIS D 234 20.09 -12.90 -33.44
CA HIS D 234 21.25 -13.25 -32.62
C HIS D 234 20.96 -14.27 -31.51
N TYR D 235 19.70 -14.41 -31.10
CA TYR D 235 19.38 -15.28 -29.96
C TYR D 235 18.84 -16.63 -30.41
N HIS D 236 19.48 -17.18 -31.42
CA HIS D 236 19.23 -18.53 -31.90
C HIS D 236 20.33 -19.45 -31.36
N PRO D 237 19.95 -20.62 -30.84
CA PRO D 237 20.88 -21.55 -30.20
C PRO D 237 22.11 -21.91 -31.05
N SER D 238 22.00 -21.78 -32.37
CA SER D 238 23.14 -22.01 -33.26
C SER D 238 24.17 -20.89 -33.12
N ASN D 239 23.76 -19.79 -32.49
CA ASN D 239 24.64 -18.65 -32.27
C ASN D 239 25.01 -18.56 -30.78
N ALA D 240 24.90 -19.68 -30.08
CA ALA D 240 25.02 -19.69 -28.63
C ALA D 240 26.12 -20.60 -28.09
N ARG D 241 26.62 -20.26 -26.90
CA ARG D 241 27.57 -21.12 -26.20
C ARG D 241 27.01 -21.44 -24.82
N PHE D 242 26.82 -22.72 -24.54
CA PHE D 242 26.31 -23.12 -23.24
C PHE D 242 27.45 -23.61 -22.36
N PHE D 243 27.40 -23.23 -21.08
CA PHE D 243 28.49 -23.51 -20.16
C PHE D 243 27.97 -23.88 -18.78
N THR D 244 28.51 -24.96 -18.21
CA THR D 244 28.22 -25.28 -16.81
C THR D 244 29.50 -25.65 -16.08
N TYR D 245 29.49 -25.40 -14.77
CA TYR D 245 30.62 -25.69 -13.91
C TYR D 245 30.14 -26.23 -12.57
N GLY D 246 30.79 -27.27 -12.07
CA GLY D 246 30.51 -27.71 -10.72
C GLY D 246 30.28 -29.20 -10.57
N ASN D 247 29.67 -29.57 -9.45
CA ASN D 247 29.51 -30.97 -9.07
C ASN D 247 28.15 -31.53 -9.44
N PHE D 248 27.22 -30.66 -9.81
CA PHE D 248 25.89 -31.11 -10.22
C PHE D 248 26.01 -31.96 -11.48
N PRO D 249 25.25 -33.07 -11.53
CA PRO D 249 25.22 -33.97 -12.69
C PRO D 249 24.95 -33.23 -14.00
N LEU D 250 25.76 -33.49 -15.00
CA LEU D 250 25.64 -32.87 -16.31
C LEU D 250 24.34 -33.24 -17.02
N GLU D 251 23.89 -34.48 -16.81
CA GLU D 251 22.68 -34.99 -17.48
C GLU D 251 21.44 -34.15 -17.18
N GLN D 252 21.29 -33.73 -15.92
CA GLN D 252 20.12 -32.92 -15.54
C GLN D 252 20.09 -31.59 -16.28
N HIS D 253 21.25 -30.97 -16.43
CA HIS D 253 21.38 -29.70 -17.14
C HIS D 253 21.02 -29.89 -18.62
N LEU D 254 21.62 -30.90 -19.22
CA LEU D 254 21.45 -31.20 -20.64
C LEU D 254 19.99 -31.53 -20.98
N LYS D 255 19.36 -32.31 -20.12
CA LYS D 255 17.96 -32.70 -20.31
C LYS D 255 17.05 -31.48 -20.24
N GLN D 256 17.37 -30.56 -19.34
CA GLN D 256 16.58 -29.35 -19.17
C GLN D 256 16.75 -28.43 -20.37
N ILE D 257 18.00 -28.27 -20.81
CA ILE D 257 18.32 -27.38 -21.94
C ILE D 257 17.67 -27.86 -23.24
N HIS D 258 17.69 -29.16 -23.47
CA HIS D 258 17.11 -29.73 -24.67
C HIS D 258 15.58 -29.67 -24.67
N GLU D 259 14.98 -30.12 -23.57
CA GLU D 259 13.54 -30.28 -23.50
C GLU D 259 12.78 -28.96 -23.28
N GLU D 260 13.49 -27.91 -22.88
CA GLU D 260 12.82 -26.65 -22.58
C GLU D 260 13.04 -25.64 -23.70
N ALA D 261 14.10 -25.80 -24.48
CA ALA D 261 14.50 -24.79 -25.46
C ALA D 261 14.96 -25.36 -26.80
N LEU D 262 16.05 -26.12 -26.79
CA LEU D 262 16.75 -26.49 -28.02
C LEU D 262 15.96 -27.42 -28.96
N SER D 263 15.03 -28.21 -28.41
CA SER D 263 14.25 -29.14 -29.23
C SER D 263 13.28 -28.45 -30.18
N PHE D 265 14.11 -25.87 -32.16
CA PHE D 265 14.87 -25.18 -33.19
C PHE D 265 15.53 -26.18 -34.15
N GLN D 266 15.98 -25.67 -35.29
CA GLN D 266 16.77 -26.46 -36.22
C GLN D 266 18.02 -25.67 -36.55
N ILE D 268 20.75 -23.42 -38.01
CA ILE D 268 20.95 -22.34 -38.97
C ILE D 268 22.40 -21.88 -38.93
N GLU D 269 22.79 -21.06 -39.90
CA GLU D 269 24.12 -20.47 -39.90
C GLU D 269 23.98 -18.97 -39.70
N PRO D 270 24.24 -18.52 -38.46
CA PRO D 270 24.01 -17.15 -37.98
C PRO D 270 24.75 -16.06 -38.76
N SER D 271 24.04 -14.99 -39.09
CA SER D 271 24.64 -13.82 -39.74
C SER D 271 25.25 -12.92 -38.68
N THR D 272 26.18 -13.48 -37.91
CA THR D 272 26.71 -12.83 -36.73
C THR D 272 28.23 -12.86 -36.68
N VAL D 273 28.86 -13.26 -37.78
CA VAL D 273 30.32 -13.37 -37.83
C VAL D 273 31.00 -12.00 -37.84
N VAL D 274 32.00 -11.83 -36.99
CA VAL D 274 32.83 -10.62 -37.01
C VAL D 274 34.04 -10.84 -37.90
N PRO D 275 34.12 -10.11 -39.01
CA PRO D 275 35.23 -10.26 -39.97
C PRO D 275 36.56 -9.81 -39.38
N ALA D 276 37.66 -10.22 -40.00
CA ALA D 276 38.97 -9.79 -39.53
C ALA D 276 39.18 -8.33 -39.89
N GLN D 277 39.72 -7.56 -38.96
CA GLN D 277 40.03 -6.16 -39.19
C GLN D 277 41.11 -6.03 -40.25
N THR D 278 40.85 -5.28 -41.32
CA THR D 278 41.84 -5.07 -42.36
C THR D 278 42.94 -4.12 -41.87
N PRO D 279 44.17 -4.64 -41.76
CA PRO D 279 45.32 -3.93 -41.18
C PRO D 279 45.69 -2.64 -41.91
N TRP D 280 46.01 -1.59 -41.15
CA TRP D 280 46.39 -0.30 -41.72
C TRP D 280 47.77 -0.35 -42.35
N ASP D 281 48.00 0.53 -43.33
CA ASP D 281 49.30 0.66 -43.94
C ASP D 281 50.11 1.76 -43.25
N LYS D 282 49.39 2.66 -42.58
CA LYS D 282 49.99 3.80 -41.90
C LYS D 282 49.16 4.12 -40.65
N PRO D 283 49.84 4.45 -39.54
CA PRO D 283 49.18 4.78 -38.26
C PRO D 283 48.27 6.01 -38.34
N ARG D 284 47.38 6.14 -37.36
CA ARG D 284 46.43 7.26 -37.32
C ARG D 284 46.48 7.98 -35.98
N GLU D 285 46.05 9.24 -35.97
CA GLU D 285 45.95 10.01 -34.74
C GLU D 285 44.57 10.64 -34.61
N PHE D 286 44.00 10.58 -33.40
CA PHE D 286 42.72 11.22 -33.15
C PHE D 286 42.71 11.99 -31.84
N GLN D 287 41.90 13.04 -31.79
CA GLN D 287 41.79 13.87 -30.60
C GLN D 287 40.33 13.96 -30.19
N ILE D 288 40.05 13.71 -28.92
CA ILE D 288 38.67 13.78 -28.40
C ILE D 288 38.60 14.63 -27.14
N THR D 289 37.39 14.83 -26.62
CA THR D 289 37.20 15.62 -25.42
C THR D 289 36.40 14.84 -24.37
N CYS D 290 36.55 15.24 -23.11
CA CYS D 290 35.86 14.60 -22.01
C CYS D 290 35.42 15.65 -21.00
N GLY D 291 34.98 15.20 -19.82
CA GLY D 291 34.52 16.11 -18.78
C GLY D 291 35.64 16.62 -17.88
N PRO D 292 35.37 17.75 -17.18
CA PRO D 292 36.29 18.43 -16.27
C PRO D 292 36.48 17.67 -14.96
N ASP D 293 37.27 18.25 -14.05
CA ASP D 293 37.60 17.64 -12.77
C ASP D 293 38.12 16.21 -12.91
N PRO D 299 44.14 22.32 -14.10
CA PRO D 299 43.62 23.39 -14.95
C PRO D 299 44.70 24.08 -15.79
N SER D 300 45.20 23.39 -16.82
CA SER D 300 44.69 22.07 -17.18
C SER D 300 45.77 21.03 -17.44
N LYS D 301 46.43 20.58 -16.38
CA LYS D 301 47.38 19.48 -16.44
C LYS D 301 46.57 18.19 -16.30
N GLN D 302 45.68 17.97 -17.24
CA GLN D 302 44.85 16.80 -17.24
C GLN D 302 44.54 16.30 -18.63
N THR D 303 45.55 16.26 -19.49
CA THR D 303 45.41 15.69 -20.82
C THR D 303 45.80 14.20 -20.76
N THR D 304 45.04 13.37 -21.47
CA THR D 304 45.35 11.94 -21.54
C THR D 304 45.75 11.58 -22.96
N VAL D 305 46.83 10.81 -23.10
CA VAL D 305 47.30 10.36 -24.41
C VAL D 305 47.70 8.89 -24.34
N SER D 306 47.47 8.15 -25.43
CA SER D 306 47.81 6.74 -25.47
C SER D 306 48.23 6.32 -26.87
N VAL D 307 48.97 5.22 -26.94
CA VAL D 307 49.36 4.64 -28.22
C VAL D 307 49.02 3.16 -28.18
N SER D 308 48.28 2.69 -29.19
CA SER D 308 47.82 1.31 -29.20
C SER D 308 48.19 0.58 -30.48
N PHE D 309 48.43 -0.72 -30.33
CA PHE D 309 48.86 -1.56 -31.45
C PHE D 309 47.89 -2.72 -31.65
N LEU D 310 47.60 -3.05 -32.90
CA LEU D 310 46.71 -4.16 -33.19
C LEU D 310 47.47 -5.47 -33.14
N LEU D 311 46.87 -6.47 -32.49
CA LEU D 311 47.50 -7.77 -32.29
C LEU D 311 46.72 -8.83 -33.07
N PRO D 312 47.26 -10.06 -33.17
CA PRO D 312 46.53 -11.09 -33.92
C PRO D 312 45.25 -11.59 -33.25
N ASP D 313 44.54 -12.48 -33.93
CA ASP D 313 43.31 -13.08 -33.41
C ASP D 313 43.59 -13.81 -32.10
N ILE D 314 42.68 -13.66 -31.16
CA ILE D 314 42.80 -14.31 -29.85
C ILE D 314 42.57 -15.81 -29.94
N THR D 315 42.15 -16.26 -31.12
CA THR D 315 41.91 -17.68 -31.36
C THR D 315 43.22 -18.45 -31.47
N ASP D 316 44.31 -17.74 -31.80
CA ASP D 316 45.65 -18.30 -31.69
C ASP D 316 46.05 -18.28 -30.21
N THR D 317 45.58 -19.28 -29.47
CA THR D 317 45.60 -19.27 -28.01
C THR D 317 47.00 -19.13 -27.41
N PHE D 318 47.98 -19.84 -27.96
CA PHE D 318 49.33 -19.76 -27.40
C PHE D 318 49.95 -18.40 -27.68
N GLU D 319 49.74 -17.89 -28.89
CA GLU D 319 50.28 -16.59 -29.24
C GLU D 319 49.56 -15.49 -28.47
N ALA D 320 48.31 -15.75 -28.11
CA ALA D 320 47.54 -14.84 -27.29
C ALA D 320 48.07 -14.87 -25.86
N PHE D 321 48.34 -16.07 -25.36
CA PHE D 321 48.92 -16.26 -24.04
C PHE D 321 50.30 -15.61 -23.94
N THR D 322 51.04 -15.65 -25.04
CA THR D 322 52.37 -15.06 -25.10
C THR D 322 52.35 -13.54 -24.97
N LEU D 323 51.52 -12.90 -25.80
CA LEU D 323 51.46 -11.44 -25.82
C LEU D 323 50.85 -10.88 -24.54
N SER D 324 50.01 -11.67 -23.87
CA SER D 324 49.42 -11.26 -22.61
C SER D 324 50.49 -11.20 -21.52
N LEU D 325 51.35 -12.21 -21.50
CA LEU D 325 52.49 -12.23 -20.60
C LEU D 325 53.47 -11.13 -20.96
N LEU D 326 53.73 -10.99 -22.27
CA LEU D 326 54.63 -9.96 -22.77
C LEU D 326 54.15 -8.57 -22.38
N SER D 327 52.84 -8.41 -22.34
CA SER D 327 52.22 -7.14 -22.00
C SER D 327 52.41 -6.78 -20.52
N SER D 328 52.47 -7.79 -19.66
CA SER D 328 52.71 -7.56 -18.24
C SER D 328 54.18 -7.20 -17.99
N LEU D 329 55.09 -7.88 -18.69
CA LEU D 329 56.52 -7.58 -18.56
C LEU D 329 56.82 -6.13 -18.92
N LEU D 330 56.00 -5.57 -19.81
CA LEU D 330 56.22 -4.22 -20.31
C LEU D 330 55.62 -3.14 -19.42
N THR D 331 54.56 -3.48 -18.68
CA THR D 331 53.79 -2.46 -17.98
C THR D 331 53.54 -2.75 -16.50
N SER D 332 53.69 -3.99 -16.08
CA SER D 332 53.32 -4.36 -14.71
C SER D 332 54.50 -4.16 -13.75
N GLY D 333 54.30 -3.30 -12.75
CA GLY D 333 55.28 -3.09 -11.71
C GLY D 333 56.26 -1.97 -12.03
N PRO D 334 56.95 -1.46 -11.01
CA PRO D 334 57.90 -0.34 -11.17
C PRO D 334 59.20 -0.75 -11.85
N ASN D 335 59.35 -2.03 -12.15
CA ASN D 335 60.54 -2.53 -12.82
C ASN D 335 60.29 -2.69 -14.31
N SER D 336 59.07 -2.40 -14.73
CA SER D 336 58.69 -2.48 -16.14
C SER D 336 59.22 -1.27 -16.91
N PRO D 337 59.59 -1.49 -18.18
CA PRO D 337 60.13 -0.45 -19.07
C PRO D 337 59.26 0.82 -19.16
N PHE D 338 57.96 0.66 -19.39
CA PHE D 338 57.09 1.81 -19.55
C PHE D 338 56.84 2.54 -18.23
N TYR D 339 56.97 1.82 -17.12
CA TYR D 339 56.85 2.44 -15.82
C TYR D 339 58.04 3.37 -15.61
N ALA D 341 59.97 4.69 -17.91
CA ALA D 341 60.05 5.74 -18.92
C ALA D 341 58.95 6.78 -18.77
N LEU D 342 57.75 6.34 -18.42
CA LEU D 342 56.59 7.24 -18.42
C LEU D 342 56.19 7.70 -17.03
N ILE D 343 56.03 6.75 -16.11
CA ILE D 343 55.64 7.09 -14.74
C ILE D 343 56.74 7.87 -14.02
N GLU D 344 57.98 7.36 -14.09
CA GLU D 344 59.10 7.98 -13.38
C GLU D 344 59.65 9.22 -14.08
N SER D 345 59.03 9.62 -15.18
CA SER D 345 59.44 10.83 -15.86
C SER D 345 58.79 12.03 -15.19
N GLY D 346 57.73 11.77 -14.42
CA GLY D 346 57.00 12.82 -13.75
C GLY D 346 56.26 13.68 -14.76
N LEU D 347 55.96 13.08 -15.91
CA LEU D 347 55.23 13.78 -16.97
C LEU D 347 53.72 13.67 -16.76
N GLY D 348 53.30 12.55 -16.16
CA GLY D 348 51.90 12.31 -15.91
C GLY D 348 51.64 11.93 -14.47
N THR D 349 50.47 11.35 -14.22
CA THR D 349 50.09 10.97 -12.86
C THR D 349 49.90 9.46 -12.78
N ASP D 350 49.57 8.85 -13.92
CA ASP D 350 49.29 7.42 -13.96
C ASP D 350 49.23 6.90 -15.40
N PHE D 351 49.19 5.59 -15.55
CA PHE D 351 49.01 4.97 -16.86
C PHE D 351 47.68 5.40 -17.47
N SER D 352 47.61 5.39 -18.79
CA SER D 352 46.36 5.68 -19.50
C SER D 352 45.37 4.55 -19.25
N PRO D 353 44.08 4.78 -19.58
CA PRO D 353 43.12 3.69 -19.37
C PRO D 353 43.38 2.51 -20.31
N ASP D 354 42.98 1.31 -19.87
CA ASP D 354 43.15 0.09 -20.65
C ASP D 354 44.60 -0.16 -21.03
N VAL D 355 45.51 0.11 -20.09
CA VAL D 355 46.93 -0.12 -20.33
C VAL D 355 47.18 -1.62 -20.34
N GLY D 356 48.02 -2.08 -21.26
CA GLY D 356 48.37 -3.48 -21.32
C GLY D 356 47.59 -4.26 -22.37
N TYR D 357 47.37 -5.54 -22.10
CA TYR D 357 46.73 -6.43 -23.06
C TYR D 357 45.22 -6.37 -22.99
N ASN D 358 44.58 -6.16 -24.14
CA ASN D 358 43.13 -6.16 -24.24
C ASN D 358 42.63 -7.27 -25.14
N GLY D 359 42.10 -8.33 -24.55
CA GLY D 359 41.69 -9.49 -25.32
C GLY D 359 40.20 -9.74 -25.32
N TYR D 360 39.42 -8.66 -25.36
CA TYR D 360 37.97 -8.76 -25.40
C TYR D 360 37.47 -8.77 -26.84
N THR D 361 38.19 -8.09 -27.71
CA THR D 361 37.84 -8.04 -29.12
C THR D 361 38.41 -9.25 -29.85
N ARG D 362 38.03 -9.42 -31.11
CA ARG D 362 38.53 -10.54 -31.91
C ARG D 362 40.04 -10.42 -32.08
N GLU D 363 40.47 -9.30 -32.66
CA GLU D 363 41.88 -8.96 -32.66
C GLU D 363 42.20 -8.25 -31.34
N ALA D 364 43.11 -8.83 -30.56
CA ALA D 364 43.50 -8.21 -29.31
C ALA D 364 44.30 -6.95 -29.60
N TYR D 365 44.51 -6.11 -28.59
CA TYR D 365 45.38 -4.95 -28.76
C TYR D 365 46.09 -4.55 -27.47
N PHE D 366 47.25 -3.91 -27.64
CA PHE D 366 48.05 -3.43 -26.52
C PHE D 366 47.97 -1.91 -26.48
N SER D 367 47.92 -1.36 -25.28
CA SER D 367 47.87 0.09 -25.12
C SER D 367 48.82 0.53 -24.00
N VAL D 368 49.42 1.70 -24.18
CA VAL D 368 50.23 2.31 -23.14
C VAL D 368 50.19 3.83 -23.34
N GLY D 369 50.34 4.56 -22.25
CA GLY D 369 50.29 6.01 -22.29
C GLY D 369 50.16 6.61 -20.90
N LEU D 370 49.93 7.92 -20.84
CA LEU D 370 49.83 8.60 -19.57
C LEU D 370 48.55 9.43 -19.48
N GLN D 371 48.12 9.69 -18.24
CA GLN D 371 47.09 10.68 -17.98
C GLN D 371 47.62 11.69 -16.96
N GLY D 372 47.09 12.91 -16.99
CA GLY D 372 47.53 13.93 -16.07
C GLY D 372 48.75 14.66 -16.57
N ILE D 373 48.91 14.72 -17.89
CA ILE D 373 50.03 15.43 -18.48
C ILE D 373 49.58 16.78 -19.03
N VAL D 374 50.53 17.70 -19.14
CA VAL D 374 50.27 18.98 -19.80
C VAL D 374 50.44 18.77 -21.30
N GLU D 375 49.57 19.38 -22.09
CA GLU D 375 49.52 19.13 -23.54
C GLU D 375 50.86 19.42 -24.21
N LYS D 376 51.69 20.26 -23.59
CA LYS D 376 52.98 20.61 -24.15
C LYS D 376 53.93 19.41 -24.15
N ASP D 377 53.65 18.43 -23.31
CA ASP D 377 54.52 17.28 -23.16
C ASP D 377 54.04 16.05 -23.95
N ILE D 378 53.03 16.25 -24.81
CA ILE D 378 52.43 15.12 -25.52
C ILE D 378 53.43 14.44 -26.45
N GLU D 379 54.17 15.24 -27.21
CA GLU D 379 55.12 14.68 -28.16
C GLU D 379 56.28 13.99 -27.45
N THR D 380 56.68 14.54 -26.31
CA THR D 380 57.72 13.92 -25.50
C THR D 380 57.30 12.51 -25.09
N VAL D 381 56.06 12.37 -24.62
CA VAL D 381 55.51 11.08 -24.22
C VAL D 381 55.49 10.09 -25.37
N ARG D 382 55.01 10.53 -26.52
CA ARG D 382 54.95 9.68 -27.71
C ARG D 382 56.35 9.23 -28.12
N SER D 383 57.33 10.11 -27.97
CA SER D 383 58.70 9.80 -28.33
C SER D 383 59.29 8.78 -27.34
N LEU D 384 58.98 8.95 -26.06
CA LEU D 384 59.47 8.04 -25.03
C LEU D 384 59.00 6.61 -25.25
N ILE D 385 57.73 6.43 -25.59
CA ILE D 385 57.19 5.12 -25.90
C ILE D 385 57.94 4.48 -27.07
N ASP D 386 58.23 5.27 -28.09
CA ASP D 386 59.01 4.79 -29.23
C ASP D 386 60.41 4.34 -28.83
N ARG D 387 61.10 5.18 -28.06
CA ARG D 387 62.47 4.89 -27.65
C ARG D 387 62.53 3.67 -26.76
N THR D 388 61.54 3.54 -25.88
CA THR D 388 61.49 2.41 -24.95
C THR D 388 61.34 1.11 -25.70
N ILE D 389 60.49 1.11 -26.74
CA ILE D 389 60.27 -0.07 -27.57
C ILE D 389 61.56 -0.49 -28.26
N ASP D 390 62.32 0.48 -28.76
CA ASP D 390 63.60 0.20 -29.40
C ASP D 390 64.60 -0.41 -28.42
N GLU D 391 64.60 0.08 -27.18
CA GLU D 391 65.53 -0.40 -26.18
C GLU D 391 65.24 -1.85 -25.80
N VAL D 392 63.95 -2.18 -25.69
CA VAL D 392 63.53 -3.53 -25.32
C VAL D 392 63.90 -4.53 -26.42
N VAL D 393 63.71 -4.13 -27.67
CA VAL D 393 64.05 -4.98 -28.81
C VAL D 393 65.54 -5.33 -28.78
N GLU D 394 66.36 -4.37 -28.38
CA GLU D 394 67.80 -4.54 -28.40
C GLU D 394 68.37 -5.19 -27.13
N LYS D 395 67.66 -5.05 -26.01
CA LYS D 395 68.19 -5.49 -24.72
C LYS D 395 67.32 -6.56 -24.05
N GLY D 396 66.05 -6.60 -24.39
CA GLY D 396 65.16 -7.63 -23.85
C GLY D 396 64.75 -7.38 -22.40
N PHE D 397 64.34 -8.45 -21.74
CA PHE D 397 63.84 -8.36 -20.36
C PHE D 397 64.79 -9.03 -19.38
N GLU D 398 64.74 -8.58 -18.13
CA GLU D 398 65.55 -9.21 -17.09
C GLU D 398 65.00 -10.60 -16.83
N ASP D 399 65.88 -11.53 -16.49
CA ASP D 399 65.49 -12.93 -16.39
C ASP D 399 64.69 -13.18 -15.12
N ASP D 400 65.01 -12.45 -14.07
CA ASP D 400 64.34 -12.60 -12.78
C ASP D 400 62.93 -12.01 -12.80
N ARG D 401 62.66 -11.11 -13.74
CA ARG D 401 61.31 -10.55 -13.87
C ARG D 401 60.37 -11.51 -14.59
N ILE D 402 60.89 -12.29 -15.54
CA ILE D 402 60.10 -13.31 -16.20
C ILE D 402 59.70 -14.39 -15.19
N GLU D 403 60.61 -14.70 -14.28
CA GLU D 403 60.35 -15.67 -13.22
C GLU D 403 59.30 -15.15 -12.25
N ALA D 404 59.34 -13.84 -11.98
CA ALA D 404 58.36 -13.22 -11.09
C ALA D 404 56.98 -13.38 -11.69
N LEU D 405 56.89 -13.17 -13.00
CA LEU D 405 55.62 -13.30 -13.70
C LEU D 405 55.08 -14.72 -13.69
N LEU D 406 55.96 -15.70 -13.95
CA LEU D 406 55.57 -17.10 -13.95
C LEU D 406 55.15 -17.57 -12.56
N HIS D 407 55.75 -16.96 -11.54
CA HIS D 407 55.38 -17.24 -10.15
C HIS D 407 54.00 -16.67 -9.85
N LYS D 408 53.76 -15.48 -10.38
CA LYS D 408 52.47 -14.80 -10.25
C LYS D 408 51.35 -15.64 -10.84
N ILE D 409 51.60 -16.24 -12.00
CA ILE D 409 50.61 -17.10 -12.65
C ILE D 409 50.35 -18.36 -11.82
N GLU D 410 51.41 -18.89 -11.22
CA GLU D 410 51.31 -20.07 -10.37
C GLU D 410 50.36 -19.80 -9.20
N ILE D 411 50.42 -18.59 -8.67
CA ILE D 411 49.59 -18.21 -7.53
C ILE D 411 48.11 -18.13 -7.92
N GLN D 412 47.84 -17.56 -9.10
CA GLN D 412 46.47 -17.45 -9.59
C GLN D 412 45.84 -18.81 -9.85
N MET D 413 46.66 -19.80 -10.19
CA MET D 413 46.17 -21.14 -10.47
C MET D 413 45.86 -21.89 -9.18
N LYS D 414 46.67 -21.68 -8.16
CA LYS D 414 46.53 -22.43 -6.93
C LYS D 414 45.57 -21.79 -5.94
N HIS D 415 45.31 -20.50 -6.08
CA HIS D 415 44.40 -19.82 -5.17
C HIS D 415 42.98 -20.34 -5.34
N GLN D 416 42.27 -20.47 -4.23
CA GLN D 416 40.91 -21.00 -4.26
C GLN D 416 39.89 -19.89 -4.01
N SER D 417 39.19 -19.48 -5.07
CA SER D 417 38.14 -18.48 -4.92
C SER D 417 36.79 -19.17 -4.86
N THR D 418 35.75 -18.41 -4.52
CA THR D 418 34.40 -18.96 -4.41
C THR D 418 33.60 -18.83 -5.68
N SER D 419 34.08 -18.00 -6.60
CA SER D 419 33.38 -17.78 -7.87
C SER D 419 34.23 -18.22 -9.06
N PHE D 420 34.79 -19.43 -8.95
CA PHE D 420 35.68 -19.98 -9.97
C PHE D 420 34.98 -20.15 -11.31
N GLY D 421 33.78 -20.72 -11.27
CA GLY D 421 32.99 -20.93 -12.46
C GLY D 421 32.67 -19.64 -13.19
N LEU D 422 32.49 -18.56 -12.44
CA LEU D 422 32.19 -17.26 -13.02
C LEU D 422 33.43 -16.67 -13.70
N MET D 423 34.60 -16.85 -13.08
CA MET D 423 35.83 -16.33 -13.66
C MET D 423 36.15 -17.06 -14.96
N LEU D 424 35.91 -18.37 -14.95
CA LEU D 424 36.24 -19.22 -16.09
C LEU D 424 35.39 -18.94 -17.33
N THR D 425 34.08 -18.79 -17.12
CA THR D 425 33.18 -18.51 -18.23
C THR D 425 33.43 -17.10 -18.76
N SER D 426 33.84 -16.21 -17.87
CA SER D 426 34.16 -14.85 -18.28
C SER D 426 35.50 -14.82 -19.01
N TYR D 427 36.37 -15.75 -18.66
CA TYR D 427 37.74 -15.80 -19.21
C TYR D 427 37.85 -16.48 -20.56
N ILE D 428 36.85 -17.30 -20.91
CA ILE D 428 36.88 -18.04 -22.16
C ILE D 428 35.94 -17.41 -23.18
N ALA D 429 35.12 -16.48 -22.73
CA ALA D 429 34.03 -15.91 -23.54
C ALA D 429 34.46 -15.33 -24.88
N SER D 430 35.51 -14.51 -24.89
CA SER D 430 35.97 -13.82 -26.10
C SER D 430 36.51 -14.81 -27.14
N CYS D 431 37.33 -15.75 -26.68
CA CYS D 431 37.92 -16.75 -27.58
C CYS D 431 36.83 -17.64 -28.14
N TRP D 432 35.92 -18.05 -27.27
CA TRP D 432 34.82 -18.92 -27.64
C TRP D 432 33.87 -18.23 -28.59
N ASN D 433 33.73 -16.91 -28.43
CA ASN D 433 32.82 -16.11 -29.24
C ASN D 433 33.18 -16.16 -30.73
N HIS D 434 34.46 -16.32 -31.01
CA HIS D 434 34.94 -16.35 -32.39
C HIS D 434 35.43 -17.74 -32.76
N ASP D 435 34.71 -18.75 -32.25
CA ASP D 435 34.90 -20.14 -32.62
C ASP D 435 36.29 -20.66 -32.27
N GLY D 436 36.81 -20.24 -31.13
CA GLY D 436 38.07 -20.75 -30.62
C GLY D 436 37.81 -21.92 -29.71
N ASP D 437 38.87 -22.62 -29.32
CA ASP D 437 38.76 -23.76 -28.42
C ASP D 437 38.97 -23.29 -26.98
N PRO D 438 37.89 -23.24 -26.19
CA PRO D 438 37.95 -22.73 -24.81
C PRO D 438 38.75 -23.67 -23.91
N VAL D 439 38.91 -24.91 -24.32
CA VAL D 439 39.65 -25.89 -23.54
C VAL D 439 41.15 -25.62 -23.60
N GLU D 440 41.63 -25.10 -24.73
CA GLU D 440 43.04 -24.80 -24.88
C GLU D 440 43.49 -23.66 -23.97
N LEU D 441 42.56 -22.81 -23.56
CA LEU D 441 42.85 -21.75 -22.61
C LEU D 441 42.95 -22.30 -21.19
N LEU D 442 42.44 -23.51 -21.00
CA LEU D 442 42.41 -24.14 -19.68
C LEU D 442 43.69 -24.94 -19.41
N LYS D 443 44.39 -25.31 -20.47
CA LYS D 443 45.65 -26.04 -20.35
C LYS D 443 46.80 -25.08 -20.06
N LEU D 444 46.77 -24.47 -18.87
CA LEU D 444 47.76 -23.48 -18.49
C LEU D 444 49.13 -24.12 -18.27
N GLY D 445 49.11 -25.37 -17.82
CA GLY D 445 50.35 -26.12 -17.63
C GLY D 445 51.11 -26.29 -18.92
N ASN D 446 50.38 -26.53 -20.01
CA ASN D 446 50.98 -26.69 -21.32
C ASN D 446 51.53 -25.38 -21.87
N GLN D 447 50.76 -24.31 -21.71
CA GLN D 447 51.14 -23.00 -22.24
C GLN D 447 52.38 -22.46 -21.52
N LEU D 448 52.41 -22.63 -20.21
CA LEU D 448 53.58 -22.27 -19.41
C LEU D 448 54.81 -23.08 -19.84
N ALA D 449 54.62 -24.38 -20.01
CA ALA D 449 55.70 -25.28 -20.39
C ALA D 449 56.27 -24.88 -21.74
N LYS D 450 55.40 -24.66 -22.71
CA LYS D 450 55.83 -24.28 -24.05
C LYS D 450 56.48 -22.91 -24.04
N PHE D 451 55.97 -22.03 -23.18
CA PHE D 451 56.53 -20.69 -23.03
C PHE D 451 57.94 -20.75 -22.49
N ARG D 452 58.15 -21.59 -21.49
CA ARG D 452 59.48 -21.78 -20.91
C ARG D 452 60.43 -22.38 -21.94
N GLN D 453 59.95 -23.35 -22.69
CA GLN D 453 60.73 -24.01 -23.72
C GLN D 453 61.09 -23.04 -24.85
N CYS D 454 60.15 -22.17 -25.20
CA CYS D 454 60.37 -21.20 -26.26
C CYS D 454 61.44 -20.19 -25.89
N LEU D 455 61.68 -20.04 -24.59
CA LEU D 455 62.70 -19.11 -24.12
C LEU D 455 64.07 -19.78 -24.06
N GLN D 456 64.09 -21.02 -23.58
CA GLN D 456 65.34 -21.79 -23.48
C GLN D 456 65.88 -22.15 -24.86
N GLU D 457 64.99 -22.21 -25.84
CA GLU D 457 65.40 -22.54 -27.21
C GLU D 457 65.81 -21.29 -27.97
N ASN D 458 65.14 -20.18 -27.67
CA ASN D 458 65.39 -18.93 -28.37
C ASN D 458 65.59 -17.78 -27.39
N PRO D 459 66.84 -17.31 -27.24
CA PRO D 459 67.19 -16.24 -26.30
C PRO D 459 66.64 -14.88 -26.74
N LYS D 460 66.21 -14.78 -28.00
CA LYS D 460 65.68 -13.52 -28.53
C LYS D 460 64.19 -13.64 -28.81
N PHE D 461 63.53 -14.62 -28.19
CA PHE D 461 62.12 -14.87 -28.45
C PHE D 461 61.23 -13.66 -28.20
N LEU D 462 61.37 -13.05 -27.03
CA LEU D 462 60.50 -11.94 -26.65
C LEU D 462 60.88 -10.65 -27.39
N GLN D 463 62.14 -10.51 -27.78
CA GLN D 463 62.59 -9.32 -28.49
C GLN D 463 62.02 -9.28 -29.90
N GLU D 464 61.86 -10.46 -30.51
CA GLU D 464 61.35 -10.59 -31.86
C GLU D 464 59.86 -10.33 -31.91
N VAL D 466 58.32 -8.32 -29.82
CA VAL D 466 58.17 -6.88 -29.63
C VAL D 466 58.49 -6.17 -30.94
N LYS D 467 59.47 -6.67 -31.65
CA LYS D 467 59.87 -6.13 -32.94
C LYS D 467 58.76 -6.26 -33.96
N GLN D 468 58.15 -7.44 -33.99
CA GLN D 468 57.10 -7.76 -34.95
C GLN D 468 55.82 -6.95 -34.74
N TYR D 469 55.39 -6.81 -33.48
CA TYR D 469 54.07 -6.25 -33.21
C TYR D 469 54.09 -4.81 -32.72
N PHE D 470 55.26 -4.22 -32.54
CA PHE D 470 55.33 -2.85 -32.03
C PHE D 470 56.15 -1.92 -32.92
N LYS D 471 57.31 -2.40 -33.36
CA LYS D 471 58.21 -1.56 -34.13
C LYS D 471 57.85 -1.56 -35.61
N ASN D 472 57.28 -2.68 -36.07
CA ASN D 472 56.94 -2.83 -37.48
C ASN D 472 55.44 -2.83 -37.76
N ASN D 473 54.63 -2.76 -36.70
CA ASN D 473 53.18 -2.74 -36.89
C ASN D 473 52.74 -1.35 -37.32
N GLN D 474 52.24 -1.24 -38.54
CA GLN D 474 51.79 0.04 -39.06
C GLN D 474 50.38 0.34 -38.56
N HIS D 475 49.78 -0.64 -37.90
CA HIS D 475 48.45 -0.45 -37.34
C HIS D 475 48.57 0.15 -35.95
N LYS D 476 49.08 1.38 -35.90
CA LYS D 476 49.27 2.08 -34.65
C LYS D 476 48.22 3.18 -34.51
N LEU D 477 47.71 3.38 -33.30
CA LEU D 477 46.75 4.44 -33.06
C LEU D 477 47.19 5.33 -31.90
N THR D 478 47.31 6.61 -32.17
CA THR D 478 47.62 7.58 -31.12
C THR D 478 46.34 8.34 -30.81
N LEU D 479 45.90 8.27 -29.56
CA LEU D 479 44.65 8.90 -29.16
C LEU D 479 44.90 9.83 -27.99
N SER D 480 44.49 11.08 -28.13
CA SER D 480 44.67 12.05 -27.06
C SER D 480 43.32 12.58 -26.63
N MET D 481 43.20 12.90 -25.35
CA MET D 481 41.94 13.37 -24.79
C MET D 481 42.18 14.61 -23.92
N ARG D 482 41.38 15.63 -24.18
CA ARG D 482 41.48 16.89 -23.45
C ARG D 482 40.11 17.24 -22.91
N PRO D 483 40.03 17.64 -21.63
CA PRO D 483 38.69 17.83 -21.07
C PRO D 483 38.04 19.14 -21.50
N ASP D 484 36.72 19.13 -21.57
CA ASP D 484 35.95 20.32 -21.89
C ASP D 484 35.09 20.67 -20.68
N ASP D 485 35.19 21.92 -20.22
CA ASP D 485 34.48 22.34 -19.02
C ASP D 485 32.98 22.38 -19.25
N LYS D 486 32.57 22.30 -20.51
CA LYS D 486 31.15 22.37 -20.84
C LYS D 486 30.68 21.07 -21.49
N TYR D 487 31.43 19.99 -21.28
CA TYR D 487 31.18 18.73 -21.99
C TYR D 487 29.75 18.21 -21.82
N HIS D 488 29.30 18.08 -20.57
CA HIS D 488 28.00 17.48 -20.32
C HIS D 488 26.81 18.40 -20.64
N GLU D 489 27.00 19.71 -20.51
CA GLU D 489 25.95 20.66 -20.88
C GLU D 489 25.86 20.77 -22.39
N LYS D 490 27.00 20.68 -23.07
CA LYS D 490 27.02 20.55 -24.51
C LYS D 490 26.18 19.35 -24.91
N GLN D 491 26.31 18.27 -24.14
CA GLN D 491 25.54 17.05 -24.37
C GLN D 491 24.07 17.26 -24.05
N ALA D 492 23.79 17.93 -22.94
CA ALA D 492 22.41 18.18 -22.52
C ALA D 492 21.66 19.06 -23.54
N GLN D 493 22.36 20.07 -24.06
CA GLN D 493 21.79 20.93 -25.10
C GLN D 493 21.36 20.11 -26.31
N VAL D 494 22.23 19.19 -26.73
CA VAL D 494 21.93 18.34 -27.87
C VAL D 494 20.72 17.48 -27.53
N GLU D 495 20.66 17.01 -26.29
CA GLU D 495 19.52 16.21 -25.84
C GLU D 495 18.24 17.02 -25.90
N ALA D 496 18.31 18.26 -25.41
CA ALA D 496 17.17 19.15 -25.43
C ALA D 496 16.79 19.46 -26.87
N THR D 497 17.79 19.48 -27.74
CA THR D 497 17.59 19.75 -29.16
C THR D 497 17.03 18.52 -29.87
N LYS D 498 17.62 17.35 -29.59
CA LYS D 498 17.10 16.11 -30.16
C LYS D 498 15.67 15.86 -29.70
N LEU D 499 15.39 16.24 -28.46
CA LEU D 499 14.08 16.07 -27.86
C LEU D 499 12.98 16.89 -28.55
N LYS D 500 13.21 18.19 -28.69
CA LYS D 500 12.23 19.09 -29.31
C LYS D 500 11.93 18.68 -30.74
N GLN D 501 12.94 18.21 -31.46
CA GLN D 501 12.76 17.73 -32.81
C GLN D 501 11.79 16.56 -32.87
N VAL D 503 9.48 15.86 -30.56
CA VAL D 503 8.19 16.31 -30.07
C VAL D 503 7.42 17.12 -31.12
N GLU D 504 8.13 17.98 -31.84
CA GLU D 504 7.52 18.78 -32.91
C GLU D 504 6.95 17.91 -34.02
N ALA D 505 7.60 16.78 -34.27
CA ALA D 505 7.21 15.89 -35.36
C ALA D 505 6.02 15.03 -34.99
N LEU D 506 5.53 15.19 -33.75
CA LEU D 506 4.44 14.37 -33.25
C LEU D 506 3.07 14.84 -33.76
N SER D 507 2.29 13.88 -34.26
CA SER D 507 0.91 14.13 -34.64
C SER D 507 0.01 13.97 -33.41
N PRO D 508 -1.21 14.53 -33.45
CA PRO D 508 -2.16 14.37 -32.35
C PRO D 508 -2.43 12.90 -32.00
N GLY D 509 -2.43 12.03 -33.01
CA GLY D 509 -2.58 10.62 -32.78
C GLY D 509 -1.36 10.05 -32.06
N ASP D 510 -0.18 10.53 -32.45
CA ASP D 510 1.06 10.08 -31.82
C ASP D 510 1.15 10.50 -30.36
N ARG D 511 0.80 11.75 -30.07
CA ARG D 511 0.91 12.28 -28.73
C ARG D 511 -0.12 11.67 -27.79
N GLN D 512 -1.27 11.31 -28.33
CA GLN D 512 -2.32 10.68 -27.53
C GLN D 512 -1.93 9.27 -27.13
N GLN D 513 -1.31 8.55 -28.07
CA GLN D 513 -0.86 7.19 -27.78
C GLN D 513 0.23 7.23 -26.72
N ILE D 514 1.05 8.28 -26.75
CA ILE D 514 2.09 8.47 -25.75
C ILE D 514 1.45 8.67 -24.38
N TYR D 515 0.36 9.42 -24.33
CA TYR D 515 -0.39 9.61 -23.09
C TYR D 515 -0.98 8.30 -22.60
N GLU D 516 -1.62 7.55 -23.49
CA GLU D 516 -2.27 6.29 -23.14
C GLU D 516 -1.28 5.19 -22.78
N GLY D 518 1.91 5.69 -21.78
CA GLY D 518 2.63 6.11 -20.58
C GLY D 518 1.79 5.84 -19.34
N LEU D 519 0.48 6.04 -19.49
CA LEU D 519 -0.45 5.83 -18.38
C LEU D 519 -0.65 4.34 -18.11
N GLU D 520 -0.58 3.53 -19.16
CA GLU D 520 -0.70 2.09 -19.02
C GLU D 520 0.55 1.48 -18.38
N LEU D 521 1.72 2.02 -18.75
CA LEU D 521 2.99 1.56 -18.18
C LEU D 521 3.03 1.87 -16.68
N ARG D 522 2.59 3.07 -16.32
CA ARG D 522 2.50 3.46 -14.92
C ARG D 522 1.56 2.53 -14.17
N SER D 523 0.49 2.13 -14.84
CA SER D 523 -0.47 1.21 -14.27
C SER D 523 0.17 -0.16 -14.03
N GLN D 524 0.86 -0.68 -15.04
CA GLN D 524 1.57 -1.94 -14.92
C GLN D 524 2.58 -1.93 -13.78
N GLN D 525 3.28 -0.81 -13.62
CA GLN D 525 4.29 -0.67 -12.58
C GLN D 525 3.67 -0.55 -11.20
N SER D 526 2.37 -0.27 -11.16
CA SER D 526 1.68 -0.01 -9.91
C SER D 526 0.83 -1.21 -9.47
N LYS D 527 0.11 -1.79 -10.43
CA LYS D 527 -0.80 -2.89 -10.15
C LYS D 527 -0.05 -4.14 -9.70
N PRO D 528 -0.32 -4.58 -8.46
CA PRO D 528 0.26 -5.80 -7.91
C PRO D 528 -0.24 -7.02 -8.69
N GLN D 529 0.68 -7.77 -9.29
CA GLN D 529 0.30 -8.88 -10.15
C GLN D 529 0.74 -10.21 -9.55
N ASP D 530 0.33 -11.30 -10.20
CA ASP D 530 0.58 -12.64 -9.68
C ASP D 530 1.89 -13.20 -10.21
N ALA D 531 2.67 -13.79 -9.32
CA ALA D 531 3.94 -14.38 -9.67
C ALA D 531 4.00 -15.84 -9.22
N SER D 532 2.84 -16.48 -9.19
CA SER D 532 2.73 -17.86 -8.71
C SER D 532 3.17 -18.86 -9.78
N LEU D 534 5.90 -18.55 -11.23
CA LEU D 534 7.34 -18.60 -11.07
C LEU D 534 7.74 -19.65 -10.03
N PRO D 535 8.85 -20.36 -10.29
CA PRO D 535 9.35 -21.30 -9.29
C PRO D 535 9.91 -20.54 -8.10
N ALA D 536 9.95 -21.17 -6.93
CA ALA D 536 10.44 -20.50 -5.74
C ALA D 536 10.90 -21.51 -4.72
N LEU D 537 11.89 -21.12 -3.93
CA LEU D 537 12.32 -21.92 -2.79
C LEU D 537 11.51 -21.50 -1.57
N LYS D 538 11.69 -22.22 -0.48
CA LYS D 538 10.95 -21.92 0.73
C LYS D 538 11.94 -21.58 1.84
N VAL D 539 11.45 -20.92 2.89
CA VAL D 539 12.28 -20.64 4.04
C VAL D 539 12.70 -21.98 4.66
N SER D 540 11.89 -23.02 4.47
CA SER D 540 12.24 -24.34 5.01
C SER D 540 13.50 -24.91 4.34
N ASP D 541 13.89 -24.34 3.21
CA ASP D 541 15.03 -24.83 2.46
C ASP D 541 16.35 -24.18 2.89
N ILE D 542 16.25 -23.25 3.85
CA ILE D 542 17.44 -22.59 4.38
C ILE D 542 17.98 -23.32 5.59
N GLU D 543 19.30 -23.53 5.61
CA GLU D 543 19.95 -24.24 6.71
C GLU D 543 19.74 -23.53 8.05
N PRO D 544 19.34 -24.30 9.09
CA PRO D 544 19.08 -23.77 10.43
C PRO D 544 20.35 -23.33 11.15
N THR D 545 21.45 -24.06 10.94
CA THR D 545 22.72 -23.73 11.57
C THR D 545 23.84 -23.60 10.54
N ILE D 546 24.87 -22.84 10.88
CA ILE D 546 26.04 -22.70 10.01
C ILE D 546 27.08 -23.75 10.37
N PRO D 547 27.89 -24.17 9.39
CA PRO D 547 28.97 -25.08 9.75
C PRO D 547 29.99 -24.36 10.63
N VAL D 548 30.31 -24.95 11.78
CA VAL D 548 31.20 -24.31 12.75
C VAL D 548 32.64 -24.22 12.22
N THR D 549 33.25 -23.05 12.41
CA THR D 549 34.62 -22.82 11.99
C THR D 549 35.57 -23.02 13.17
N GLU D 550 36.54 -23.90 12.99
CA GLU D 550 37.47 -24.25 14.06
C GLU D 550 38.69 -23.33 14.06
N LEU D 551 38.99 -22.78 15.24
CA LEU D 551 40.13 -21.87 15.36
C LEU D 551 41.01 -22.33 16.49
N ASP D 552 42.24 -21.83 16.48
CA ASP D 552 43.16 -22.07 17.57
C ASP D 552 43.91 -20.77 17.82
N VAL D 553 43.73 -20.21 19.02
CA VAL D 553 44.40 -18.96 19.35
C VAL D 553 45.57 -19.28 20.26
N VAL D 554 46.76 -18.85 19.85
CA VAL D 554 47.97 -19.12 20.61
C VAL D 554 48.65 -17.80 20.97
N LEU D 555 48.87 -17.59 22.26
CA LEU D 555 49.64 -16.44 22.70
C LEU D 555 51.06 -16.66 22.23
N THR D 556 51.63 -15.67 21.56
CA THR D 556 52.93 -15.79 20.92
C THR D 556 53.77 -14.58 21.25
N ALA D 557 55.06 -14.80 21.45
CA ALA D 557 56.00 -13.72 21.77
C ALA D 557 55.51 -12.96 22.98
N GLY D 558 55.32 -13.69 24.07
CA GLY D 558 54.89 -13.10 25.32
C GLY D 558 53.37 -13.07 25.48
N ASP D 559 52.72 -12.19 24.72
CA ASP D 559 51.28 -12.02 24.86
C ASP D 559 50.55 -11.61 23.58
N ILE D 560 51.19 -11.78 22.43
CA ILE D 560 50.53 -11.50 21.16
C ILE D 560 49.66 -12.67 20.72
N PRO D 561 48.35 -12.45 20.61
CA PRO D 561 47.44 -13.51 20.17
C PRO D 561 47.57 -13.77 18.68
N VAL D 562 47.64 -15.04 18.29
CA VAL D 562 47.69 -15.40 16.87
C VAL D 562 46.60 -16.44 16.59
N GLN D 563 45.83 -16.20 15.54
CA GLN D 563 44.71 -17.06 15.20
C GLN D 563 45.06 -18.04 14.09
N TYR D 564 44.96 -19.33 14.36
CA TYR D 564 45.29 -20.36 13.38
C TYR D 564 44.04 -21.07 12.89
N CYS D 565 43.83 -21.07 11.58
CA CYS D 565 42.67 -21.69 10.98
C CYS D 565 43.08 -22.67 9.89
N ALA D 566 42.96 -23.96 10.18
CA ALA D 566 43.32 -24.98 9.21
C ALA D 566 42.31 -25.00 8.07
N GLN D 567 42.79 -24.84 6.84
CA GLN D 567 41.93 -24.77 5.67
C GLN D 567 42.60 -25.39 4.46
N PRO D 568 41.80 -25.96 3.54
CA PRO D 568 42.33 -26.48 2.27
C PRO D 568 42.72 -25.36 1.31
N THR D 569 43.84 -24.71 1.57
CA THR D 569 44.26 -23.55 0.79
C THR D 569 45.10 -23.93 -0.44
N ASN D 570 45.34 -25.23 -0.61
CA ASN D 570 46.11 -25.75 -1.74
C ASN D 570 47.53 -25.20 -1.81
N GLY D 571 48.28 -25.37 -0.72
CA GLY D 571 49.68 -24.95 -0.69
C GLY D 571 49.87 -23.44 -0.61
N MET D 572 48.86 -22.75 -0.10
CA MET D 572 48.91 -21.31 0.04
C MET D 572 48.82 -20.91 1.51
N VAL D 573 49.57 -19.88 1.89
CA VAL D 573 49.52 -19.38 3.25
C VAL D 573 49.07 -17.93 3.23
N TYR D 574 48.08 -17.61 4.05
CA TYR D 574 47.56 -16.26 4.11
C TYR D 574 47.80 -15.69 5.50
N PHE D 575 48.56 -14.62 5.56
CA PHE D 575 48.95 -14.01 6.82
C PHE D 575 48.36 -12.62 6.97
N ARG D 576 47.77 -12.36 8.13
CA ARG D 576 47.20 -11.06 8.40
C ARG D 576 47.61 -10.58 9.79
N ALA D 577 47.75 -9.27 9.95
CA ALA D 577 48.08 -8.68 11.24
C ALA D 577 47.33 -7.37 11.43
N PHE D 578 46.86 -7.13 12.66
CA PHE D 578 46.09 -5.94 12.96
C PHE D 578 46.72 -5.19 14.13
N SER D 579 47.18 -3.98 13.87
CA SER D 579 47.79 -3.15 14.91
C SER D 579 46.95 -1.92 15.20
N SER D 580 46.63 -1.68 16.46
CA SER D 580 45.75 -0.58 16.85
C SER D 580 46.32 0.81 16.53
N LEU D 581 45.45 1.80 16.59
CA LEU D 581 45.82 3.19 16.31
C LEU D 581 45.56 4.08 17.52
N ASN D 582 45.42 3.46 18.69
CA ASN D 582 45.01 4.16 19.90
C ASN D 582 46.05 5.13 20.43
N THR D 583 47.33 4.90 20.12
CA THR D 583 48.39 5.76 20.61
C THR D 583 48.69 6.90 19.65
N LEU D 584 48.12 6.81 18.45
CA LEU D 584 48.36 7.82 17.42
C LEU D 584 47.60 9.10 17.72
N PRO D 585 48.30 10.25 17.64
CA PRO D 585 47.64 11.56 17.75
C PRO D 585 46.62 11.73 16.62
N GLU D 586 45.47 12.30 16.93
CA GLU D 586 44.37 12.38 15.96
C GLU D 586 44.72 13.28 14.78
N GLU D 587 45.70 14.15 15.00
CA GLU D 587 46.19 15.06 13.96
C GLU D 587 46.81 14.26 12.81
N LEU D 588 47.34 13.08 13.14
CA LEU D 588 48.05 12.27 12.16
C LEU D 588 47.12 11.26 11.51
N ARG D 589 45.88 11.19 11.97
CA ARG D 589 44.93 10.21 11.44
C ARG D 589 44.63 10.34 9.93
N PRO D 590 44.45 11.57 9.41
CA PRO D 590 44.16 11.62 7.97
C PRO D 590 45.27 11.14 7.05
N TYR D 591 46.49 10.97 7.59
CA TYR D 591 47.64 10.61 6.77
C TYR D 591 47.96 9.11 6.85
N VAL D 592 47.15 8.38 7.60
CA VAL D 592 47.33 6.93 7.75
C VAL D 592 47.00 6.15 6.46
N PRO D 593 45.93 6.52 5.72
CA PRO D 593 45.74 5.82 4.45
C PRO D 593 46.91 6.02 3.50
N LEU D 594 47.43 7.24 3.46
CA LEU D 594 48.60 7.56 2.65
C LEU D 594 49.78 6.70 3.10
N PHE D 595 49.98 6.64 4.41
CA PHE D 595 51.02 5.81 5.01
C PHE D 595 50.89 4.35 4.58
N CYS D 596 49.67 3.82 4.67
CA CYS D 596 49.42 2.41 4.37
C CYS D 596 49.64 2.06 2.90
N SER D 597 49.41 3.03 2.02
CA SER D 597 49.50 2.76 0.58
C SER D 597 50.94 2.79 0.06
N VAL D 598 51.86 3.33 0.85
CA VAL D 598 53.25 3.45 0.41
C VAL D 598 54.19 2.64 1.27
N LEU D 599 53.70 2.18 2.42
CA LEU D 599 54.50 1.44 3.39
C LEU D 599 55.28 0.27 2.78
N THR D 600 54.66 -0.42 1.83
CA THR D 600 55.24 -1.62 1.25
C THR D 600 55.83 -1.33 -0.13
N LEU D 602 58.13 1.72 -0.69
CA LEU D 602 59.21 2.71 -0.62
C LEU D 602 60.59 2.09 -0.40
N GLY D 603 60.64 0.79 -0.17
CA GLY D 603 61.90 0.12 0.08
C GLY D 603 62.06 -0.27 1.54
N CYS D 604 62.83 -1.32 1.79
CA CYS D 604 63.09 -1.76 3.15
C CYS D 604 64.53 -2.24 3.32
N GLY D 605 65.23 -1.68 4.30
CA GLY D 605 66.60 -2.02 4.59
C GLY D 605 67.56 -1.69 3.46
N LEU D 606 68.17 -2.71 2.88
CA LEU D 606 69.15 -2.54 1.81
C LEU D 606 68.49 -2.67 0.43
N LEU D 607 67.17 -2.78 0.44
CA LEU D 607 66.40 -2.89 -0.79
C LEU D 607 65.78 -1.55 -1.14
N ASP D 608 66.18 -0.98 -2.28
CA ASP D 608 65.48 0.19 -2.80
C ASP D 608 64.11 -0.25 -3.28
N TYR D 609 63.25 0.69 -3.66
CA TYR D 609 61.88 0.33 -4.00
C TYR D 609 61.81 -0.65 -5.19
N ARG D 610 62.80 -0.60 -6.07
CA ARG D 610 62.89 -1.53 -7.18
C ARG D 610 63.25 -2.95 -6.73
N GLU D 611 64.25 -3.07 -5.85
CA GLU D 611 64.65 -4.38 -5.34
C GLU D 611 63.55 -4.99 -4.50
N GLN D 612 62.91 -4.17 -3.67
CA GLN D 612 61.82 -4.61 -2.80
C GLN D 612 60.63 -5.11 -3.59
N ALA D 613 60.30 -4.42 -4.68
CA ALA D 613 59.16 -4.82 -5.51
C ALA D 613 59.43 -6.17 -6.18
N GLN D 614 60.67 -6.40 -6.58
CA GLN D 614 61.04 -7.66 -7.22
C GLN D 614 60.88 -8.82 -6.26
N GLN D 615 61.29 -8.62 -5.00
CA GLN D 615 61.18 -9.68 -4.01
C GLN D 615 59.71 -9.99 -3.71
N ILE D 616 58.92 -8.93 -3.58
CA ILE D 616 57.49 -9.07 -3.31
C ILE D 616 56.76 -9.75 -4.46
N GLU D 617 57.11 -9.37 -5.69
CA GLU D 617 56.46 -9.95 -6.86
C GLU D 617 56.94 -11.38 -7.11
N LEU D 618 58.15 -11.71 -6.64
CA LEU D 618 58.71 -13.03 -6.88
C LEU D 618 58.45 -13.99 -5.71
N THR D 620 55.94 -13.28 -2.96
CA THR D 620 54.57 -13.22 -2.44
C THR D 620 53.54 -13.03 -3.55
N GLY D 621 52.27 -13.03 -3.16
CA GLY D 621 51.16 -12.76 -4.07
C GLY D 621 50.66 -11.34 -3.90
N GLY D 622 51.31 -10.61 -3.00
CA GLY D 622 50.95 -9.25 -2.71
C GLY D 622 51.08 -8.93 -1.23
N MET D 623 51.55 -7.73 -0.93
CA MET D 623 51.66 -7.28 0.44
C MET D 623 51.03 -5.89 0.55
N SER D 624 50.02 -5.75 1.40
CA SER D 624 49.32 -4.49 1.51
C SER D 624 49.01 -4.12 2.94
N ALA D 625 48.80 -2.83 3.16
CA ALA D 625 48.35 -2.32 4.44
C ALA D 625 47.18 -1.39 4.18
N SER D 626 46.18 -1.44 5.06
CA SER D 626 45.00 -0.59 4.91
C SER D 626 44.41 -0.26 6.26
N PRO D 627 43.93 0.98 6.42
CA PRO D 627 43.32 1.41 7.68
C PRO D 627 41.88 0.92 7.79
N HIS D 628 41.48 0.51 8.98
CA HIS D 628 40.14 -0.04 9.17
C HIS D 628 39.47 0.52 10.42
N VAL D 629 38.16 0.75 10.33
CA VAL D 629 37.36 1.13 11.49
C VAL D 629 36.35 0.02 11.76
N LEU D 630 36.52 -0.68 12.87
CA LEU D 630 35.69 -1.84 13.16
C LEU D 630 34.73 -1.53 14.29
N PRO D 631 33.44 -1.38 13.96
CA PRO D 631 32.40 -1.02 14.92
C PRO D 631 32.13 -2.11 15.94
N ASP D 632 31.78 -1.72 17.16
CA ASP D 632 31.39 -2.68 18.19
C ASP D 632 30.04 -3.25 17.81
N ASP D 633 29.72 -4.43 18.35
CA ASP D 633 28.51 -5.13 17.98
C ASP D 633 27.34 -4.85 18.91
N SER D 634 27.59 -4.11 19.98
CA SER D 634 26.58 -3.87 21.00
C SER D 634 26.55 -2.43 21.50
N HIS D 635 27.32 -1.56 20.84
CA HIS D 635 27.37 -0.14 21.23
C HIS D 635 27.71 0.76 20.04
N MET D 636 26.78 1.65 19.70
CA MET D 636 26.93 2.52 18.54
C MET D 636 28.16 3.41 18.61
N ASP D 637 28.52 3.78 19.83
CA ASP D 637 29.58 4.75 20.03
C ASP D 637 30.85 4.10 20.55
N THR D 638 31.08 2.85 20.14
CA THR D 638 32.29 2.12 20.48
C THR D 638 32.86 1.50 19.21
N TYR D 639 34.17 1.59 19.02
CA TYR D 639 34.79 1.10 17.80
C TYR D 639 36.25 0.71 17.98
N GLU D 640 36.77 -0.06 17.03
CA GLU D 640 38.16 -0.46 17.00
C GLU D 640 38.85 0.18 15.80
N GLN D 641 39.94 0.90 16.04
CA GLN D 641 40.69 1.55 14.98
C GLN D 641 42.08 0.92 14.86
N GLY D 642 42.51 0.64 13.63
CA GLY D 642 43.81 0.03 13.42
C GLY D 642 44.17 -0.12 11.95
N VAL D 643 45.29 -0.77 11.70
CA VAL D 643 45.76 -1.00 10.34
C VAL D 643 45.87 -2.50 10.09
N LEU D 644 45.32 -2.95 8.97
CA LEU D 644 45.36 -4.37 8.62
C LEU D 644 46.45 -4.67 7.60
N PHE D 645 47.44 -5.45 8.03
CA PHE D 645 48.47 -5.95 7.13
C PHE D 645 48.04 -7.30 6.60
N SER D 646 48.11 -7.47 5.29
N SER D 646 48.10 -7.47 5.28
CA SER D 646 47.68 -8.73 4.66
CA SER D 646 47.70 -8.73 4.68
C SER D 646 48.69 -9.20 3.61
C SER D 646 48.73 -9.19 3.65
N SER D 647 48.96 -10.50 3.61
CA SER D 647 49.88 -11.07 2.63
C SER D 647 49.48 -12.50 2.32
N LEU D 648 50.02 -13.03 1.23
CA LEU D 648 49.73 -14.39 0.79
C LEU D 648 50.93 -14.90 0.02
N CYS D 649 51.24 -16.18 0.19
CA CYS D 649 52.37 -16.78 -0.50
C CYS D 649 52.23 -18.27 -0.64
N LEU D 650 53.01 -18.85 -1.54
CA LEU D 650 53.11 -20.30 -1.66
C LEU D 650 53.80 -20.85 -0.41
N ASP D 651 53.57 -22.13 -0.11
CA ASP D 651 54.14 -22.76 1.09
C ASP D 651 55.65 -22.56 1.21
N ARG D 652 56.36 -22.67 0.09
CA ARG D 652 57.82 -22.69 0.07
C ARG D 652 58.45 -21.32 0.26
N ASN D 653 57.70 -20.27 -0.03
CA ASN D 653 58.23 -18.92 0.08
C ASN D 653 57.78 -18.25 1.38
N LEU D 654 57.26 -19.05 2.31
CA LEU D 654 56.80 -18.54 3.59
C LEU D 654 57.87 -17.80 4.42
N PRO D 655 59.07 -18.38 4.58
CA PRO D 655 60.06 -17.64 5.38
C PRO D 655 60.46 -16.33 4.71
N ASP D 656 60.50 -16.32 3.38
CA ASP D 656 60.81 -15.13 2.61
C ASP D 656 59.81 -14.01 2.92
N MET D 657 58.53 -14.38 2.98
CA MET D 657 57.46 -13.43 3.21
C MET D 657 57.58 -12.74 4.57
N MET D 658 57.83 -13.51 5.62
CA MET D 658 57.91 -12.95 6.97
C MET D 658 59.18 -12.14 7.19
N GLN D 659 60.22 -12.46 6.41
CA GLN D 659 61.46 -11.71 6.47
C GLN D 659 61.24 -10.34 5.83
N LEU D 660 60.40 -10.32 4.81
CA LEU D 660 59.97 -9.09 4.18
C LEU D 660 59.15 -8.22 5.14
N TRP D 661 58.22 -8.84 5.86
CA TRP D 661 57.39 -8.09 6.81
C TRP D 661 58.23 -7.49 7.92
N SER D 662 59.25 -8.22 8.35
CA SER D 662 60.12 -7.78 9.43
C SER D 662 60.89 -6.51 9.07
N GLU D 663 61.35 -6.41 7.83
CA GLU D 663 62.13 -5.25 7.40
C GLU D 663 61.22 -4.05 7.16
N ILE D 664 59.99 -4.33 6.74
CA ILE D 664 59.00 -3.29 6.52
C ILE D 664 58.58 -2.69 7.87
N PHE D 665 58.51 -3.54 8.89
CA PHE D 665 58.17 -3.07 10.24
C PHE D 665 59.35 -2.38 10.95
N ASN D 666 60.58 -2.78 10.63
CA ASN D 666 61.74 -2.27 11.36
C ASN D 666 62.61 -1.27 10.60
N ASN D 667 62.70 -1.41 9.28
CA ASN D 667 63.49 -0.46 8.50
C ASN D 667 62.86 -0.06 7.17
N PRO D 668 61.71 0.63 7.22
CA PRO D 668 61.15 1.12 5.95
C PRO D 668 61.88 2.38 5.50
N CYS D 669 62.09 2.52 4.19
CA CYS D 669 62.86 3.66 3.68
C CYS D 669 61.96 4.86 3.42
N PHE D 670 61.75 5.67 4.45
CA PHE D 670 60.92 6.86 4.33
C PHE D 670 61.72 8.06 3.80
N GLU D 671 62.84 7.81 3.15
CA GLU D 671 63.68 8.89 2.65
C GLU D 671 63.59 8.98 1.14
N GLU D 672 63.01 7.96 0.52
CA GLU D 672 62.83 7.94 -0.92
C GLU D 672 61.69 8.87 -1.31
N GLU D 673 62.02 10.12 -1.63
CA GLU D 673 61.00 11.13 -1.87
C GLU D 673 60.53 11.15 -3.33
N GLU D 674 61.40 10.74 -4.26
CA GLU D 674 61.06 10.79 -5.67
C GLU D 674 59.98 9.78 -6.01
N HIS D 675 60.14 8.56 -5.51
CA HIS D 675 59.13 7.53 -5.75
C HIS D 675 57.88 7.82 -4.94
N PHE D 676 58.05 8.47 -3.80
CA PHE D 676 56.93 8.83 -2.93
C PHE D 676 55.99 9.79 -3.66
N LYS D 677 56.57 10.78 -4.35
CA LYS D 677 55.78 11.73 -5.11
C LYS D 677 55.05 11.03 -6.24
N VAL D 678 55.68 10.00 -6.80
CA VAL D 678 55.08 9.20 -7.85
C VAL D 678 53.86 8.43 -7.33
N LEU D 679 54.02 7.80 -6.18
CA LEU D 679 52.94 7.02 -5.57
C LEU D 679 51.76 7.89 -5.19
N VAL D 680 52.05 9.09 -4.68
CA VAL D 680 51.01 10.02 -4.24
C VAL D 680 50.19 10.54 -5.41
N MET D 682 49.78 9.20 -8.16
CA MET D 682 49.14 8.08 -8.82
C MET D 682 47.90 7.65 -8.04
N THR D 683 48.03 7.60 -6.71
CA THR D 683 46.92 7.23 -5.84
C THR D 683 45.82 8.29 -5.94
N ALA D 684 46.22 9.54 -6.00
CA ALA D 684 45.28 10.65 -6.09
C ALA D 684 44.49 10.59 -7.39
N GLN D 685 45.18 10.29 -8.49
CA GLN D 685 44.53 10.20 -9.79
C GLN D 685 43.51 9.06 -9.83
N GLU D 686 43.87 7.93 -9.23
CA GLU D 686 43.01 6.75 -9.23
C GLU D 686 41.76 7.00 -8.38
N LEU D 687 41.93 7.71 -7.27
CA LEU D 687 40.81 8.02 -6.40
C LEU D 687 39.81 8.95 -7.07
N ALA D 688 40.32 9.92 -7.83
CA ALA D 688 39.45 10.88 -8.49
C ALA D 688 38.67 10.20 -9.61
N ASN D 689 39.28 9.20 -10.23
CA ASN D 689 38.66 8.50 -11.34
C ASN D 689 37.56 7.54 -10.89
N GLY D 690 37.60 7.11 -9.63
CA GLY D 690 36.66 6.12 -9.15
C GLY D 690 35.45 6.72 -8.47
N ILE D 691 35.39 8.05 -8.41
CA ILE D 691 34.29 8.74 -7.76
C ILE D 691 32.94 8.46 -8.45
N PRO D 692 32.86 8.60 -9.79
CA PRO D 692 31.56 8.33 -10.41
C PRO D 692 31.05 6.91 -10.19
N ASP D 693 31.91 5.92 -10.38
CA ASP D 693 31.52 4.52 -10.28
C ASP D 693 31.03 4.13 -8.88
N SER D 694 31.54 4.82 -7.87
CA SER D 694 31.20 4.52 -6.48
C SER D 694 30.51 5.70 -5.80
N GLY D 695 29.83 6.51 -6.62
CA GLY D 695 29.20 7.73 -6.14
C GLY D 695 28.22 7.53 -4.99
N HIS D 696 27.50 6.41 -5.02
CA HIS D 696 26.53 6.14 -3.97
C HIS D 696 27.23 5.79 -2.66
N LEU D 697 28.45 5.26 -2.76
CA LEU D 697 29.24 4.94 -1.57
C LEU D 697 29.74 6.20 -0.89
N TYR D 698 30.32 7.11 -1.68
CA TYR D 698 30.81 8.38 -1.15
C TYR D 698 29.65 9.20 -0.58
N ALA D 699 28.45 8.99 -1.12
CA ALA D 699 27.26 9.65 -0.60
C ALA D 699 26.87 9.05 0.75
N SER D 700 26.91 7.73 0.85
CA SER D 700 26.56 7.05 2.10
C SER D 700 27.56 7.37 3.21
N ILE D 701 28.83 7.42 2.86
CA ILE D 701 29.89 7.64 3.84
C ILE D 701 29.80 9.05 4.43
N ARG D 702 29.51 10.03 3.59
CA ARG D 702 29.34 11.40 4.05
C ARG D 702 28.05 11.56 4.87
N ALA D 703 26.97 10.96 4.39
CA ALA D 703 25.68 11.07 5.07
C ALA D 703 25.72 10.48 6.48
N GLY D 704 26.53 9.46 6.68
CA GLY D 704 26.61 8.78 7.96
C GLY D 704 27.76 9.24 8.84
N ARG D 705 28.46 10.27 8.46
CA ARG D 705 29.61 10.65 9.22
C ARG D 705 29.28 11.40 10.47
N THR D 706 28.07 11.89 10.57
CA THR D 706 27.65 12.64 11.76
C THR D 706 26.76 11.83 12.70
N LEU D 707 26.67 10.51 12.48
CA LEU D 707 25.77 9.66 13.25
C LEU D 707 26.51 8.81 14.28
N THR D 708 27.73 8.40 13.94
CA THR D 708 28.53 7.52 14.79
C THR D 708 29.97 8.00 14.78
N PRO D 709 30.68 7.78 15.90
CA PRO D 709 32.12 8.06 15.95
C PRO D 709 32.88 7.36 14.82
N ALA D 710 32.51 6.12 14.55
CA ALA D 710 33.13 5.33 13.49
C ALA D 710 32.90 5.97 12.12
N GLY D 711 31.69 6.49 11.91
CA GLY D 711 31.34 7.12 10.65
C GLY D 711 32.21 8.32 10.34
N ASP D 712 32.52 9.10 11.37
CA ASP D 712 33.36 10.29 11.21
C ASP D 712 34.75 9.88 10.75
N LEU D 713 35.25 8.79 11.32
CA LEU D 713 36.59 8.31 10.98
C LEU D 713 36.63 7.69 9.59
N GLN D 714 35.53 7.04 9.19
CA GLN D 714 35.46 6.39 7.89
C GLN D 714 35.49 7.44 6.77
N GLU D 715 34.89 8.60 7.04
CA GLU D 715 34.94 9.71 6.09
C GLU D 715 36.38 10.21 5.97
N THR D 716 37.10 10.18 7.09
CA THR D 716 38.49 10.60 7.11
C THR D 716 39.37 9.63 6.32
N PHE D 717 39.08 8.34 6.44
CA PHE D 717 39.91 7.30 5.83
C PHE D 717 39.63 7.04 4.36
N SER D 718 38.36 7.13 3.96
CA SER D 718 37.98 6.76 2.60
C SER D 718 36.84 7.60 2.00
N GLY D 719 36.52 8.72 2.65
CA GLY D 719 35.47 9.58 2.17
C GLY D 719 35.98 10.55 1.11
N MET D 720 35.16 11.55 0.78
CA MET D 720 35.57 12.58 -0.17
C MET D 720 36.65 13.46 0.43
N ASP D 721 36.68 13.53 1.75
CA ASP D 721 37.71 14.26 2.48
C ASP D 721 39.09 13.65 2.17
N GLN D 722 39.12 12.33 2.08
CA GLN D 722 40.37 11.62 1.78
C GLN D 722 40.80 11.86 0.34
N VAL D 723 39.83 11.95 -0.57
CA VAL D 723 40.12 12.22 -1.98
C VAL D 723 40.71 13.61 -2.16
N ARG D 724 40.08 14.61 -1.53
CA ARG D 724 40.55 15.98 -1.60
C ARG D 724 41.93 16.13 -0.98
N LEU D 725 42.15 15.43 0.12
CA LEU D 725 43.43 15.45 0.81
C LEU D 725 44.55 14.94 -0.10
N MET D 726 44.32 13.79 -0.74
CA MET D 726 45.28 13.23 -1.68
C MET D 726 45.55 14.20 -2.82
N LYS D 727 44.50 14.87 -3.28
CA LYS D 727 44.64 15.84 -4.35
C LYS D 727 45.49 17.04 -3.96
N ARG D 728 45.32 17.57 -2.76
CA ARG D 728 46.13 18.69 -2.31
C ARG D 728 47.59 18.27 -2.21
N ILE D 729 47.82 17.08 -1.64
CA ILE D 729 49.15 16.56 -1.44
C ILE D 729 49.88 16.32 -2.76
N ALA D 730 49.13 15.84 -3.76
CA ALA D 730 49.70 15.57 -5.08
C ALA D 730 49.99 16.85 -5.85
N GLU D 731 49.49 17.97 -5.35
CA GLU D 731 49.73 19.26 -5.97
C GLU D 731 50.84 20.02 -5.25
N MET D 732 51.21 19.53 -4.07
CA MET D 732 52.26 20.17 -3.28
C MET D 732 53.60 20.10 -4.00
N THR D 733 54.29 21.23 -4.06
CA THR D 733 55.59 21.29 -4.71
C THR D 733 56.69 20.79 -3.77
N ASP D 734 56.47 21.00 -2.47
CA ASP D 734 57.40 20.51 -1.46
C ASP D 734 56.71 19.42 -0.65
N ILE D 735 57.06 18.17 -0.96
CA ILE D 735 56.40 17.01 -0.38
C ILE D 735 56.97 16.66 0.99
N LYS D 736 58.10 17.26 1.34
CA LYS D 736 58.83 16.91 2.56
C LYS D 736 58.03 17.03 3.87
N PRO D 737 57.25 18.11 4.06
CA PRO D 737 56.54 18.17 5.34
C PRO D 737 55.53 17.05 5.56
N ILE D 738 55.05 16.43 4.48
CA ILE D 738 54.15 15.28 4.57
C ILE D 738 54.95 14.02 4.84
N LEU D 739 56.11 13.91 4.20
CA LEU D 739 56.94 12.73 4.28
C LEU D 739 57.44 12.49 5.69
N ARG D 740 57.61 13.58 6.45
CA ARG D 740 58.13 13.51 7.83
C ARG D 740 57.09 13.01 8.83
N LEU D 742 55.40 10.32 8.31
CA LEU D 742 55.44 8.86 8.22
C LEU D 742 56.27 8.19 9.34
N PRO D 743 57.46 8.73 9.67
CA PRO D 743 58.18 8.11 10.80
C PRO D 743 57.41 8.20 12.11
N ARG D 744 56.64 9.27 12.26
CA ARG D 744 55.85 9.51 13.46
C ARG D 744 54.73 8.47 13.58
N ILE D 745 54.13 8.10 12.44
CA ILE D 745 53.10 7.07 12.36
C ILE D 745 53.67 5.66 12.54
N LYS D 747 56.09 4.58 14.42
CA LYS D 747 56.41 4.24 15.79
C LYS D 747 55.21 3.93 16.70
N HIS D 748 54.02 4.33 16.27
CA HIS D 748 52.80 3.98 16.98
C HIS D 748 52.18 2.72 16.40
N LEU D 749 52.47 2.45 15.14
CA LEU D 749 51.88 1.33 14.41
C LEU D 749 52.75 0.08 14.33
N LEU D 750 53.94 0.23 13.75
CA LEU D 750 54.78 -0.92 13.41
C LEU D 750 55.51 -1.46 14.63
N ASN D 751 54.74 -2.02 15.56
CA ASN D 751 55.28 -2.67 16.75
C ASN D 751 54.32 -3.75 17.23
N GLY D 752 54.63 -4.35 18.38
CA GLY D 752 53.83 -5.44 18.89
C GLY D 752 53.04 -5.06 20.14
N ASP D 753 52.84 -3.76 20.34
CA ASP D 753 52.16 -3.30 21.55
C ASP D 753 50.69 -3.67 21.51
N ASN D 754 50.00 -3.29 20.44
CA ASN D 754 48.58 -3.60 20.27
C ASN D 754 48.31 -4.37 19.00
N MET D 755 48.69 -5.65 18.98
CA MET D 755 48.63 -6.42 17.76
C MET D 755 48.00 -7.79 17.98
N ARG D 756 47.35 -8.30 16.95
CA ARG D 756 46.91 -9.68 16.90
C ARG D 756 47.03 -10.15 15.46
N CYS D 757 47.24 -11.44 15.27
CA CYS D 757 47.49 -11.98 13.94
C CYS D 757 46.59 -13.17 13.62
N SER D 758 46.50 -13.49 12.34
CA SER D 758 45.75 -14.67 11.91
C SER D 758 46.55 -15.41 10.84
N VAL D 759 46.41 -16.72 10.80
CA VAL D 759 47.08 -17.52 9.80
C VAL D 759 46.10 -18.50 9.17
N ASN D 760 46.02 -18.49 7.84
CA ASN D 760 45.23 -19.47 7.12
C ASN D 760 46.12 -20.31 6.23
N ALA D 761 46.14 -21.61 6.48
CA ALA D 761 46.99 -22.52 5.72
C ALA D 761 46.49 -23.95 5.86
N THR D 762 47.10 -24.85 5.09
CA THR D 762 46.82 -26.28 5.23
C THR D 762 47.34 -26.75 6.59
N PRO D 763 46.65 -27.74 7.19
CA PRO D 763 47.08 -28.29 8.48
C PRO D 763 48.48 -28.89 8.40
N GLN D 764 48.88 -29.30 7.19
CA GLN D 764 50.21 -29.85 6.97
C GLN D 764 51.27 -28.76 7.08
N GLN D 765 50.84 -27.51 6.89
CA GLN D 765 51.77 -26.38 6.84
C GLN D 765 51.86 -25.65 8.17
N MET D 766 50.86 -25.87 9.03
CA MET D 766 50.69 -25.13 10.28
C MET D 766 51.91 -25.06 11.22
N PRO D 767 52.59 -26.20 11.48
CA PRO D 767 53.69 -26.08 12.44
C PRO D 767 54.83 -25.19 11.93
N GLN D 768 55.04 -25.18 10.63
CA GLN D 768 56.09 -24.36 10.03
C GLN D 768 55.77 -22.87 10.09
N THR D 769 54.49 -22.54 9.93
CA THR D 769 54.07 -21.14 9.96
C THR D 769 54.13 -20.57 11.36
N GLU D 770 53.84 -21.41 12.35
CA GLU D 770 53.89 -21.02 13.74
C GLU D 770 55.26 -20.53 14.16
N ALA D 772 57.55 -19.44 12.01
CA ALA D 772 57.86 -18.29 11.17
C ALA D 772 57.20 -17.03 11.69
N VAL D 773 55.96 -17.16 12.16
CA VAL D 773 55.24 -16.03 12.74
C VAL D 773 55.89 -15.55 14.03
N GLU D 774 56.30 -16.51 14.86
CA GLU D 774 56.95 -16.20 16.13
C GLU D 774 58.27 -15.45 15.91
N ASP D 775 58.99 -15.81 14.85
CA ASP D 775 60.23 -15.13 14.51
C ASP D 775 59.96 -13.68 14.13
N PHE D 776 58.88 -13.48 13.37
CA PHE D 776 58.48 -12.16 12.97
C PHE D 776 58.09 -11.31 14.17
N LEU D 777 57.35 -11.91 15.10
CA LEU D 777 56.85 -11.18 16.27
C LEU D 777 57.98 -10.80 17.25
N ARG D 778 59.04 -11.60 17.31
CA ARG D 778 60.14 -11.33 18.22
C ARG D 778 61.11 -10.32 17.62
N SER D 779 61.03 -10.14 16.30
CA SER D 779 61.98 -9.28 15.61
C SER D 779 61.45 -7.86 15.43
N ILE D 780 60.27 -7.58 15.99
CA ILE D 780 59.72 -6.22 15.91
C ILE D 780 59.61 -5.66 17.33
N GLY D 781 59.72 -4.34 17.43
CA GLY D 781 59.86 -3.69 18.71
C GLY D 781 58.77 -3.88 19.73
N ARG D 782 59.12 -3.72 20.99
CA ARG D 782 58.16 -3.68 22.10
C ARG D 782 58.50 -2.47 22.96
N SER D 783 57.75 -2.28 24.04
CA SER D 783 57.96 -1.10 24.86
C SER D 783 58.52 -1.41 26.25
N LYS D 784 57.85 -2.31 26.96
CA LYS D 784 58.09 -2.57 28.40
C LYS D 784 57.71 -1.35 29.24
N LYS D 785 57.21 -0.33 28.55
CA LYS D 785 56.71 0.89 29.17
C LYS D 785 55.42 1.28 28.45
N GLU D 786 54.32 0.68 28.90
CA GLU D 786 53.02 0.79 28.23
C GLU D 786 52.58 2.23 27.98
N ARG D 787 52.69 2.66 26.73
CA ARG D 787 52.23 3.97 26.32
C ARG D 787 50.72 4.09 26.40
N ARG D 788 50.24 4.81 27.42
CA ARG D 788 48.81 4.97 27.65
C ARG D 788 48.10 5.58 26.43
N PRO D 789 46.86 5.16 26.17
CA PRO D 789 46.06 5.58 25.01
C PRO D 789 45.86 7.10 24.92
N VAL D 790 45.78 7.60 23.69
CA VAL D 790 45.68 9.04 23.42
C VAL D 790 44.31 9.58 23.85
N ARG D 791 43.32 8.70 23.85
CA ARG D 791 41.94 9.08 24.12
C ARG D 791 41.59 8.56 25.51
N PRO D 792 40.86 9.37 26.30
CA PRO D 792 40.63 9.06 27.71
C PRO D 792 39.68 7.91 28.02
N HIS D 793 38.88 7.45 27.07
CA HIS D 793 37.97 6.35 27.37
C HIS D 793 38.21 5.14 26.46
N THR D 794 38.93 4.17 27.01
CA THR D 794 39.20 2.91 26.31
C THR D 794 38.60 1.77 27.11
N VAL D 795 37.80 0.94 26.46
CA VAL D 795 37.14 -0.18 27.11
C VAL D 795 37.78 -1.49 26.68
N GLU D 796 37.89 -2.43 27.61
CA GLU D 796 38.38 -3.76 27.31
C GLU D 796 37.22 -4.65 26.92
N LYS D 797 37.35 -5.32 25.78
CA LYS D 797 36.28 -6.17 25.29
C LYS D 797 36.81 -7.58 25.11
N PRO D 798 36.40 -8.49 26.00
CA PRO D 798 36.82 -9.89 25.98
C PRO D 798 36.31 -10.64 24.76
N VAL D 799 37.12 -11.58 24.27
CA VAL D 799 36.83 -12.34 23.06
C VAL D 799 36.87 -13.84 23.35
N PRO D 800 35.84 -14.58 22.91
CA PRO D 800 34.66 -14.07 22.20
C PRO D 800 33.54 -13.69 23.16
N VAL D 815 42.43 -13.35 25.78
CA VAL D 815 42.42 -12.42 24.65
C VAL D 815 41.45 -11.26 24.90
N ILE D 816 41.95 -10.04 24.76
CA ILE D 816 41.17 -8.83 25.03
C ILE D 816 41.49 -7.74 24.02
N ARG D 817 40.46 -7.14 23.43
CA ARG D 817 40.63 -6.06 22.46
C ARG D 817 40.37 -4.69 23.08
N LYS D 818 41.17 -3.72 22.68
CA LYS D 818 41.11 -2.38 23.27
C LYS D 818 40.39 -1.42 22.33
N LEU D 819 39.17 -1.06 22.71
CA LEU D 819 38.32 -0.25 21.84
C LEU D 819 38.17 1.18 22.35
N VAL D 820 37.95 2.09 21.41
CA VAL D 820 37.66 3.47 21.76
C VAL D 820 36.17 3.64 22.04
N MET D 821 35.86 4.18 23.21
CA MET D 821 34.47 4.49 23.54
C MET D 821 34.34 6.00 23.69
N GLU D 822 33.38 6.58 22.99
CA GLU D 822 33.11 8.01 23.11
C GLU D 822 31.68 8.24 23.61
N PRO D 823 31.47 8.11 24.92
CA PRO D 823 30.13 8.09 25.52
C PRO D 823 29.47 9.47 25.58
N THR D 824 30.21 10.51 25.21
CA THR D 824 29.65 11.85 25.16
C THR D 824 29.31 12.24 23.72
N PHE D 825 29.29 11.25 22.83
CA PHE D 825 28.96 11.50 21.43
C PHE D 825 27.47 11.76 21.22
N LYS D 826 27.15 12.89 20.61
CA LYS D 826 25.78 13.17 20.21
C LYS D 826 25.73 13.31 18.70
N PRO D 827 24.95 12.44 18.04
CA PRO D 827 24.76 12.52 16.59
C PRO D 827 23.96 13.77 16.21
N TRP D 828 24.18 14.27 15.00
CA TRP D 828 23.52 15.50 14.57
C TRP D 828 23.24 15.42 13.07
N GLN D 829 22.11 15.97 12.67
CA GLN D 829 21.68 15.91 11.28
C GLN D 829 22.50 16.86 10.41
N MET D 830 22.85 16.41 9.21
CA MET D 830 23.59 17.23 8.26
C MET D 830 23.27 16.84 6.82
N THR D 832 24.41 17.42 2.84
CA THR D 832 25.50 17.87 1.99
C THR D 832 25.23 17.62 0.51
N HIS D 833 25.47 18.64 -0.33
CA HIS D 833 25.33 18.48 -1.77
C HIS D 833 26.66 18.76 -2.46
N PHE D 834 27.29 17.71 -2.97
CA PHE D 834 28.53 17.85 -3.72
C PHE D 834 28.24 18.26 -5.16
N LEU D 835 28.63 19.48 -5.52
CA LEU D 835 28.46 19.95 -6.89
C LEU D 835 29.44 19.21 -7.79
N MET D 836 28.93 18.21 -8.49
CA MET D 836 29.75 17.45 -9.42
C MET D 836 29.24 17.67 -10.84
N PRO D 837 30.15 17.71 -11.81
CA PRO D 837 29.76 17.88 -13.21
C PRO D 837 29.25 16.58 -13.82
N PHE D 838 28.22 16.00 -13.21
CA PHE D 838 27.68 14.72 -13.66
C PHE D 838 26.36 14.93 -14.39
N PRO D 839 26.04 14.00 -15.31
CA PRO D 839 24.73 14.01 -15.99
C PRO D 839 23.68 13.25 -15.19
N VAL D 840 24.09 12.60 -14.10
CA VAL D 840 23.21 11.85 -13.24
C VAL D 840 23.54 12.12 -11.77
N ASN D 841 22.67 11.68 -10.87
CA ASN D 841 22.88 11.95 -9.44
C ASN D 841 23.13 10.69 -8.63
N TYR D 842 23.66 10.89 -7.43
CA TYR D 842 23.90 9.80 -6.49
C TYR D 842 23.43 10.26 -5.11
N VAL D 843 22.41 9.61 -4.58
CA VAL D 843 21.78 10.06 -3.34
C VAL D 843 21.96 9.03 -2.24
N GLY D 844 22.22 9.51 -1.03
CA GLY D 844 22.32 8.64 0.12
C GLY D 844 21.68 9.26 1.34
N GLU D 845 20.86 8.46 2.02
CA GLU D 845 20.28 8.87 3.30
C GLU D 845 20.63 7.82 4.35
N CYS D 846 21.28 8.25 5.42
CA CYS D 846 21.67 7.32 6.48
C CYS D 846 20.91 7.63 7.75
N ILE D 847 20.45 6.58 8.43
CA ILE D 847 19.70 6.75 9.67
C ILE D 847 20.33 5.89 10.77
N ARG D 848 20.54 6.50 11.93
CA ARG D 848 21.16 5.82 13.06
C ARG D 848 20.17 4.97 13.82
N THR D 849 20.35 3.65 13.74
CA THR D 849 19.44 2.71 14.38
C THR D 849 20.07 2.00 15.58
N VAL D 850 20.19 0.67 15.49
CA VAL D 850 20.71 -0.14 16.59
C VAL D 850 21.75 -1.16 16.09
N PRO D 851 22.66 -1.62 16.99
CA PRO D 851 23.73 -2.53 16.56
C PRO D 851 23.32 -3.99 16.38
N TYR D 852 24.31 -4.80 16.02
CA TYR D 852 24.12 -6.20 15.63
C TYR D 852 23.42 -7.08 16.67
N THR D 853 23.82 -6.96 17.93
CA THR D 853 23.32 -7.86 18.96
C THR D 853 21.97 -7.42 19.51
N ASP D 854 21.49 -6.26 19.06
CA ASP D 854 20.16 -5.80 19.42
C ASP D 854 19.13 -6.63 18.64
N PRO D 855 18.10 -7.13 19.34
CA PRO D 855 17.06 -7.95 18.73
C PRO D 855 16.32 -7.28 17.57
N ASP D 856 16.29 -5.95 17.56
CA ASP D 856 15.62 -5.22 16.47
C ASP D 856 16.45 -5.18 15.20
N HIS D 857 17.74 -5.48 15.32
CA HIS D 857 18.64 -5.40 14.17
C HIS D 857 18.25 -6.36 13.07
N ALA D 858 17.85 -7.58 13.45
CA ALA D 858 17.41 -8.57 12.48
C ALA D 858 16.17 -8.08 11.73
N SER D 859 15.27 -7.42 12.46
CA SER D 859 14.05 -6.88 11.86
C SER D 859 14.38 -5.80 10.84
N LEU D 860 15.25 -4.87 11.23
CA LEU D 860 15.70 -3.79 10.37
C LEU D 860 16.42 -4.32 9.12
N ILE D 862 15.82 -7.28 7.60
CA ILE D 862 14.79 -7.80 6.70
C ILE D 862 14.02 -6.65 6.06
N LEU D 863 13.71 -5.64 6.86
CA LEU D 863 12.94 -4.48 6.41
C LEU D 863 13.64 -3.77 5.26
N ALA D 864 14.97 -3.68 5.33
CA ALA D 864 15.75 -3.00 4.30
C ALA D 864 15.58 -3.67 2.94
N ARG D 865 15.67 -4.99 2.90
CA ARG D 865 15.54 -5.74 1.65
C ARG D 865 14.10 -5.77 1.17
N LEU D 866 13.18 -5.91 2.13
CA LEU D 866 11.75 -5.84 1.84
C LEU D 866 11.42 -4.52 1.14
N MET D 867 11.89 -3.43 1.72
CA MET D 867 11.68 -2.10 1.14
C MET D 867 12.31 -2.01 -0.24
N THR D 868 13.47 -2.66 -0.40
CA THR D 868 14.17 -2.65 -1.68
C THR D 868 13.39 -3.42 -2.73
N ALA D 869 12.97 -4.63 -2.36
CA ALA D 869 12.31 -5.52 -3.31
C ALA D 869 10.91 -5.06 -3.71
N LYS D 870 10.14 -4.54 -2.75
CA LYS D 870 8.73 -4.30 -3.00
C LYS D 870 8.32 -2.82 -3.04
N PHE D 871 9.29 -1.92 -2.93
CA PHE D 871 8.99 -0.48 -3.01
C PHE D 871 10.03 0.34 -3.77
N LEU D 872 11.25 0.39 -3.23
CA LEU D 872 12.27 1.32 -3.72
C LEU D 872 12.70 1.04 -5.15
N HIS D 873 12.78 -0.25 -5.51
CA HIS D 873 13.15 -0.61 -6.88
C HIS D 873 12.15 -0.07 -7.90
N THR D 874 10.85 -0.22 -7.59
CA THR D 874 9.81 0.26 -8.50
C THR D 874 9.82 1.79 -8.60
N GLU D 875 9.90 2.46 -7.45
CA GLU D 875 9.85 3.91 -7.43
C GLU D 875 11.07 4.57 -8.06
N ILE D 876 12.26 4.20 -7.56
CA ILE D 876 13.49 4.86 -8.00
C ILE D 876 13.94 4.40 -9.39
N ARG D 877 13.91 3.10 -9.63
CA ARG D 877 14.41 2.57 -10.89
C ARG D 877 13.36 2.51 -12.00
N GLU D 878 12.29 1.75 -11.78
CA GLU D 878 11.31 1.49 -12.83
C GLU D 878 10.58 2.77 -13.28
N LYS D 879 9.98 3.47 -12.33
CA LYS D 879 9.28 4.72 -12.64
C LYS D 879 10.27 5.85 -12.90
N GLY D 880 11.18 6.05 -11.95
CA GLY D 880 12.15 7.13 -12.01
C GLY D 880 13.10 7.05 -13.20
N GLY D 881 13.63 5.86 -13.44
CA GLY D 881 14.57 5.66 -14.53
C GLY D 881 15.99 5.50 -14.05
N ALA D 882 16.17 5.51 -12.74
CA ALA D 882 17.49 5.34 -12.13
C ALA D 882 17.99 3.91 -12.30
N TYR D 883 19.31 3.75 -12.33
CA TYR D 883 19.91 2.44 -12.57
C TYR D 883 19.84 1.56 -11.33
N GLY D 884 19.96 2.18 -10.17
CA GLY D 884 19.91 1.44 -8.92
C GLY D 884 19.30 2.25 -7.79
N GLY D 885 18.58 1.57 -6.91
CA GLY D 885 17.95 2.19 -5.77
C GLY D 885 17.45 1.14 -4.80
N GLY D 886 17.77 1.32 -3.52
CA GLY D 886 17.37 0.37 -2.51
C GLY D 886 17.75 0.78 -1.11
N ALA D 887 17.74 -0.19 -0.20
CA ALA D 887 18.12 0.04 1.19
C ALA D 887 19.04 -1.07 1.68
N LYS D 888 19.92 -0.72 2.60
CA LYS D 888 20.83 -1.68 3.19
C LYS D 888 21.03 -1.36 4.66
N LEU D 889 21.40 -2.38 5.44
CA LEU D 889 21.70 -2.17 6.84
C LEU D 889 23.08 -2.73 7.17
N SER D 890 23.95 -1.87 7.68
CA SER D 890 25.32 -2.26 7.97
C SER D 890 25.47 -2.84 9.37
N HIS D 891 26.62 -3.45 9.61
CA HIS D 891 26.95 -4.06 10.90
C HIS D 891 26.89 -3.04 12.03
N ASN D 892 27.23 -1.80 11.71
CA ASN D 892 27.30 -0.72 12.70
C ASN D 892 25.97 -0.03 12.95
N GLY D 893 24.89 -0.63 12.46
CA GLY D 893 23.54 -0.16 12.74
C GLY D 893 23.07 1.02 11.91
N ILE D 894 23.75 1.29 10.80
CA ILE D 894 23.35 2.38 9.93
C ILE D 894 22.42 1.89 8.82
N PHE D 895 21.19 2.37 8.85
CA PHE D 895 20.19 2.06 7.82
C PHE D 895 20.36 3.05 6.68
N THR D 896 20.74 2.55 5.50
CA THR D 896 21.06 3.44 4.39
C THR D 896 20.14 3.27 3.19
N LEU D 897 19.52 4.36 2.77
CA LEU D 897 18.78 4.41 1.51
C LEU D 897 19.64 5.10 0.47
N TYR D 898 19.64 4.59 -0.75
CA TYR D 898 20.56 5.08 -1.77
C TYR D 898 19.96 5.05 -3.17
N SER D 899 20.50 5.87 -4.06
CA SER D 899 20.18 5.79 -5.48
C SER D 899 21.47 5.90 -6.27
N TYR D 900 21.53 5.18 -7.39
CA TYR D 900 22.74 5.07 -8.19
C TYR D 900 22.43 5.42 -9.64
N ARG D 901 23.11 6.44 -10.15
CA ARG D 901 22.86 6.97 -11.49
C ARG D 901 21.39 7.39 -11.63
N ASP D 902 20.98 8.29 -10.73
CA ASP D 902 19.60 8.73 -10.60
C ASP D 902 19.39 10.07 -11.32
N PRO D 903 18.42 10.13 -12.25
CA PRO D 903 18.09 11.40 -12.90
C PRO D 903 17.42 12.40 -11.97
N ASN D 904 16.93 11.91 -10.83
CA ASN D 904 16.24 12.75 -9.86
C ASN D 904 17.08 13.03 -8.61
N THR D 905 16.63 13.95 -7.78
CA THR D 905 17.26 14.20 -6.49
C THR D 905 16.17 14.37 -5.42
N ILE D 906 15.39 15.45 -5.54
CA ILE D 906 14.31 15.73 -4.60
C ILE D 906 13.28 14.62 -4.57
N GLU D 907 12.88 14.17 -5.76
CA GLU D 907 11.88 13.11 -5.89
C GLU D 907 12.39 11.80 -5.29
N THR D 908 13.71 11.61 -5.35
CA THR D 908 14.34 10.42 -4.78
C THR D 908 14.24 10.49 -3.25
N LEU D 909 14.58 11.64 -2.69
CA LEU D 909 14.49 11.84 -1.25
C LEU D 909 13.05 11.68 -0.76
N GLN D 910 12.09 12.12 -1.58
CA GLN D 910 10.68 11.98 -1.25
C GLN D 910 10.22 10.52 -1.29
N SER D 911 10.76 9.76 -2.22
CA SER D 911 10.46 8.32 -2.28
C SER D 911 11.02 7.61 -1.04
N PHE D 912 12.08 8.16 -0.46
CA PHE D 912 12.64 7.62 0.76
C PHE D 912 11.62 7.76 1.90
N GLY D 913 10.96 8.92 1.95
CA GLY D 913 9.98 9.19 2.98
C GLY D 913 8.74 8.31 2.84
N ALA D 915 8.69 5.44 1.39
CA ALA D 915 9.12 4.07 1.65
C ALA D 915 8.91 3.71 3.11
N VAL D 916 9.23 4.66 4.00
CA VAL D 916 9.07 4.47 5.43
C VAL D 916 7.58 4.44 5.83
N ASP D 917 6.80 5.32 5.22
CA ASP D 917 5.36 5.39 5.47
C ASP D 917 4.67 4.12 4.98
N TRP D 918 5.12 3.61 3.83
CA TRP D 918 4.61 2.36 3.30
C TRP D 918 4.96 1.21 4.24
N ALA D 919 6.16 1.26 4.82
CA ALA D 919 6.60 0.24 5.74
C ALA D 919 5.81 0.31 7.05
N SER D 921 2.80 1.34 7.32
CA SER D 921 1.43 0.97 7.01
C SER D 921 1.21 -0.54 7.09
N GLY D 922 2.28 -1.31 6.94
CA GLY D 922 2.21 -2.74 7.07
C GLY D 922 1.58 -3.44 5.88
N PHE D 924 2.20 -5.13 3.38
CA PHE D 924 3.00 -6.13 2.69
C PHE D 924 2.64 -7.52 3.20
N THR D 925 2.84 -8.53 2.36
CA THR D 925 2.33 -9.86 2.67
C THR D 925 3.35 -10.70 3.42
N GLN D 926 2.92 -11.86 3.91
CA GLN D 926 3.82 -12.76 4.62
C GLN D 926 4.80 -13.40 3.65
N GLN D 927 4.37 -13.53 2.40
CA GLN D 927 5.21 -14.10 1.36
C GLN D 927 6.30 -13.10 0.97
N ASP D 928 5.95 -11.81 1.03
CA ASP D 928 6.92 -10.76 0.73
C ASP D 928 8.01 -10.78 1.79
N ILE D 929 7.61 -11.14 3.01
CA ILE D 929 8.53 -11.24 4.13
C ILE D 929 9.39 -12.49 3.98
N ASP D 930 8.78 -13.59 3.56
CA ASP D 930 9.50 -14.85 3.33
C ASP D 930 10.52 -14.68 2.21
N GLU D 931 10.12 -13.94 1.17
CA GLU D 931 10.99 -13.66 0.04
C GLU D 931 12.16 -12.74 0.45
N ALA D 932 11.91 -11.87 1.42
CA ALA D 932 12.95 -10.99 1.94
C ALA D 932 13.97 -11.79 2.74
N LYS D 933 13.51 -12.76 3.53
CA LYS D 933 14.39 -13.62 4.30
C LYS D 933 15.31 -14.42 3.38
N LEU D 934 14.74 -14.98 2.32
CA LEU D 934 15.52 -15.69 1.32
C LEU D 934 16.60 -14.78 0.73
N SER D 935 16.23 -13.54 0.47
CA SER D 935 17.15 -12.57 -0.12
C SER D 935 18.32 -12.26 0.82
N VAL D 936 18.01 -12.16 2.10
CA VAL D 936 19.04 -11.86 3.10
C VAL D 936 19.99 -13.04 3.24
N PHE D 937 19.42 -14.24 3.39
CA PHE D 937 20.23 -15.42 3.57
C PHE D 937 20.95 -15.80 2.29
N SER D 938 20.47 -15.31 1.16
CA SER D 938 21.17 -15.49 -0.11
C SER D 938 22.46 -14.69 -0.09
N THR D 939 22.53 -13.71 0.81
CA THR D 939 23.70 -12.84 0.93
C THR D 939 24.65 -13.26 2.04
N VAL D 940 24.12 -13.54 3.23
CA VAL D 940 24.97 -13.88 4.36
C VAL D 940 25.49 -15.32 4.32
N ASP D 941 24.79 -16.17 3.57
CA ASP D 941 25.21 -17.56 3.41
C ASP D 941 26.01 -17.75 2.13
N ALA D 942 26.45 -16.64 1.55
CA ALA D 942 27.33 -16.70 0.38
C ALA D 942 28.61 -17.43 0.75
N PRO D 943 29.17 -18.20 -0.20
CA PRO D 943 30.35 -19.01 0.10
C PRO D 943 31.56 -18.19 0.52
N VAL D 944 32.31 -18.69 1.50
CA VAL D 944 33.53 -18.03 1.95
C VAL D 944 34.76 -18.86 1.55
N ALA D 945 35.73 -18.21 0.92
CA ALA D 945 36.95 -18.86 0.48
C ALA D 945 37.79 -19.31 1.68
N PRO D 946 38.56 -20.40 1.52
CA PRO D 946 39.43 -20.93 2.58
C PRO D 946 40.38 -19.87 3.15
N SER D 947 40.76 -18.89 2.34
CA SER D 947 41.68 -17.84 2.78
C SER D 947 41.00 -16.81 3.69
N ASP D 948 39.67 -16.77 3.66
CA ASP D 948 38.91 -15.76 4.37
C ASP D 948 38.07 -16.37 5.49
N GLY D 950 38.23 -17.44 9.03
CA GLY D 950 37.92 -16.95 10.36
C GLY D 950 37.99 -15.44 10.50
N MET D 951 37.76 -14.73 9.40
CA MET D 951 37.92 -13.28 9.38
C MET D 951 36.85 -12.54 10.17
N ASP D 952 35.64 -13.08 10.21
CA ASP D 952 34.56 -12.47 10.98
C ASP D 952 34.93 -12.48 12.45
N HIS D 953 35.53 -13.58 12.90
CA HIS D 953 35.98 -13.69 14.28
C HIS D 953 37.18 -12.80 14.52
N PHE D 954 38.10 -12.79 13.56
CA PHE D 954 39.36 -12.08 13.71
C PHE D 954 39.20 -10.56 13.66
N LEU D 955 38.23 -10.09 12.90
CA LEU D 955 38.04 -8.65 12.70
C LEU D 955 37.03 -8.05 13.66
N TYR D 956 35.84 -8.65 13.73
CA TYR D 956 34.72 -8.04 14.45
C TYR D 956 34.52 -8.69 15.81
N GLY D 957 35.17 -9.82 16.03
CA GLY D 957 35.12 -10.49 17.31
C GLY D 957 33.76 -11.09 17.62
N LEU D 958 33.05 -11.53 16.58
CA LEU D 958 31.77 -12.19 16.78
C LEU D 958 31.97 -13.70 16.61
N SER D 959 31.60 -14.45 17.64
CA SER D 959 31.76 -15.90 17.63
C SER D 959 30.70 -16.58 16.78
N ASP D 960 30.78 -17.91 16.71
CA ASP D 960 29.78 -18.69 16.01
C ASP D 960 28.45 -18.66 16.75
N GLU D 961 28.54 -18.58 18.08
CA GLU D 961 27.37 -18.47 18.94
C GLU D 961 26.57 -17.21 18.64
N MET D 962 27.28 -16.10 18.44
CA MET D 962 26.65 -14.80 18.21
C MET D 962 25.94 -14.78 16.85
N LYS D 963 26.56 -15.41 15.87
CA LYS D 963 25.99 -15.47 14.53
C LYS D 963 24.73 -16.29 14.52
N GLN D 964 24.75 -17.41 15.24
CA GLN D 964 23.61 -18.29 15.32
C GLN D 964 22.43 -17.60 15.98
N ALA D 965 22.72 -16.84 17.04
CA ALA D 965 21.69 -16.09 17.74
C ALA D 965 21.02 -15.09 16.80
N HIS D 966 21.84 -14.42 15.99
CA HIS D 966 21.33 -13.41 15.05
C HIS D 966 20.59 -14.11 13.92
N ARG D 967 21.00 -15.34 13.64
CA ARG D 967 20.40 -16.14 12.58
C ARG D 967 19.00 -16.64 12.97
N GLU D 968 18.84 -16.95 14.24
CA GLU D 968 17.55 -17.43 14.76
C GLU D 968 16.60 -16.25 14.94
N GLN D 969 17.17 -15.06 15.04
CA GLN D 969 16.38 -13.82 15.09
C GLN D 969 15.85 -13.47 13.70
N LEU D 970 16.66 -13.71 12.68
CA LEU D 970 16.24 -13.50 11.30
C LEU D 970 15.09 -14.44 10.94
N PHE D 971 15.05 -15.60 11.58
CA PHE D 971 13.99 -16.57 11.38
C PHE D 971 12.71 -16.13 12.07
N ALA D 972 12.87 -15.53 13.25
CA ALA D 972 11.74 -15.19 14.10
C ALA D 972 11.12 -13.86 13.70
N VAL D 973 11.70 -13.20 12.70
CA VAL D 973 11.19 -11.91 12.24
C VAL D 973 9.79 -12.08 11.68
N SER D 974 8.85 -11.33 12.23
CA SER D 974 7.45 -11.45 11.86
C SER D 974 6.88 -10.13 11.34
N HIS D 975 5.65 -10.16 10.86
CA HIS D 975 5.02 -8.99 10.27
C HIS D 975 4.86 -7.86 11.28
N ASP D 976 4.59 -8.21 12.53
CA ASP D 976 4.41 -7.21 13.58
C ASP D 976 5.72 -6.57 14.01
N LYS D 977 6.82 -7.34 13.95
CA LYS D 977 8.13 -6.80 14.30
C LYS D 977 8.61 -5.81 13.24
N LEU D 978 8.16 -6.01 12.01
CA LEU D 978 8.57 -5.14 10.92
C LEU D 978 7.93 -3.76 10.97
N LEU D 979 6.65 -3.69 11.34
CA LEU D 979 5.98 -2.41 11.44
C LEU D 979 6.45 -1.68 12.68
N ALA D 980 6.70 -2.44 13.76
CA ALA D 980 7.13 -1.86 15.02
C ALA D 980 8.48 -1.15 14.91
N VAL D 981 9.47 -1.81 14.31
CA VAL D 981 10.81 -1.25 14.23
C VAL D 981 10.84 -0.16 13.16
N SER D 982 9.91 -0.25 12.22
CA SER D 982 9.83 0.74 11.16
C SER D 982 9.34 2.07 11.72
N ASP D 983 8.45 2.00 12.70
CA ASP D 983 7.92 3.18 13.37
C ASP D 983 8.88 3.69 14.44
N ARG D 984 9.65 2.78 15.01
CA ARG D 984 10.51 3.11 16.14
C ARG D 984 11.80 3.83 15.73
N TYR D 985 12.29 3.56 14.53
CA TYR D 985 13.59 4.06 14.12
C TYR D 985 13.56 4.89 12.84
N LEU D 986 12.77 4.45 11.86
CA LEU D 986 12.78 5.08 10.54
C LEU D 986 11.81 6.25 10.46
N GLY D 987 10.88 6.33 11.40
CA GLY D 987 9.91 7.41 11.42
C GLY D 987 10.57 8.76 11.57
N THR D 988 9.89 9.82 11.14
CA THR D 988 10.44 11.17 11.20
C THR D 988 10.52 11.66 12.63
N GLY D 989 11.72 12.09 13.03
CA GLY D 989 11.95 12.61 14.38
C GLY D 989 12.29 11.56 15.41
N LYS D 990 12.29 10.29 15.03
CA LYS D 990 12.62 9.22 15.97
C LYS D 990 14.11 8.91 16.00
N SER D 991 14.80 9.17 14.89
CA SER D 991 16.23 8.95 14.84
C SER D 991 16.94 10.06 14.08
N THR D 992 18.26 10.08 14.15
CA THR D 992 19.04 11.12 13.49
C THR D 992 19.34 10.70 12.07
N HIS D 993 19.09 11.61 11.13
CA HIS D 993 19.29 11.33 9.72
C HIS D 993 20.51 12.06 9.18
N GLY D 994 21.02 11.59 8.04
CA GLY D 994 22.12 12.24 7.36
C GLY D 994 21.84 12.18 5.86
N LEU D 995 22.12 13.27 5.16
CA LEU D 995 21.80 13.35 3.74
C LEU D 995 23.00 13.80 2.93
N ALA D 996 23.16 13.19 1.75
CA ALA D 996 24.25 13.56 0.86
C ALA D 996 23.88 13.32 -0.59
N ILE D 997 24.38 14.19 -1.46
CA ILE D 997 24.14 14.09 -2.90
C ILE D 997 25.39 14.44 -3.69
N LEU D 998 25.80 13.56 -4.58
CA LEU D 998 26.78 13.90 -5.60
C LEU D 998 26.05 14.12 -6.91
N GLY D 999 26.18 15.31 -7.48
CA GLY D 999 25.50 15.62 -8.72
C GLY D 999 25.48 17.09 -9.06
N PRO D 1000 24.94 17.44 -10.24
CA PRO D 1000 24.88 18.81 -10.72
C PRO D 1000 24.03 19.71 -9.83
N GLU D 1001 24.03 21.00 -10.13
CA GLU D 1001 23.36 21.99 -9.29
C GLU D 1001 21.85 21.78 -9.28
N ASN D 1002 21.25 21.98 -8.12
CA ASN D 1002 19.79 21.90 -7.98
C ASN D 1002 19.26 23.18 -7.36
N PRO D 1003 18.55 23.98 -8.15
CA PRO D 1003 17.98 25.26 -7.72
C PRO D 1003 17.20 25.18 -6.40
N LYS D 1004 16.42 24.11 -6.21
CA LYS D 1004 15.71 23.95 -4.95
C LYS D 1004 16.67 23.74 -3.77
N ILE D 1005 17.70 22.94 -3.99
CA ILE D 1005 18.68 22.66 -2.93
C ILE D 1005 19.51 23.90 -2.60
N ALA D 1006 19.87 24.67 -3.63
CA ALA D 1006 20.73 25.84 -3.44
C ALA D 1006 20.07 26.92 -2.59
N LYS D 1007 18.75 26.99 -2.62
CA LYS D 1007 18.03 28.00 -1.85
C LYS D 1007 17.54 27.46 -0.50
N ASP D 1008 17.88 26.21 -0.20
CA ASP D 1008 17.57 25.63 1.10
C ASP D 1008 18.78 25.77 2.01
N PRO D 1009 18.65 26.59 3.06
CA PRO D 1009 19.73 26.92 4.00
C PRO D 1009 20.15 25.73 4.87
N SER D 1010 19.33 24.69 4.93
CA SER D 1010 19.64 23.52 5.73
C SER D 1010 20.54 22.57 4.95
N TRP D 1011 20.95 22.99 3.75
CA TRP D 1011 21.85 22.21 2.91
C TRP D 1011 23.21 22.90 2.82
N ILE D 1012 24.27 22.10 2.85
CA ILE D 1012 25.62 22.60 2.70
C ILE D 1012 26.09 22.22 1.30
N ILE D 1013 26.62 23.20 0.57
CA ILE D 1013 27.05 22.97 -0.80
C ILE D 1013 28.57 22.83 -0.90
N ARG D 1014 29.03 21.75 -1.51
CA ARG D 1014 30.45 21.47 -1.66
C ARG D 1014 30.81 21.23 -3.12
N VAL E 18 20.70 -8.23 -10.08
CA VAL E 18 21.09 -7.31 -9.05
C VAL E 18 21.05 -5.95 -9.71
N PHE E 19 21.54 -5.93 -10.94
CA PHE E 19 21.27 -4.88 -11.91
C PHE E 19 21.89 -5.41 -13.17
N PHE E 20 21.48 -4.97 -14.36
CA PHE E 20 22.08 -5.56 -15.55
C PHE E 20 22.86 -4.64 -16.54
N ALA E 21 24.16 -4.91 -16.78
CA ALA E 21 25.11 -3.92 -17.37
C ALA E 21 25.97 -4.24 -18.63
N GLU E 22 26.67 -3.21 -19.15
CA GLU E 22 27.59 -3.36 -20.26
C GLU E 22 29.00 -3.61 -19.74
N UNK F 1 39.20 -12.12 -21.96
CA UNK F 1 38.21 -13.19 -21.88
C UNK F 1 38.71 -14.53 -22.44
#